data_1R1M
# 
_entry.id   1R1M 
# 
_audit_conform.dict_name       mmcif_pdbx.dic 
_audit_conform.dict_version    5.399 
_audit_conform.dict_location   http://mmcif.pdb.org/dictionaries/ascii/mmcif_pdbx.dic 
# 
loop_
_database_2.database_id 
_database_2.database_code 
_database_2.pdbx_database_accession 
_database_2.pdbx_DOI 
PDB   1R1M         pdb_00001r1m 10.2210/pdb1r1m/pdb 
RCSB  RCSB020327   ?            ?                   
WWPDB D_1000020327 ?            ?                   
# 
loop_
_pdbx_audit_revision_history.ordinal 
_pdbx_audit_revision_history.data_content_type 
_pdbx_audit_revision_history.major_revision 
_pdbx_audit_revision_history.minor_revision 
_pdbx_audit_revision_history.revision_date 
1 'Structure model' 1 0 2004-05-11 
2 'Structure model' 1 1 2008-04-29 
3 'Structure model' 1 2 2011-07-13 
4 'Structure model' 1 3 2024-11-20 
# 
_pdbx_audit_revision_details.ordinal             1 
_pdbx_audit_revision_details.revision_ordinal    1 
_pdbx_audit_revision_details.data_content_type   'Structure model' 
_pdbx_audit_revision_details.provider            repository 
_pdbx_audit_revision_details.type                'Initial release' 
_pdbx_audit_revision_details.description         ? 
_pdbx_audit_revision_details.details             ? 
# 
loop_
_pdbx_audit_revision_group.ordinal 
_pdbx_audit_revision_group.revision_ordinal 
_pdbx_audit_revision_group.data_content_type 
_pdbx_audit_revision_group.group 
1 2 'Structure model' 'Version format compliance' 
2 3 'Structure model' 'Version format compliance' 
3 4 'Structure model' 'Data collection'           
4 4 'Structure model' 'Database references'       
5 4 'Structure model' 'Derived calculations'      
6 4 'Structure model' 'Structure summary'         
# 
loop_
_pdbx_audit_revision_category.ordinal 
_pdbx_audit_revision_category.revision_ordinal 
_pdbx_audit_revision_category.data_content_type 
_pdbx_audit_revision_category.category 
1 4 'Structure model' chem_comp_atom            
2 4 'Structure model' chem_comp_bond            
3 4 'Structure model' database_2                
4 4 'Structure model' pdbx_entry_details        
5 4 'Structure model' pdbx_modification_feature 
6 4 'Structure model' struct_ref_seq_dif        
7 4 'Structure model' struct_site               
# 
loop_
_pdbx_audit_revision_item.ordinal 
_pdbx_audit_revision_item.revision_ordinal 
_pdbx_audit_revision_item.data_content_type 
_pdbx_audit_revision_item.item 
1 4 'Structure model' '_database_2.pdbx_DOI'                
2 4 'Structure model' '_database_2.pdbx_database_accession' 
3 4 'Structure model' '_struct_ref_seq_dif.details'         
4 4 'Structure model' '_struct_site.pdbx_auth_asym_id'      
5 4 'Structure model' '_struct_site.pdbx_auth_comp_id'      
6 4 'Structure model' '_struct_site.pdbx_auth_seq_id'       
# 
_pdbx_database_status.status_code                     REL 
_pdbx_database_status.entry_id                        1R1M 
_pdbx_database_status.recvd_initial_deposition_date   2003-09-24 
_pdbx_database_status.deposit_site                    RCSB 
_pdbx_database_status.process_site                    RCSB 
_pdbx_database_status.status_code_sf                  REL 
_pdbx_database_status.SG_entry                        . 
_pdbx_database_status.pdb_format_compatible           Y 
_pdbx_database_status.status_code_mr                  ? 
_pdbx_database_status.status_code_cs                  ? 
_pdbx_database_status.status_code_nmr_data            ? 
_pdbx_database_status.methods_development_category    ? 
# 
loop_
_audit_author.name 
_audit_author.pdbx_ordinal 
'Grizot, S.'     1 
'Buchanan, S.K.' 2 
# 
_citation.id                        primary 
_citation.title                     'Structure of the OmpA-like domain of RmpM from Neisseria meningitidis' 
_citation.journal_abbrev            Mol.Microbiol. 
_citation.journal_volume            51 
_citation.page_first                1027 
_citation.page_last                 1037 
_citation.year                      2004 
_citation.journal_id_ASTM           MOMIEE 
_citation.country                   UK 
_citation.journal_id_ISSN           0950-382X 
_citation.journal_id_CSD            2007 
_citation.book_publisher            ? 
_citation.pdbx_database_id_PubMed   14763978 
_citation.pdbx_database_id_DOI      10.1111/j.1365-2958.2003.03903.x 
# 
loop_
_citation_author.citation_id 
_citation_author.name 
_citation_author.ordinal 
_citation_author.identifier_ORCID 
primary 'Grizot, S.'     1 ? 
primary 'Buchanan, S.K.' 2 ? 
# 
loop_
_entity.id 
_entity.type 
_entity.src_method 
_entity.pdbx_description 
_entity.formula_weight 
_entity.pdbx_number_of_molecules 
_entity.pdbx_ec 
_entity.pdbx_mutation 
_entity.pdbx_fragment 
_entity.details 
1 polymer     man 'Outer membrane protein class 4'         18333.705 1   ? ? 'C-TERMINAL DOMAIN' ? 
2 non-polymer syn 2-AMINO-2-HYDROXYMETHYL-PROPANE-1,3-DIOL 122.143   1   ? ? ?                   ? 
3 water       nat water                                    18.015    114 ? ? ?                   ? 
# 
_entity_poly.entity_id                      1 
_entity_poly.type                           'polypeptide(L)' 
_entity_poly.nstd_linkage                   no 
_entity_poly.nstd_monomer                   no 
_entity_poly.pdbx_seq_one_letter_code       
;EQAPQYVDETISLSAKTLFGFDKDSLRAEAQDNLKVLAQRLSRTNIQSVRVEGHTDFMGSDKYNQALSERRAYVVANNLV
SNGVPVSRISAVGLGESQAQMTQVCEAEVAKLGAKVSKAKKREALIACIEPDRRVDVKIRSIVTRQVVPAHNHHQHLEHH
HHHH
;
_entity_poly.pdbx_seq_one_letter_code_can   
;EQAPQYVDETISLSAKTLFGFDKDSLRAEAQDNLKVLAQRLSRTNIQSVRVEGHTDFMGSDKYNQALSERRAYVVANNLV
SNGVPVSRISAVGLGESQAQMTQVCEAEVAKLGAKVSKAKKREALIACIEPDRRVDVKIRSIVTRQVVPAHNHHQHLEHH
HHHH
;
_entity_poly.pdbx_strand_id                 A 
_entity_poly.pdbx_target_identifier         ? 
# 
loop_
_pdbx_entity_nonpoly.entity_id 
_pdbx_entity_nonpoly.name 
_pdbx_entity_nonpoly.comp_id 
2 2-AMINO-2-HYDROXYMETHYL-PROPANE-1,3-DIOL TRS 
3 water                                    HOH 
# 
loop_
_entity_poly_seq.entity_id 
_entity_poly_seq.num 
_entity_poly_seq.mon_id 
_entity_poly_seq.hetero 
1 1   GLU n 
1 2   GLN n 
1 3   ALA n 
1 4   PRO n 
1 5   GLN n 
1 6   TYR n 
1 7   VAL n 
1 8   ASP n 
1 9   GLU n 
1 10  THR n 
1 11  ILE n 
1 12  SER n 
1 13  LEU n 
1 14  SER n 
1 15  ALA n 
1 16  LYS n 
1 17  THR n 
1 18  LEU n 
1 19  PHE n 
1 20  GLY n 
1 21  PHE n 
1 22  ASP n 
1 23  LYS n 
1 24  ASP n 
1 25  SER n 
1 26  LEU n 
1 27  ARG n 
1 28  ALA n 
1 29  GLU n 
1 30  ALA n 
1 31  GLN n 
1 32  ASP n 
1 33  ASN n 
1 34  LEU n 
1 35  LYS n 
1 36  VAL n 
1 37  LEU n 
1 38  ALA n 
1 39  GLN n 
1 40  ARG n 
1 41  LEU n 
1 42  SER n 
1 43  ARG n 
1 44  THR n 
1 45  ASN n 
1 46  ILE n 
1 47  GLN n 
1 48  SER n 
1 49  VAL n 
1 50  ARG n 
1 51  VAL n 
1 52  GLU n 
1 53  GLY n 
1 54  HIS n 
1 55  THR n 
1 56  ASP n 
1 57  PHE n 
1 58  MET n 
1 59  GLY n 
1 60  SER n 
1 61  ASP n 
1 62  LYS n 
1 63  TYR n 
1 64  ASN n 
1 65  GLN n 
1 66  ALA n 
1 67  LEU n 
1 68  SER n 
1 69  GLU n 
1 70  ARG n 
1 71  ARG n 
1 72  ALA n 
1 73  TYR n 
1 74  VAL n 
1 75  VAL n 
1 76  ALA n 
1 77  ASN n 
1 78  ASN n 
1 79  LEU n 
1 80  VAL n 
1 81  SER n 
1 82  ASN n 
1 83  GLY n 
1 84  VAL n 
1 85  PRO n 
1 86  VAL n 
1 87  SER n 
1 88  ARG n 
1 89  ILE n 
1 90  SER n 
1 91  ALA n 
1 92  VAL n 
1 93  GLY n 
1 94  LEU n 
1 95  GLY n 
1 96  GLU n 
1 97  SER n 
1 98  GLN n 
1 99  ALA n 
1 100 GLN n 
1 101 MET n 
1 102 THR n 
1 103 GLN n 
1 104 VAL n 
1 105 CYS n 
1 106 GLU n 
1 107 ALA n 
1 108 GLU n 
1 109 VAL n 
1 110 ALA n 
1 111 LYS n 
1 112 LEU n 
1 113 GLY n 
1 114 ALA n 
1 115 LYS n 
1 116 VAL n 
1 117 SER n 
1 118 LYS n 
1 119 ALA n 
1 120 LYS n 
1 121 LYS n 
1 122 ARG n 
1 123 GLU n 
1 124 ALA n 
1 125 LEU n 
1 126 ILE n 
1 127 ALA n 
1 128 CYS n 
1 129 ILE n 
1 130 GLU n 
1 131 PRO n 
1 132 ASP n 
1 133 ARG n 
1 134 ARG n 
1 135 VAL n 
1 136 ASP n 
1 137 VAL n 
1 138 LYS n 
1 139 ILE n 
1 140 ARG n 
1 141 SER n 
1 142 ILE n 
1 143 VAL n 
1 144 THR n 
1 145 ARG n 
1 146 GLN n 
1 147 VAL n 
1 148 VAL n 
1 149 PRO n 
1 150 ALA n 
1 151 HIS n 
1 152 ASN n 
1 153 HIS n 
1 154 HIS n 
1 155 GLN n 
1 156 HIS n 
1 157 LEU n 
1 158 GLU n 
1 159 HIS n 
1 160 HIS n 
1 161 HIS n 
1 162 HIS n 
1 163 HIS n 
1 164 HIS n 
# 
_entity_src_gen.entity_id                          1 
_entity_src_gen.pdbx_src_id                        1 
_entity_src_gen.pdbx_alt_source_flag               sample 
_entity_src_gen.pdbx_seq_type                      ? 
_entity_src_gen.pdbx_beg_seq_num                   ? 
_entity_src_gen.pdbx_end_seq_num                   ? 
_entity_src_gen.gene_src_common_name               ? 
_entity_src_gen.gene_src_genus                     Neisseria 
_entity_src_gen.pdbx_gene_src_gene                 RMPM 
_entity_src_gen.gene_src_species                   ? 
_entity_src_gen.gene_src_strain                    ? 
_entity_src_gen.gene_src_tissue                    ? 
_entity_src_gen.gene_src_tissue_fraction           ? 
_entity_src_gen.gene_src_details                   ? 
_entity_src_gen.pdbx_gene_src_fragment             ? 
_entity_src_gen.pdbx_gene_src_scientific_name      'Neisseria meningitidis' 
_entity_src_gen.pdbx_gene_src_ncbi_taxonomy_id     487 
_entity_src_gen.pdbx_gene_src_variant              ? 
_entity_src_gen.pdbx_gene_src_cell_line            ? 
_entity_src_gen.pdbx_gene_src_atcc                 ? 
_entity_src_gen.pdbx_gene_src_organ                ? 
_entity_src_gen.pdbx_gene_src_organelle            ? 
_entity_src_gen.pdbx_gene_src_cell                 ? 
_entity_src_gen.pdbx_gene_src_cellular_location    ? 
_entity_src_gen.host_org_common_name               ? 
_entity_src_gen.pdbx_host_org_scientific_name      'Escherichia coli' 
_entity_src_gen.pdbx_host_org_ncbi_taxonomy_id     562 
_entity_src_gen.host_org_genus                     Escherichia 
_entity_src_gen.pdbx_host_org_gene                 ? 
_entity_src_gen.pdbx_host_org_organ                ? 
_entity_src_gen.host_org_species                   ? 
_entity_src_gen.pdbx_host_org_tissue               ? 
_entity_src_gen.pdbx_host_org_tissue_fraction      ? 
_entity_src_gen.pdbx_host_org_strain               'Origami(DE3)' 
_entity_src_gen.pdbx_host_org_variant              ? 
_entity_src_gen.pdbx_host_org_cell_line            ? 
_entity_src_gen.pdbx_host_org_atcc                 ? 
_entity_src_gen.pdbx_host_org_culture_collection   ? 
_entity_src_gen.pdbx_host_org_cell                 ? 
_entity_src_gen.pdbx_host_org_organelle            ? 
_entity_src_gen.pdbx_host_org_cellular_location    ? 
_entity_src_gen.pdbx_host_org_vector_type          PLASMID 
_entity_src_gen.pdbx_host_org_vector               ? 
_entity_src_gen.host_org_details                   ? 
_entity_src_gen.expression_system_id               ? 
_entity_src_gen.plasmid_name                       pET-20b 
_entity_src_gen.plasmid_details                    ? 
_entity_src_gen.pdbx_description                   ? 
# 
loop_
_chem_comp.id 
_chem_comp.type 
_chem_comp.mon_nstd_flag 
_chem_comp.name 
_chem_comp.pdbx_synonyms 
_chem_comp.formula 
_chem_comp.formula_weight 
ALA 'L-peptide linking' y ALANINE                                  ?             'C3 H7 N O2'     89.093  
ARG 'L-peptide linking' y ARGININE                                 ?             'C6 H15 N4 O2 1' 175.209 
ASN 'L-peptide linking' y ASPARAGINE                               ?             'C4 H8 N2 O3'    132.118 
ASP 'L-peptide linking' y 'ASPARTIC ACID'                          ?             'C4 H7 N O4'     133.103 
CYS 'L-peptide linking' y CYSTEINE                                 ?             'C3 H7 N O2 S'   121.158 
GLN 'L-peptide linking' y GLUTAMINE                                ?             'C5 H10 N2 O3'   146.144 
GLU 'L-peptide linking' y 'GLUTAMIC ACID'                          ?             'C5 H9 N O4'     147.129 
GLY 'peptide linking'   y GLYCINE                                  ?             'C2 H5 N O2'     75.067  
HIS 'L-peptide linking' y HISTIDINE                                ?             'C6 H10 N3 O2 1' 156.162 
HOH non-polymer         . WATER                                    ?             'H2 O'           18.015  
ILE 'L-peptide linking' y ISOLEUCINE                               ?             'C6 H13 N O2'    131.173 
LEU 'L-peptide linking' y LEUCINE                                  ?             'C6 H13 N O2'    131.173 
LYS 'L-peptide linking' y LYSINE                                   ?             'C6 H15 N2 O2 1' 147.195 
MET 'L-peptide linking' y METHIONINE                               ?             'C5 H11 N O2 S'  149.211 
PHE 'L-peptide linking' y PHENYLALANINE                            ?             'C9 H11 N O2'    165.189 
PRO 'L-peptide linking' y PROLINE                                  ?             'C5 H9 N O2'     115.130 
SER 'L-peptide linking' y SERINE                                   ?             'C3 H7 N O3'     105.093 
THR 'L-peptide linking' y THREONINE                                ?             'C4 H9 N O3'     119.119 
TRS non-polymer         . 2-AMINO-2-HYDROXYMETHYL-PROPANE-1,3-DIOL 'TRIS BUFFER' 'C4 H12 N O3 1'  122.143 
TYR 'L-peptide linking' y TYROSINE                                 ?             'C9 H11 N O3'    181.189 
VAL 'L-peptide linking' y VALINE                                   ?             'C5 H11 N O2'    117.146 
# 
loop_
_pdbx_poly_seq_scheme.asym_id 
_pdbx_poly_seq_scheme.entity_id 
_pdbx_poly_seq_scheme.seq_id 
_pdbx_poly_seq_scheme.mon_id 
_pdbx_poly_seq_scheme.ndb_seq_num 
_pdbx_poly_seq_scheme.pdb_seq_num 
_pdbx_poly_seq_scheme.auth_seq_num 
_pdbx_poly_seq_scheme.pdb_mon_id 
_pdbx_poly_seq_scheme.auth_mon_id 
_pdbx_poly_seq_scheme.pdb_strand_id 
_pdbx_poly_seq_scheme.pdb_ins_code 
_pdbx_poly_seq_scheme.hetero 
A 1 1   GLU 1   65  ?   ?   ?   A . n 
A 1 2   GLN 2   66  ?   ?   ?   A . n 
A 1 3   ALA 3   67  ?   ?   ?   A . n 
A 1 4   PRO 4   68  68  PRO PRO A . n 
A 1 5   GLN 5   69  69  GLN GLN A . n 
A 1 6   TYR 6   70  70  TYR TYR A . n 
A 1 7   VAL 7   71  71  VAL VAL A . n 
A 1 8   ASP 8   72  72  ASP ASP A . n 
A 1 9   GLU 9   73  73  GLU GLU A . n 
A 1 10  THR 10  74  74  THR THR A . n 
A 1 11  ILE 11  75  75  ILE ILE A . n 
A 1 12  SER 12  76  76  SER SER A . n 
A 1 13  LEU 13  77  77  LEU LEU A . n 
A 1 14  SER 14  78  78  SER SER A . n 
A 1 15  ALA 15  79  79  ALA ALA A . n 
A 1 16  LYS 16  80  80  LYS LYS A . n 
A 1 17  THR 17  81  81  THR THR A . n 
A 1 18  LEU 18  82  82  LEU LEU A . n 
A 1 19  PHE 19  83  83  PHE PHE A . n 
A 1 20  GLY 20  84  84  GLY GLY A . n 
A 1 21  PHE 21  85  85  PHE PHE A . n 
A 1 22  ASP 22  86  86  ASP ASP A . n 
A 1 23  LYS 23  87  87  LYS LYS A . n 
A 1 24  ASP 24  88  88  ASP ASP A . n 
A 1 25  SER 25  89  89  SER SER A . n 
A 1 26  LEU 26  90  90  LEU LEU A . n 
A 1 27  ARG 27  91  91  ARG ARG A . n 
A 1 28  ALA 28  92  92  ALA ALA A . n 
A 1 29  GLU 29  93  93  GLU GLU A . n 
A 1 30  ALA 30  94  94  ALA ALA A . n 
A 1 31  GLN 31  95  95  GLN GLN A . n 
A 1 32  ASP 32  96  96  ASP ASP A . n 
A 1 33  ASN 33  97  97  ASN ASN A . n 
A 1 34  LEU 34  98  98  LEU LEU A . n 
A 1 35  LYS 35  99  99  LYS LYS A . n 
A 1 36  VAL 36  100 100 VAL VAL A . n 
A 1 37  LEU 37  101 101 LEU LEU A . n 
A 1 38  ALA 38  102 102 ALA ALA A . n 
A 1 39  GLN 39  103 103 GLN GLN A . n 
A 1 40  ARG 40  104 104 ARG ARG A . n 
A 1 41  LEU 41  105 105 LEU LEU A . n 
A 1 42  SER 42  106 106 SER SER A . n 
A 1 43  ARG 43  107 107 ARG ARG A . n 
A 1 44  THR 44  108 108 THR THR A . n 
A 1 45  ASN 45  109 109 ASN ASN A . n 
A 1 46  ILE 46  110 110 ILE ILE A . n 
A 1 47  GLN 47  111 111 GLN GLN A . n 
A 1 48  SER 48  112 112 SER SER A . n 
A 1 49  VAL 49  113 113 VAL VAL A . n 
A 1 50  ARG 50  114 114 ARG ARG A . n 
A 1 51  VAL 51  115 115 VAL VAL A . n 
A 1 52  GLU 52  116 116 GLU GLU A . n 
A 1 53  GLY 53  117 117 GLY GLY A . n 
A 1 54  HIS 54  118 118 HIS HIS A . n 
A 1 55  THR 55  119 119 THR THR A . n 
A 1 56  ASP 56  120 120 ASP ASP A . n 
A 1 57  PHE 57  121 121 PHE PHE A . n 
A 1 58  MET 58  122 122 MET MET A . n 
A 1 59  GLY 59  123 123 GLY GLY A . n 
A 1 60  SER 60  124 124 SER SER A . n 
A 1 61  ASP 61  125 125 ASP ASP A . n 
A 1 62  LYS 62  126 126 LYS LYS A . n 
A 1 63  TYR 63  127 127 TYR TYR A . n 
A 1 64  ASN 64  128 128 ASN ASN A . n 
A 1 65  GLN 65  129 129 GLN GLN A . n 
A 1 66  ALA 66  130 130 ALA ALA A . n 
A 1 67  LEU 67  131 131 LEU LEU A . n 
A 1 68  SER 68  132 132 SER SER A . n 
A 1 69  GLU 69  133 133 GLU GLU A . n 
A 1 70  ARG 70  134 134 ARG ARG A . n 
A 1 71  ARG 71  135 135 ARG ARG A . n 
A 1 72  ALA 72  136 136 ALA ALA A . n 
A 1 73  TYR 73  137 137 TYR TYR A . n 
A 1 74  VAL 74  138 138 VAL VAL A . n 
A 1 75  VAL 75  139 139 VAL VAL A . n 
A 1 76  ALA 76  140 140 ALA ALA A . n 
A 1 77  ASN 77  141 141 ASN ASN A . n 
A 1 78  ASN 78  142 142 ASN ASN A . n 
A 1 79  LEU 79  143 143 LEU LEU A . n 
A 1 80  VAL 80  144 144 VAL VAL A . n 
A 1 81  SER 81  145 145 SER SER A . n 
A 1 82  ASN 82  146 146 ASN ASN A . n 
A 1 83  GLY 83  147 147 GLY GLY A . n 
A 1 84  VAL 84  148 148 VAL VAL A . n 
A 1 85  PRO 85  149 149 PRO PRO A . n 
A 1 86  VAL 86  150 150 VAL VAL A . n 
A 1 87  SER 87  151 151 SER SER A . n 
A 1 88  ARG 88  152 152 ARG ARG A . n 
A 1 89  ILE 89  153 153 ILE ILE A . n 
A 1 90  SER 90  154 154 SER SER A . n 
A 1 91  ALA 91  155 155 ALA ALA A . n 
A 1 92  VAL 92  156 156 VAL VAL A . n 
A 1 93  GLY 93  157 157 GLY GLY A . n 
A 1 94  LEU 94  158 158 LEU LEU A . n 
A 1 95  GLY 95  159 159 GLY GLY A . n 
A 1 96  GLU 96  160 160 GLU GLU A . n 
A 1 97  SER 97  161 161 SER SER A . n 
A 1 98  GLN 98  162 162 GLN GLN A . n 
A 1 99  ALA 99  163 163 ALA ALA A . n 
A 1 100 GLN 100 164 164 GLN GLN A . n 
A 1 101 MET 101 165 165 MET MET A . n 
A 1 102 THR 102 166 166 THR THR A . n 
A 1 103 GLN 103 167 167 GLN GLN A . n 
A 1 104 VAL 104 168 168 VAL VAL A . n 
A 1 105 CYS 105 169 169 CYS CYS A . n 
A 1 106 GLU 106 170 170 GLU GLU A . n 
A 1 107 ALA 107 171 171 ALA ALA A . n 
A 1 108 GLU 108 172 172 GLU GLU A . n 
A 1 109 VAL 109 173 173 VAL VAL A . n 
A 1 110 ALA 110 174 174 ALA ALA A . n 
A 1 111 LYS 111 175 175 LYS LYS A . n 
A 1 112 LEU 112 176 176 LEU LEU A . n 
A 1 113 GLY 113 177 177 GLY GLY A . n 
A 1 114 ALA 114 178 178 ALA ALA A . n 
A 1 115 LYS 115 179 179 LYS LYS A . n 
A 1 116 VAL 116 180 180 VAL VAL A . n 
A 1 117 SER 117 181 181 SER SER A . n 
A 1 118 LYS 118 182 182 LYS LYS A . n 
A 1 119 ALA 119 183 183 ALA ALA A . n 
A 1 120 LYS 120 184 184 LYS LYS A . n 
A 1 121 LYS 121 185 185 LYS LYS A . n 
A 1 122 ARG 122 186 186 ARG ARG A . n 
A 1 123 GLU 123 187 187 GLU GLU A . n 
A 1 124 ALA 124 188 188 ALA ALA A . n 
A 1 125 LEU 125 189 189 LEU LEU A . n 
A 1 126 ILE 126 190 190 ILE ILE A . n 
A 1 127 ALA 127 191 191 ALA ALA A . n 
A 1 128 CYS 128 192 192 CYS CYS A . n 
A 1 129 ILE 129 193 193 ILE ILE A . n 
A 1 130 GLU 130 194 194 GLU GLU A . n 
A 1 131 PRO 131 195 195 PRO PRO A . n 
A 1 132 ASP 132 196 196 ASP ASP A . n 
A 1 133 ARG 133 197 197 ARG ARG A . n 
A 1 134 ARG 134 198 198 ARG ARG A . n 
A 1 135 VAL 135 199 199 VAL VAL A . n 
A 1 136 ASP 136 200 200 ASP ASP A . n 
A 1 137 VAL 137 201 201 VAL VAL A . n 
A 1 138 LYS 138 202 202 LYS LYS A . n 
A 1 139 ILE 139 203 203 ILE ILE A . n 
A 1 140 ARG 140 204 204 ARG ARG A . n 
A 1 141 SER 141 205 205 SER SER A . n 
A 1 142 ILE 142 206 206 ILE ILE A . n 
A 1 143 VAL 143 207 207 VAL VAL A . n 
A 1 144 THR 144 208 ?   ?   ?   A . n 
A 1 145 ARG 145 209 ?   ?   ?   A . n 
A 1 146 GLN 146 210 ?   ?   ?   A . n 
A 1 147 VAL 147 211 ?   ?   ?   A . n 
A 1 148 VAL 148 212 ?   ?   ?   A . n 
A 1 149 PRO 149 213 ?   ?   ?   A . n 
A 1 150 ALA 150 214 ?   ?   ?   A . n 
A 1 151 HIS 151 215 ?   ?   ?   A . n 
A 1 152 ASN 152 216 ?   ?   ?   A . n 
A 1 153 HIS 153 217 ?   ?   ?   A . n 
A 1 154 HIS 154 218 ?   ?   ?   A . n 
A 1 155 GLN 155 219 ?   ?   ?   A . n 
A 1 156 HIS 156 220 ?   ?   ?   A . n 
A 1 157 LEU 157 221 ?   ?   ?   A . n 
A 1 158 GLU 158 222 ?   ?   ?   A . n 
A 1 159 HIS 159 223 ?   ?   ?   A . n 
A 1 160 HIS 160 224 ?   ?   ?   A . n 
A 1 161 HIS 161 225 ?   ?   ?   A . n 
A 1 162 HIS 162 226 ?   ?   ?   A . n 
A 1 163 HIS 163 227 ?   ?   ?   A . n 
A 1 164 HIS 164 228 ?   ?   ?   A . n 
# 
loop_
_pdbx_nonpoly_scheme.asym_id 
_pdbx_nonpoly_scheme.entity_id 
_pdbx_nonpoly_scheme.mon_id 
_pdbx_nonpoly_scheme.ndb_seq_num 
_pdbx_nonpoly_scheme.pdb_seq_num 
_pdbx_nonpoly_scheme.auth_seq_num 
_pdbx_nonpoly_scheme.pdb_mon_id 
_pdbx_nonpoly_scheme.auth_mon_id 
_pdbx_nonpoly_scheme.pdb_strand_id 
_pdbx_nonpoly_scheme.pdb_ins_code 
B 2 TRS 1   229 201 TRS TRS A . 
C 3 HOH 1   230 1   HOH WAT A . 
C 3 HOH 2   231 2   HOH WAT A . 
C 3 HOH 3   232 3   HOH WAT A . 
C 3 HOH 4   233 4   HOH WAT A . 
C 3 HOH 5   234 5   HOH WAT A . 
C 3 HOH 6   235 6   HOH WAT A . 
C 3 HOH 7   236 7   HOH WAT A . 
C 3 HOH 8   237 8   HOH WAT A . 
C 3 HOH 9   238 9   HOH WAT A . 
C 3 HOH 10  239 10  HOH WAT A . 
C 3 HOH 11  240 11  HOH WAT A . 
C 3 HOH 12  241 12  HOH WAT A . 
C 3 HOH 13  242 13  HOH WAT A . 
C 3 HOH 14  243 14  HOH WAT A . 
C 3 HOH 15  244 15  HOH WAT A . 
C 3 HOH 16  245 16  HOH WAT A . 
C 3 HOH 17  246 17  HOH WAT A . 
C 3 HOH 18  247 18  HOH WAT A . 
C 3 HOH 19  248 19  HOH WAT A . 
C 3 HOH 20  249 20  HOH WAT A . 
C 3 HOH 21  250 21  HOH WAT A . 
C 3 HOH 22  251 22  HOH WAT A . 
C 3 HOH 23  252 23  HOH WAT A . 
C 3 HOH 24  253 24  HOH WAT A . 
C 3 HOH 25  254 25  HOH WAT A . 
C 3 HOH 26  255 26  HOH WAT A . 
C 3 HOH 27  256 27  HOH WAT A . 
C 3 HOH 28  257 28  HOH WAT A . 
C 3 HOH 29  258 29  HOH WAT A . 
C 3 HOH 30  259 30  HOH WAT A . 
C 3 HOH 31  260 31  HOH WAT A . 
C 3 HOH 32  261 32  HOH WAT A . 
C 3 HOH 33  262 33  HOH WAT A . 
C 3 HOH 34  263 34  HOH WAT A . 
C 3 HOH 35  264 35  HOH WAT A . 
C 3 HOH 36  265 36  HOH WAT A . 
C 3 HOH 37  266 37  HOH WAT A . 
C 3 HOH 38  267 38  HOH WAT A . 
C 3 HOH 39  268 39  HOH WAT A . 
C 3 HOH 40  269 40  HOH WAT A . 
C 3 HOH 41  270 41  HOH WAT A . 
C 3 HOH 42  271 42  HOH WAT A . 
C 3 HOH 43  272 43  HOH WAT A . 
C 3 HOH 44  273 44  HOH WAT A . 
C 3 HOH 45  274 45  HOH WAT A . 
C 3 HOH 46  275 46  HOH WAT A . 
C 3 HOH 47  276 47  HOH WAT A . 
C 3 HOH 48  277 48  HOH WAT A . 
C 3 HOH 49  278 49  HOH WAT A . 
C 3 HOH 50  279 50  HOH WAT A . 
C 3 HOH 51  280 51  HOH WAT A . 
C 3 HOH 52  281 52  HOH WAT A . 
C 3 HOH 53  282 53  HOH WAT A . 
C 3 HOH 54  283 54  HOH WAT A . 
C 3 HOH 55  284 55  HOH WAT A . 
C 3 HOH 56  285 56  HOH WAT A . 
C 3 HOH 57  286 57  HOH WAT A . 
C 3 HOH 58  287 58  HOH WAT A . 
C 3 HOH 59  288 59  HOH WAT A . 
C 3 HOH 60  289 60  HOH WAT A . 
C 3 HOH 61  290 61  HOH WAT A . 
C 3 HOH 62  291 62  HOH WAT A . 
C 3 HOH 63  292 63  HOH WAT A . 
C 3 HOH 64  293 64  HOH WAT A . 
C 3 HOH 65  294 65  HOH WAT A . 
C 3 HOH 66  295 66  HOH WAT A . 
C 3 HOH 67  296 67  HOH WAT A . 
C 3 HOH 68  297 68  HOH WAT A . 
C 3 HOH 69  298 69  HOH WAT A . 
C 3 HOH 70  299 70  HOH WAT A . 
C 3 HOH 71  300 71  HOH WAT A . 
C 3 HOH 72  301 72  HOH WAT A . 
C 3 HOH 73  302 73  HOH WAT A . 
C 3 HOH 74  303 74  HOH WAT A . 
C 3 HOH 75  304 75  HOH WAT A . 
C 3 HOH 76  305 76  HOH WAT A . 
C 3 HOH 77  306 77  HOH WAT A . 
C 3 HOH 78  307 78  HOH WAT A . 
C 3 HOH 79  308 79  HOH WAT A . 
C 3 HOH 80  309 80  HOH WAT A . 
C 3 HOH 81  310 81  HOH WAT A . 
C 3 HOH 82  311 82  HOH WAT A . 
C 3 HOH 83  312 83  HOH WAT A . 
C 3 HOH 84  313 84  HOH WAT A . 
C 3 HOH 85  314 85  HOH WAT A . 
C 3 HOH 86  315 86  HOH WAT A . 
C 3 HOH 87  316 87  HOH WAT A . 
C 3 HOH 88  317 88  HOH WAT A . 
C 3 HOH 89  318 89  HOH WAT A . 
C 3 HOH 90  319 90  HOH WAT A . 
C 3 HOH 91  320 91  HOH WAT A . 
C 3 HOH 92  321 92  HOH WAT A . 
C 3 HOH 93  322 93  HOH WAT A . 
C 3 HOH 94  323 94  HOH WAT A . 
C 3 HOH 95  324 95  HOH WAT A . 
C 3 HOH 96  325 96  HOH WAT A . 
C 3 HOH 97  326 97  HOH WAT A . 
C 3 HOH 98  327 98  HOH WAT A . 
C 3 HOH 99  328 99  HOH WAT A . 
C 3 HOH 100 329 100 HOH WAT A . 
C 3 HOH 101 330 101 HOH WAT A . 
C 3 HOH 102 331 102 HOH WAT A . 
C 3 HOH 103 332 103 HOH WAT A . 
C 3 HOH 104 333 104 HOH WAT A . 
C 3 HOH 105 334 105 HOH WAT A . 
C 3 HOH 106 335 106 HOH WAT A . 
C 3 HOH 107 336 107 HOH WAT A . 
C 3 HOH 108 337 108 HOH WAT A . 
C 3 HOH 109 338 109 HOH WAT A . 
C 3 HOH 110 339 110 HOH WAT A . 
C 3 HOH 111 340 111 HOH WAT A . 
C 3 HOH 112 341 112 HOH WAT A . 
C 3 HOH 113 342 113 HOH WAT A . 
C 3 HOH 114 343 114 HOH WAT A . 
# 
loop_
_pdbx_unobs_or_zero_occ_atoms.id 
_pdbx_unobs_or_zero_occ_atoms.PDB_model_num 
_pdbx_unobs_or_zero_occ_atoms.polymer_flag 
_pdbx_unobs_or_zero_occ_atoms.occupancy_flag 
_pdbx_unobs_or_zero_occ_atoms.auth_asym_id 
_pdbx_unobs_or_zero_occ_atoms.auth_comp_id 
_pdbx_unobs_or_zero_occ_atoms.auth_seq_id 
_pdbx_unobs_or_zero_occ_atoms.PDB_ins_code 
_pdbx_unobs_or_zero_occ_atoms.auth_atom_id 
_pdbx_unobs_or_zero_occ_atoms.label_alt_id 
_pdbx_unobs_or_zero_occ_atoms.label_asym_id 
_pdbx_unobs_or_zero_occ_atoms.label_comp_id 
_pdbx_unobs_or_zero_occ_atoms.label_seq_id 
_pdbx_unobs_or_zero_occ_atoms.label_atom_id 
1 1 Y 0 A ARG 107 ? CD  ? A ARG 43 CD  
2 1 Y 0 A ARG 107 ? NE  ? A ARG 43 NE  
3 1 Y 0 A ARG 107 ? CZ  ? A ARG 43 CZ  
4 1 Y 0 A ARG 107 ? NH1 ? A ARG 43 NH1 
5 1 Y 0 A ARG 107 ? NH2 ? A ARG 43 NH2 
# 
loop_
_software.name 
_software.classification 
_software.version 
_software.citation_id 
_software.pdbx_ordinal 
DENZO     'data reduction' .   ? 1 
SCALEPACK 'data scaling'   .   ? 2 
SOLVE     phasing          .   ? 3 
CNS       refinement       1.1 ? 4 
# 
_cell.entry_id           1R1M 
_cell.length_a           63.500 
_cell.length_b           63.500 
_cell.length_c           83.860 
_cell.angle_alpha        90.00 
_cell.angle_beta         90.00 
_cell.angle_gamma        90.00 
_cell.Z_PDB              8 
_cell.pdbx_unique_axis   ? 
# 
_symmetry.entry_id                         1R1M 
_symmetry.space_group_name_H-M             'P 41 21 2' 
_symmetry.pdbx_full_space_group_name_H-M   ? 
_symmetry.cell_setting                     ? 
_symmetry.Int_Tables_number                92 
# 
_exptl.entry_id          1R1M 
_exptl.method            'X-RAY DIFFRACTION' 
_exptl.crystals_number   1 
# 
_exptl_crystal.id                    1 
_exptl_crystal.density_meas          ? 
_exptl_crystal.density_Matthews      2.30 
_exptl_crystal.density_percent_sol   46.64 
_exptl_crystal.description           ? 
# 
_exptl_crystal_grow.crystal_id      1 
_exptl_crystal_grow.method          'VAPOR DIFFUSION, HANGING DROP' 
_exptl_crystal_grow.temp            294 
_exptl_crystal_grow.temp_details    ? 
_exptl_crystal_grow.pH              8.0 
_exptl_crystal_grow.pdbx_details    'PEG 1000, Tris, pH 8.0, VAPOR DIFFUSION, HANGING DROP, temperature 294K' 
_exptl_crystal_grow.pdbx_pH_range   . 
# 
_diffrn.id                     1 
_diffrn.ambient_temp           95 
_diffrn.ambient_temp_details   ? 
_diffrn.crystal_id             1 
# 
_diffrn_detector.diffrn_id              1 
_diffrn_detector.detector               'IMAGE PLATE' 
_diffrn_detector.type                   'RIGAKU RAXIS IV' 
_diffrn_detector.pdbx_collection_date   2002-11-12 
_diffrn_detector.details                mirrors 
# 
_diffrn_radiation.diffrn_id                        1 
_diffrn_radiation.wavelength_id                    1 
_diffrn_radiation.pdbx_monochromatic_or_laue_m_l   M 
_diffrn_radiation.monochromator                    ? 
_diffrn_radiation.pdbx_diffrn_protocol             'SINGLE WAVELENGTH' 
_diffrn_radiation.pdbx_scattering_type             x-ray 
# 
_diffrn_radiation_wavelength.id           1 
_diffrn_radiation_wavelength.wavelength   1.5418 
_diffrn_radiation_wavelength.wt           1.0 
# 
_diffrn_source.diffrn_id                   1 
_diffrn_source.source                      'ROTATING ANODE' 
_diffrn_source.type                        'RIGAKU RU200' 
_diffrn_source.pdbx_synchrotron_site       ? 
_diffrn_source.pdbx_synchrotron_beamline   ? 
_diffrn_source.pdbx_wavelength             ? 
_diffrn_source.pdbx_wavelength_list        1.5418 
# 
_reflns.entry_id                     1R1M 
_reflns.observed_criterion_sigma_F   0 
_reflns.observed_criterion_sigma_I   0 
_reflns.d_resolution_high            1.9 
_reflns.d_resolution_low             50 
_reflns.number_all                   13605 
_reflns.number_obs                   13591 
_reflns.percent_possible_obs         96.2 
_reflns.pdbx_Rmerge_I_obs            0.053 
_reflns.pdbx_Rsym_value              0.053 
_reflns.pdbx_netI_over_sigmaI        25 
_reflns.B_iso_Wilson_estimate        20.2 
_reflns.pdbx_redundancy              4.8 
_reflns.R_free_details               ? 
_reflns.limit_h_max                  ? 
_reflns.limit_h_min                  ? 
_reflns.limit_k_max                  ? 
_reflns.limit_k_min                  ? 
_reflns.limit_l_max                  ? 
_reflns.limit_l_min                  ? 
_reflns.observed_criterion_F_max     ? 
_reflns.observed_criterion_F_min     ? 
_reflns.pdbx_diffrn_id               1 
_reflns.pdbx_ordinal                 1 
# 
_reflns_shell.d_res_high             1.9 
_reflns_shell.d_res_low              1.97 
_reflns_shell.percent_possible_all   98.8 
_reflns_shell.Rmerge_I_obs           0.254 
_reflns_shell.pdbx_Rsym_value        0.254 
_reflns_shell.meanI_over_sigI_obs    6 
_reflns_shell.pdbx_redundancy        4.8 
_reflns_shell.percent_possible_obs   ? 
_reflns_shell.number_unique_all      1361 
_reflns_shell.pdbx_diffrn_id         ? 
_reflns_shell.pdbx_ordinal           1 
# 
_refine.entry_id                                 1R1M 
_refine.ls_d_res_high                            1.9 
_refine.ls_d_res_low                             20 
_refine.pdbx_ls_sigma_F                          0 
_refine.pdbx_ls_sigma_I                          ? 
_refine.ls_number_reflns_all                     13591 
_refine.ls_number_reflns_obs                     13591 
_refine.ls_number_reflns_R_free                  684 
_refine.ls_percent_reflns_obs                    96.3 
_refine.ls_R_factor_all                          0.213 
_refine.ls_R_factor_obs                          0.213 
_refine.ls_R_factor_R_work                       0.213 
_refine.ls_R_factor_R_free                       0.233 
_refine.ls_redundancy_reflns_obs                 ? 
_refine.pdbx_data_cutoff_high_absF               ? 
_refine.pdbx_data_cutoff_low_absF                ? 
_refine.ls_number_parameters                     ? 
_refine.ls_number_restraints                     ? 
_refine.ls_percent_reflns_R_free                 ? 
_refine.ls_R_factor_R_free_error                 ? 
_refine.ls_R_factor_R_free_error_details         ? 
_refine.pdbx_method_to_determine_struct          SAD 
_refine.pdbx_starting_model                      ? 
_refine.pdbx_ls_cross_valid_method               THROUGHOUT 
_refine.pdbx_R_Free_selection_details            random 
_refine.pdbx_stereochem_target_val_spec_case     ? 
_refine.pdbx_stereochemistry_target_values       'Engh & Huber' 
_refine.solvent_model_details                    ? 
_refine.solvent_model_param_bsol                 ? 
_refine.solvent_model_param_ksol                 ? 
_refine.occupancy_max                            ? 
_refine.occupancy_min                            ? 
_refine.pdbx_isotropic_thermal_model             isotropic 
_refine.B_iso_mean                               25.3 
_refine.aniso_B[1][1]                            ? 
_refine.aniso_B[1][2]                            ? 
_refine.aniso_B[1][3]                            ? 
_refine.aniso_B[2][2]                            ? 
_refine.aniso_B[2][3]                            ? 
_refine.aniso_B[3][3]                            ? 
_refine.details                                  ? 
_refine.B_iso_min                                ? 
_refine.B_iso_max                                ? 
_refine.correlation_coeff_Fo_to_Fc               ? 
_refine.correlation_coeff_Fo_to_Fc_free          ? 
_refine.pdbx_solvent_vdw_probe_radii             ? 
_refine.pdbx_solvent_ion_probe_radii             ? 
_refine.pdbx_solvent_shrinkage_radii             ? 
_refine.overall_SU_R_Cruickshank_DPI             ? 
_refine.overall_SU_R_free                        ? 
_refine.overall_SU_B                             ? 
_refine.overall_SU_ML                            ? 
_refine.pdbx_overall_ESU_R                       ? 
_refine.pdbx_overall_ESU_R_Free                  ? 
_refine.pdbx_data_cutoff_high_rms_absF           ? 
_refine.pdbx_refine_id                           'X-RAY DIFFRACTION' 
_refine.pdbx_diffrn_id                           1 
_refine.pdbx_TLS_residual_ADP_flag               ? 
_refine.pdbx_overall_phase_error                 ? 
_refine.pdbx_overall_SU_R_free_Cruickshank_DPI   ? 
_refine.pdbx_overall_SU_R_Blow_DPI               ? 
_refine.pdbx_overall_SU_R_free_Blow_DPI          ? 
# 
_refine_analyze.entry_id                        1R1M 
_refine_analyze.Luzzati_coordinate_error_obs    0.22 
_refine_analyze.Luzzati_sigma_a_obs             0.09 
_refine_analyze.Luzzati_d_res_low_obs           5 
_refine_analyze.Luzzati_coordinate_error_free   0.27 
_refine_analyze.Luzzati_sigma_a_free            0.13 
_refine_analyze.Luzzati_d_res_low_free          ? 
_refine_analyze.number_disordered_residues      ? 
_refine_analyze.occupancy_sum_non_hydrogen      ? 
_refine_analyze.occupancy_sum_hydrogen          ? 
_refine_analyze.pdbx_Luzzati_d_res_high_obs     ? 
_refine_analyze.pdbx_refine_id                  'X-RAY DIFFRACTION' 
# 
_refine_hist.pdbx_refine_id                   'X-RAY DIFFRACTION' 
_refine_hist.cycle_id                         LAST 
_refine_hist.pdbx_number_atoms_protein        1076 
_refine_hist.pdbx_number_atoms_nucleic_acid   0 
_refine_hist.pdbx_number_atoms_ligand         8 
_refine_hist.number_atoms_solvent             114 
_refine_hist.number_atoms_total               1198 
_refine_hist.d_res_high                       1.9 
_refine_hist.d_res_low                        20 
# 
loop_
_refine_ls_restr.type 
_refine_ls_restr.dev_ideal 
_refine_ls_restr.dev_ideal_target 
_refine_ls_restr.weight 
_refine_ls_restr.number 
_refine_ls_restr.pdbx_refine_id 
_refine_ls_restr.pdbx_restraint_function 
c_bond_d           0.006 ? ? ? 'X-RAY DIFFRACTION' ? 
c_angle_deg        1.3   ? ? ? 'X-RAY DIFFRACTION' ? 
c_dihedral_angle_d 22.4  ? ? ? 'X-RAY DIFFRACTION' ? 
c_improper_angle_d 0.69  ? ? ? 'X-RAY DIFFRACTION' ? 
# 
_refine_ls_shell.pdbx_total_number_of_bins_used   ? 
_refine_ls_shell.d_res_high                       1.9 
_refine_ls_shell.d_res_low                        2.02 
_refine_ls_shell.number_reflns_R_work             ? 
_refine_ls_shell.R_factor_R_work                  0.229 
_refine_ls_shell.percent_reflns_obs               98.8 
_refine_ls_shell.R_factor_R_free                  0.268 
_refine_ls_shell.R_factor_R_free_error            0.024 
_refine_ls_shell.percent_reflns_R_free            ? 
_refine_ls_shell.number_reflns_R_free             120 
_refine_ls_shell.number_reflns_obs                2257 
_refine_ls_shell.redundancy_reflns_obs            ? 
_refine_ls_shell.number_reflns_all                ? 
_refine_ls_shell.pdbx_refine_id                   'X-RAY DIFFRACTION' 
_refine_ls_shell.R_factor_all                     ? 
# 
_struct.entry_id                  1R1M 
_struct.title                     'Structure of the OmpA-like domain of RmpM from Neisseria meningitidis' 
_struct.pdbx_model_details        ? 
_struct.pdbx_CASP_flag            ? 
_struct.pdbx_model_type_details   ? 
# 
_struct_keywords.entry_id        1R1M 
_struct_keywords.pdbx_keywords   'MEMBRANE PROTEIN' 
_struct_keywords.text            'MEMBRANE PROTEIN' 
# 
loop_
_struct_asym.id 
_struct_asym.pdbx_blank_PDB_chainid_flag 
_struct_asym.pdbx_modified 
_struct_asym.entity_id 
_struct_asym.details 
A N N 1 ? 
B N N 2 ? 
C N N 3 ? 
# 
_struct_ref.id                         1 
_struct_ref.db_name                    UNP 
_struct_ref.db_code                    OMP4_NEIMA 
_struct_ref.pdbx_db_accession          P38367 
_struct_ref.entity_id                  1 
_struct_ref.pdbx_seq_one_letter_code   
;EQAPQYVDETISLSAKTLFGFDKDSLRAEAQDNLKVLAQRLSRTNIQSVRVEGHTDFMGSDKYNQALSERRAYVVANNLV
SNGVPVSRISAVGLGESQAQMTQVCEAEVAKLGAKVSKAKKREALIACIEPDRRVDVKIRSIVTRQVVPAHNHHQH
;
_struct_ref.pdbx_align_begin           87 
_struct_ref.pdbx_db_isoform            ? 
# 
_struct_ref_seq.align_id                      1 
_struct_ref_seq.ref_id                        1 
_struct_ref_seq.pdbx_PDB_id_code              1R1M 
_struct_ref_seq.pdbx_strand_id                A 
_struct_ref_seq.seq_align_beg                 1 
_struct_ref_seq.pdbx_seq_align_beg_ins_code   ? 
_struct_ref_seq.seq_align_end                 156 
_struct_ref_seq.pdbx_seq_align_end_ins_code   ? 
_struct_ref_seq.pdbx_db_accession             P38367 
_struct_ref_seq.db_align_beg                  87 
_struct_ref_seq.pdbx_db_align_beg_ins_code    ? 
_struct_ref_seq.db_align_end                  242 
_struct_ref_seq.pdbx_db_align_end_ins_code    ? 
_struct_ref_seq.pdbx_auth_seq_align_beg       65 
_struct_ref_seq.pdbx_auth_seq_align_end       220 
# 
loop_
_struct_ref_seq_dif.align_id 
_struct_ref_seq_dif.pdbx_pdb_id_code 
_struct_ref_seq_dif.mon_id 
_struct_ref_seq_dif.pdbx_pdb_strand_id 
_struct_ref_seq_dif.seq_num 
_struct_ref_seq_dif.pdbx_pdb_ins_code 
_struct_ref_seq_dif.pdbx_seq_db_name 
_struct_ref_seq_dif.pdbx_seq_db_accession_code 
_struct_ref_seq_dif.db_mon_id 
_struct_ref_seq_dif.pdbx_seq_db_seq_num 
_struct_ref_seq_dif.details 
_struct_ref_seq_dif.pdbx_auth_seq_num 
_struct_ref_seq_dif.pdbx_ordinal 
1 1R1M LEU A 157 ? UNP P38367 ? ? 'cloning artifact' 221 1 
1 1R1M GLU A 158 ? UNP P38367 ? ? 'cloning artifact' 222 2 
1 1R1M HIS A 159 ? UNP P38367 ? ? 'expression tag'   223 3 
1 1R1M HIS A 160 ? UNP P38367 ? ? 'expression tag'   224 4 
1 1R1M HIS A 161 ? UNP P38367 ? ? 'expression tag'   225 5 
1 1R1M HIS A 162 ? UNP P38367 ? ? 'expression tag'   226 6 
1 1R1M HIS A 163 ? UNP P38367 ? ? 'expression tag'   227 7 
1 1R1M HIS A 164 ? UNP P38367 ? ? 'expression tag'   228 8 
# 
_pdbx_struct_assembly.id                   1 
_pdbx_struct_assembly.details              author_defined_assembly 
_pdbx_struct_assembly.method_details       ? 
_pdbx_struct_assembly.oligomeric_details   monomeric 
_pdbx_struct_assembly.oligomeric_count     1 
# 
_pdbx_struct_assembly_gen.assembly_id       1 
_pdbx_struct_assembly_gen.oper_expression   1 
_pdbx_struct_assembly_gen.asym_id_list      A,B,C 
# 
_pdbx_struct_oper_list.id                   1 
_pdbx_struct_oper_list.type                 'identity operation' 
_pdbx_struct_oper_list.name                 1_555 
_pdbx_struct_oper_list.symmetry_operation   x,y,z 
_pdbx_struct_oper_list.matrix[1][1]         1.0000000000 
_pdbx_struct_oper_list.matrix[1][2]         0.0000000000 
_pdbx_struct_oper_list.matrix[1][3]         0.0000000000 
_pdbx_struct_oper_list.vector[1]            0.0000000000 
_pdbx_struct_oper_list.matrix[2][1]         0.0000000000 
_pdbx_struct_oper_list.matrix[2][2]         1.0000000000 
_pdbx_struct_oper_list.matrix[2][3]         0.0000000000 
_pdbx_struct_oper_list.vector[2]            0.0000000000 
_pdbx_struct_oper_list.matrix[3][1]         0.0000000000 
_pdbx_struct_oper_list.matrix[3][2]         0.0000000000 
_pdbx_struct_oper_list.matrix[3][3]         1.0000000000 
_pdbx_struct_oper_list.vector[3]            0.0000000000 
# 
_struct_biol.id                    1 
_struct_biol.pdbx_parent_biol_id   ? 
_struct_biol.details               ? 
# 
loop_
_struct_conf.conf_type_id 
_struct_conf.id 
_struct_conf.pdbx_PDB_helix_id 
_struct_conf.beg_label_comp_id 
_struct_conf.beg_label_asym_id 
_struct_conf.beg_label_seq_id 
_struct_conf.pdbx_beg_PDB_ins_code 
_struct_conf.end_label_comp_id 
_struct_conf.end_label_asym_id 
_struct_conf.end_label_seq_id 
_struct_conf.pdbx_end_PDB_ins_code 
_struct_conf.beg_auth_comp_id 
_struct_conf.beg_auth_asym_id 
_struct_conf.beg_auth_seq_id 
_struct_conf.end_auth_comp_id 
_struct_conf.end_auth_asym_id 
_struct_conf.end_auth_seq_id 
_struct_conf.pdbx_PDB_helix_class 
_struct_conf.details 
_struct_conf.pdbx_PDB_helix_length 
HELX_P HELX_P1 1 ALA A 15  ? GLY A 20  ? ALA A 79  GLY A 84  1 ? 6  
HELX_P HELX_P2 2 ARG A 27  ? SER A 42  ? ARG A 91  SER A 106 1 ? 16 
HELX_P HELX_P3 3 SER A 60  ? ASN A 82  ? SER A 124 ASN A 146 1 ? 23 
HELX_P HELX_P4 4 PRO A 85  ? SER A 87  ? PRO A 149 SER A 151 5 ? 3  
HELX_P HELX_P5 5 MET A 101 ? LYS A 111 ? MET A 165 LYS A 175 1 ? 11 
HELX_P HELX_P6 6 ALA A 119 ? ILE A 129 ? ALA A 183 ILE A 193 1 ? 11 
HELX_P HELX_P7 7 GLU A 130 ? ASP A 132 ? GLU A 194 ASP A 196 5 ? 3  
# 
_struct_conf_type.id          HELX_P 
_struct_conf_type.criteria    ? 
_struct_conf_type.reference   ? 
# 
_struct_conn.id                            disulf1 
_struct_conn.conn_type_id                  disulf 
_struct_conn.pdbx_leaving_atom_flag        ? 
_struct_conn.pdbx_PDB_id                   ? 
_struct_conn.ptnr1_label_asym_id           A 
_struct_conn.ptnr1_label_comp_id           CYS 
_struct_conn.ptnr1_label_seq_id            105 
_struct_conn.ptnr1_label_atom_id           SG 
_struct_conn.pdbx_ptnr1_label_alt_id       ? 
_struct_conn.pdbx_ptnr1_PDB_ins_code       ? 
_struct_conn.pdbx_ptnr1_standard_comp_id   ? 
_struct_conn.ptnr1_symmetry                1_555 
_struct_conn.ptnr2_label_asym_id           A 
_struct_conn.ptnr2_label_comp_id           CYS 
_struct_conn.ptnr2_label_seq_id            128 
_struct_conn.ptnr2_label_atom_id           SG 
_struct_conn.pdbx_ptnr2_label_alt_id       ? 
_struct_conn.pdbx_ptnr2_PDB_ins_code       ? 
_struct_conn.ptnr1_auth_asym_id            A 
_struct_conn.ptnr1_auth_comp_id            CYS 
_struct_conn.ptnr1_auth_seq_id             169 
_struct_conn.ptnr2_auth_asym_id            A 
_struct_conn.ptnr2_auth_comp_id            CYS 
_struct_conn.ptnr2_auth_seq_id             192 
_struct_conn.ptnr2_symmetry                1_555 
_struct_conn.pdbx_ptnr3_label_atom_id      ? 
_struct_conn.pdbx_ptnr3_label_seq_id       ? 
_struct_conn.pdbx_ptnr3_label_comp_id      ? 
_struct_conn.pdbx_ptnr3_label_asym_id      ? 
_struct_conn.pdbx_ptnr3_label_alt_id       ? 
_struct_conn.pdbx_ptnr3_PDB_ins_code       ? 
_struct_conn.details                       ? 
_struct_conn.pdbx_dist_value               2.035 
_struct_conn.pdbx_value_order              ? 
_struct_conn.pdbx_role                     ? 
# 
_struct_conn_type.id          disulf 
_struct_conn_type.criteria    ? 
_struct_conn_type.reference   ? 
# 
_pdbx_modification_feature.ordinal                            1 
_pdbx_modification_feature.label_comp_id                      CYS 
_pdbx_modification_feature.label_asym_id                      A 
_pdbx_modification_feature.label_seq_id                       105 
_pdbx_modification_feature.label_alt_id                       ? 
_pdbx_modification_feature.modified_residue_label_comp_id     CYS 
_pdbx_modification_feature.modified_residue_label_asym_id     A 
_pdbx_modification_feature.modified_residue_label_seq_id      128 
_pdbx_modification_feature.modified_residue_label_alt_id      ? 
_pdbx_modification_feature.auth_comp_id                       CYS 
_pdbx_modification_feature.auth_asym_id                       A 
_pdbx_modification_feature.auth_seq_id                        169 
_pdbx_modification_feature.PDB_ins_code                       ? 
_pdbx_modification_feature.symmetry                           1_555 
_pdbx_modification_feature.modified_residue_auth_comp_id      CYS 
_pdbx_modification_feature.modified_residue_auth_asym_id      A 
_pdbx_modification_feature.modified_residue_auth_seq_id       192 
_pdbx_modification_feature.modified_residue_PDB_ins_code      ? 
_pdbx_modification_feature.modified_residue_symmetry          1_555 
_pdbx_modification_feature.comp_id_linking_atom               SG 
_pdbx_modification_feature.modified_residue_id_linking_atom   SG 
_pdbx_modification_feature.modified_residue_id                . 
_pdbx_modification_feature.ref_pcm_id                         . 
_pdbx_modification_feature.ref_comp_id                        . 
_pdbx_modification_feature.type                               None 
_pdbx_modification_feature.category                           'Disulfide bridge' 
# 
_struct_sheet.id               A 
_struct_sheet.type             ? 
_struct_sheet.number_strands   4 
_struct_sheet.details          ? 
# 
loop_
_struct_sheet_order.sheet_id 
_struct_sheet_order.range_id_1 
_struct_sheet_order.range_id_2 
_struct_sheet_order.offset 
_struct_sheet_order.sense 
A 1 2 ? anti-parallel 
A 2 3 ? anti-parallel 
A 3 4 ? parallel      
# 
loop_
_struct_sheet_range.sheet_id 
_struct_sheet_range.id 
_struct_sheet_range.beg_label_comp_id 
_struct_sheet_range.beg_label_asym_id 
_struct_sheet_range.beg_label_seq_id 
_struct_sheet_range.pdbx_beg_PDB_ins_code 
_struct_sheet_range.end_label_comp_id 
_struct_sheet_range.end_label_asym_id 
_struct_sheet_range.end_label_seq_id 
_struct_sheet_range.pdbx_end_PDB_ins_code 
_struct_sheet_range.beg_auth_comp_id 
_struct_sheet_range.beg_auth_asym_id 
_struct_sheet_range.beg_auth_seq_id 
_struct_sheet_range.end_auth_comp_id 
_struct_sheet_range.end_auth_asym_id 
_struct_sheet_range.end_auth_seq_id 
A 1 TYR A 6   ? SER A 14  ? TYR A 70  SER A 78  
A 2 ARG A 134 ? ILE A 142 ? ARG A 198 ILE A 206 
A 3 ILE A 46  ? HIS A 54  ? ILE A 110 HIS A 118 
A 4 ILE A 89  ? GLY A 93  ? ILE A 153 GLY A 157 
# 
loop_
_pdbx_struct_sheet_hbond.sheet_id 
_pdbx_struct_sheet_hbond.range_id_1 
_pdbx_struct_sheet_hbond.range_id_2 
_pdbx_struct_sheet_hbond.range_1_label_atom_id 
_pdbx_struct_sheet_hbond.range_1_label_comp_id 
_pdbx_struct_sheet_hbond.range_1_label_asym_id 
_pdbx_struct_sheet_hbond.range_1_label_seq_id 
_pdbx_struct_sheet_hbond.range_1_PDB_ins_code 
_pdbx_struct_sheet_hbond.range_1_auth_atom_id 
_pdbx_struct_sheet_hbond.range_1_auth_comp_id 
_pdbx_struct_sheet_hbond.range_1_auth_asym_id 
_pdbx_struct_sheet_hbond.range_1_auth_seq_id 
_pdbx_struct_sheet_hbond.range_2_label_atom_id 
_pdbx_struct_sheet_hbond.range_2_label_comp_id 
_pdbx_struct_sheet_hbond.range_2_label_asym_id 
_pdbx_struct_sheet_hbond.range_2_label_seq_id 
_pdbx_struct_sheet_hbond.range_2_PDB_ins_code 
_pdbx_struct_sheet_hbond.range_2_auth_atom_id 
_pdbx_struct_sheet_hbond.range_2_auth_comp_id 
_pdbx_struct_sheet_hbond.range_2_auth_asym_id 
_pdbx_struct_sheet_hbond.range_2_auth_seq_id 
A 1 2 N GLU A 9   ? N GLU A 73  O ILE A 139 ? O ILE A 203 
A 2 3 O ASP A 136 ? O ASP A 200 N GLU A 52  ? N GLU A 116 
A 3 4 N VAL A 51  ? N VAL A 115 O SER A 90  ? O SER A 154 
# 
_struct_site.id                   AC1 
_struct_site.pdbx_evidence_code   Software 
_struct_site.pdbx_auth_asym_id    A 
_struct_site.pdbx_auth_comp_id    TRS 
_struct_site.pdbx_auth_seq_id     229 
_struct_site.pdbx_auth_ins_code   ? 
_struct_site.pdbx_num_residues    4 
_struct_site.details              'BINDING SITE FOR RESIDUE TRS A 229' 
# 
loop_
_struct_site_gen.id 
_struct_site_gen.site_id 
_struct_site_gen.pdbx_num_res 
_struct_site_gen.label_comp_id 
_struct_site_gen.label_asym_id 
_struct_site_gen.label_seq_id 
_struct_site_gen.pdbx_auth_ins_code 
_struct_site_gen.auth_comp_id 
_struct_site_gen.auth_asym_id 
_struct_site_gen.auth_seq_id 
_struct_site_gen.label_atom_id 
_struct_site_gen.label_alt_id 
_struct_site_gen.symmetry 
_struct_site_gen.details 
1 AC1 4 TYR A 73 ? TYR A 137 . ? 1_555 ? 
2 AC1 4 ASN A 77 ? ASN A 141 . ? 1_555 ? 
3 AC1 4 HOH C .  ? HOH A 340 . ? 1_555 ? 
4 AC1 4 HOH C .  ? HOH A 341 . ? 1_555 ? 
# 
_pdbx_entry_details.entry_id                   1R1M 
_pdbx_entry_details.compound_details           ? 
_pdbx_entry_details.source_details             ? 
_pdbx_entry_details.nonpolymer_details         ? 
_pdbx_entry_details.sequence_details           ? 
_pdbx_entry_details.has_ligand_of_interest     ? 
_pdbx_entry_details.has_protein_modification   Y 
# 
_pdbx_validate_symm_contact.id                1 
_pdbx_validate_symm_contact.PDB_model_num     1 
_pdbx_validate_symm_contact.auth_atom_id_1    O3 
_pdbx_validate_symm_contact.auth_asym_id_1    A 
_pdbx_validate_symm_contact.auth_comp_id_1    TRS 
_pdbx_validate_symm_contact.auth_seq_id_1     229 
_pdbx_validate_symm_contact.PDB_ins_code_1    ? 
_pdbx_validate_symm_contact.label_alt_id_1    ? 
_pdbx_validate_symm_contact.site_symmetry_1   1_555 
_pdbx_validate_symm_contact.auth_atom_id_2    O3 
_pdbx_validate_symm_contact.auth_asym_id_2    A 
_pdbx_validate_symm_contact.auth_comp_id_2    TRS 
_pdbx_validate_symm_contact.auth_seq_id_2     229 
_pdbx_validate_symm_contact.PDB_ins_code_2    ? 
_pdbx_validate_symm_contact.label_alt_id_2    ? 
_pdbx_validate_symm_contact.site_symmetry_2   8_665 
_pdbx_validate_symm_contact.dist              2.07 
# 
loop_
_pdbx_validate_torsion.id 
_pdbx_validate_torsion.PDB_model_num 
_pdbx_validate_torsion.auth_comp_id 
_pdbx_validate_torsion.auth_asym_id 
_pdbx_validate_torsion.auth_seq_id 
_pdbx_validate_torsion.PDB_ins_code 
_pdbx_validate_torsion.label_alt_id 
_pdbx_validate_torsion.phi 
_pdbx_validate_torsion.psi 
1 1 ASP A 88  ? ? -146.02 19.45  
2 1 MET A 122 ? ? -71.28  48.97  
3 1 LEU A 176 ? ? -155.97 82.33  
4 1 LYS A 179 ? ? 52.27   19.86  
5 1 VAL A 180 ? ? -61.99  69.48  
6 1 SER A 181 ? ? 53.29   -18.92 
7 1 LYS A 182 ? ? 54.15   -25.29 
# 
_pdbx_struct_special_symmetry.id              1 
_pdbx_struct_special_symmetry.PDB_model_num   1 
_pdbx_struct_special_symmetry.auth_asym_id    A 
_pdbx_struct_special_symmetry.auth_comp_id    HOH 
_pdbx_struct_special_symmetry.auth_seq_id     307 
_pdbx_struct_special_symmetry.PDB_ins_code    ? 
_pdbx_struct_special_symmetry.label_asym_id   C 
_pdbx_struct_special_symmetry.label_comp_id   HOH 
_pdbx_struct_special_symmetry.label_seq_id    . 
# 
loop_
_pdbx_unobs_or_zero_occ_residues.id 
_pdbx_unobs_or_zero_occ_residues.PDB_model_num 
_pdbx_unobs_or_zero_occ_residues.polymer_flag 
_pdbx_unobs_or_zero_occ_residues.occupancy_flag 
_pdbx_unobs_or_zero_occ_residues.auth_asym_id 
_pdbx_unobs_or_zero_occ_residues.auth_comp_id 
_pdbx_unobs_or_zero_occ_residues.auth_seq_id 
_pdbx_unobs_or_zero_occ_residues.PDB_ins_code 
_pdbx_unobs_or_zero_occ_residues.label_asym_id 
_pdbx_unobs_or_zero_occ_residues.label_comp_id 
_pdbx_unobs_or_zero_occ_residues.label_seq_id 
1  1 Y 1 A GLU 65  ? A GLU 1   
2  1 Y 1 A GLN 66  ? A GLN 2   
3  1 Y 1 A ALA 67  ? A ALA 3   
4  1 Y 1 A THR 208 ? A THR 144 
5  1 Y 1 A ARG 209 ? A ARG 145 
6  1 Y 1 A GLN 210 ? A GLN 146 
7  1 Y 1 A VAL 211 ? A VAL 147 
8  1 Y 1 A VAL 212 ? A VAL 148 
9  1 Y 1 A PRO 213 ? A PRO 149 
10 1 Y 1 A ALA 214 ? A ALA 150 
11 1 Y 1 A HIS 215 ? A HIS 151 
12 1 Y 1 A ASN 216 ? A ASN 152 
13 1 Y 1 A HIS 217 ? A HIS 153 
14 1 Y 1 A HIS 218 ? A HIS 154 
15 1 Y 1 A GLN 219 ? A GLN 155 
16 1 Y 1 A HIS 220 ? A HIS 156 
17 1 Y 1 A LEU 221 ? A LEU 157 
18 1 Y 1 A GLU 222 ? A GLU 158 
19 1 Y 1 A HIS 223 ? A HIS 159 
20 1 Y 1 A HIS 224 ? A HIS 160 
21 1 Y 1 A HIS 225 ? A HIS 161 
22 1 Y 1 A HIS 226 ? A HIS 162 
23 1 Y 1 A HIS 227 ? A HIS 163 
24 1 Y 1 A HIS 228 ? A HIS 164 
# 
loop_
_chem_comp_atom.comp_id 
_chem_comp_atom.atom_id 
_chem_comp_atom.type_symbol 
_chem_comp_atom.pdbx_aromatic_flag 
_chem_comp_atom.pdbx_stereo_config 
_chem_comp_atom.pdbx_ordinal 
ALA N    N N N 1   
ALA CA   C N S 2   
ALA C    C N N 3   
ALA O    O N N 4   
ALA CB   C N N 5   
ALA OXT  O N N 6   
ALA H    H N N 7   
ALA H2   H N N 8   
ALA HA   H N N 9   
ALA HB1  H N N 10  
ALA HB2  H N N 11  
ALA HB3  H N N 12  
ALA HXT  H N N 13  
ARG N    N N N 14  
ARG CA   C N S 15  
ARG C    C N N 16  
ARG O    O N N 17  
ARG CB   C N N 18  
ARG CG   C N N 19  
ARG CD   C N N 20  
ARG NE   N N N 21  
ARG CZ   C N N 22  
ARG NH1  N N N 23  
ARG NH2  N N N 24  
ARG OXT  O N N 25  
ARG H    H N N 26  
ARG H2   H N N 27  
ARG HA   H N N 28  
ARG HB2  H N N 29  
ARG HB3  H N N 30  
ARG HG2  H N N 31  
ARG HG3  H N N 32  
ARG HD2  H N N 33  
ARG HD3  H N N 34  
ARG HE   H N N 35  
ARG HH11 H N N 36  
ARG HH12 H N N 37  
ARG HH21 H N N 38  
ARG HH22 H N N 39  
ARG HXT  H N N 40  
ASN N    N N N 41  
ASN CA   C N S 42  
ASN C    C N N 43  
ASN O    O N N 44  
ASN CB   C N N 45  
ASN CG   C N N 46  
ASN OD1  O N N 47  
ASN ND2  N N N 48  
ASN OXT  O N N 49  
ASN H    H N N 50  
ASN H2   H N N 51  
ASN HA   H N N 52  
ASN HB2  H N N 53  
ASN HB3  H N N 54  
ASN HD21 H N N 55  
ASN HD22 H N N 56  
ASN HXT  H N N 57  
ASP N    N N N 58  
ASP CA   C N S 59  
ASP C    C N N 60  
ASP O    O N N 61  
ASP CB   C N N 62  
ASP CG   C N N 63  
ASP OD1  O N N 64  
ASP OD2  O N N 65  
ASP OXT  O N N 66  
ASP H    H N N 67  
ASP H2   H N N 68  
ASP HA   H N N 69  
ASP HB2  H N N 70  
ASP HB3  H N N 71  
ASP HD2  H N N 72  
ASP HXT  H N N 73  
CYS N    N N N 74  
CYS CA   C N R 75  
CYS C    C N N 76  
CYS O    O N N 77  
CYS CB   C N N 78  
CYS SG   S N N 79  
CYS OXT  O N N 80  
CYS H    H N N 81  
CYS H2   H N N 82  
CYS HA   H N N 83  
CYS HB2  H N N 84  
CYS HB3  H N N 85  
CYS HG   H N N 86  
CYS HXT  H N N 87  
GLN N    N N N 88  
GLN CA   C N S 89  
GLN C    C N N 90  
GLN O    O N N 91  
GLN CB   C N N 92  
GLN CG   C N N 93  
GLN CD   C N N 94  
GLN OE1  O N N 95  
GLN NE2  N N N 96  
GLN OXT  O N N 97  
GLN H    H N N 98  
GLN H2   H N N 99  
GLN HA   H N N 100 
GLN HB2  H N N 101 
GLN HB3  H N N 102 
GLN HG2  H N N 103 
GLN HG3  H N N 104 
GLN HE21 H N N 105 
GLN HE22 H N N 106 
GLN HXT  H N N 107 
GLU N    N N N 108 
GLU CA   C N S 109 
GLU C    C N N 110 
GLU O    O N N 111 
GLU CB   C N N 112 
GLU CG   C N N 113 
GLU CD   C N N 114 
GLU OE1  O N N 115 
GLU OE2  O N N 116 
GLU OXT  O N N 117 
GLU H    H N N 118 
GLU H2   H N N 119 
GLU HA   H N N 120 
GLU HB2  H N N 121 
GLU HB3  H N N 122 
GLU HG2  H N N 123 
GLU HG3  H N N 124 
GLU HE2  H N N 125 
GLU HXT  H N N 126 
GLY N    N N N 127 
GLY CA   C N N 128 
GLY C    C N N 129 
GLY O    O N N 130 
GLY OXT  O N N 131 
GLY H    H N N 132 
GLY H2   H N N 133 
GLY HA2  H N N 134 
GLY HA3  H N N 135 
GLY HXT  H N N 136 
HIS N    N N N 137 
HIS CA   C N S 138 
HIS C    C N N 139 
HIS O    O N N 140 
HIS CB   C N N 141 
HIS CG   C Y N 142 
HIS ND1  N Y N 143 
HIS CD2  C Y N 144 
HIS CE1  C Y N 145 
HIS NE2  N Y N 146 
HIS OXT  O N N 147 
HIS H    H N N 148 
HIS H2   H N N 149 
HIS HA   H N N 150 
HIS HB2  H N N 151 
HIS HB3  H N N 152 
HIS HD1  H N N 153 
HIS HD2  H N N 154 
HIS HE1  H N N 155 
HIS HE2  H N N 156 
HIS HXT  H N N 157 
HOH O    O N N 158 
HOH H1   H N N 159 
HOH H2   H N N 160 
ILE N    N N N 161 
ILE CA   C N S 162 
ILE C    C N N 163 
ILE O    O N N 164 
ILE CB   C N S 165 
ILE CG1  C N N 166 
ILE CG2  C N N 167 
ILE CD1  C N N 168 
ILE OXT  O N N 169 
ILE H    H N N 170 
ILE H2   H N N 171 
ILE HA   H N N 172 
ILE HB   H N N 173 
ILE HG12 H N N 174 
ILE HG13 H N N 175 
ILE HG21 H N N 176 
ILE HG22 H N N 177 
ILE HG23 H N N 178 
ILE HD11 H N N 179 
ILE HD12 H N N 180 
ILE HD13 H N N 181 
ILE HXT  H N N 182 
LEU N    N N N 183 
LEU CA   C N S 184 
LEU C    C N N 185 
LEU O    O N N 186 
LEU CB   C N N 187 
LEU CG   C N N 188 
LEU CD1  C N N 189 
LEU CD2  C N N 190 
LEU OXT  O N N 191 
LEU H    H N N 192 
LEU H2   H N N 193 
LEU HA   H N N 194 
LEU HB2  H N N 195 
LEU HB3  H N N 196 
LEU HG   H N N 197 
LEU HD11 H N N 198 
LEU HD12 H N N 199 
LEU HD13 H N N 200 
LEU HD21 H N N 201 
LEU HD22 H N N 202 
LEU HD23 H N N 203 
LEU HXT  H N N 204 
LYS N    N N N 205 
LYS CA   C N S 206 
LYS C    C N N 207 
LYS O    O N N 208 
LYS CB   C N N 209 
LYS CG   C N N 210 
LYS CD   C N N 211 
LYS CE   C N N 212 
LYS NZ   N N N 213 
LYS OXT  O N N 214 
LYS H    H N N 215 
LYS H2   H N N 216 
LYS HA   H N N 217 
LYS HB2  H N N 218 
LYS HB3  H N N 219 
LYS HG2  H N N 220 
LYS HG3  H N N 221 
LYS HD2  H N N 222 
LYS HD3  H N N 223 
LYS HE2  H N N 224 
LYS HE3  H N N 225 
LYS HZ1  H N N 226 
LYS HZ2  H N N 227 
LYS HZ3  H N N 228 
LYS HXT  H N N 229 
MET N    N N N 230 
MET CA   C N S 231 
MET C    C N N 232 
MET O    O N N 233 
MET CB   C N N 234 
MET CG   C N N 235 
MET SD   S N N 236 
MET CE   C N N 237 
MET OXT  O N N 238 
MET H    H N N 239 
MET H2   H N N 240 
MET HA   H N N 241 
MET HB2  H N N 242 
MET HB3  H N N 243 
MET HG2  H N N 244 
MET HG3  H N N 245 
MET HE1  H N N 246 
MET HE2  H N N 247 
MET HE3  H N N 248 
MET HXT  H N N 249 
PHE N    N N N 250 
PHE CA   C N S 251 
PHE C    C N N 252 
PHE O    O N N 253 
PHE CB   C N N 254 
PHE CG   C Y N 255 
PHE CD1  C Y N 256 
PHE CD2  C Y N 257 
PHE CE1  C Y N 258 
PHE CE2  C Y N 259 
PHE CZ   C Y N 260 
PHE OXT  O N N 261 
PHE H    H N N 262 
PHE H2   H N N 263 
PHE HA   H N N 264 
PHE HB2  H N N 265 
PHE HB3  H N N 266 
PHE HD1  H N N 267 
PHE HD2  H N N 268 
PHE HE1  H N N 269 
PHE HE2  H N N 270 
PHE HZ   H N N 271 
PHE HXT  H N N 272 
PRO N    N N N 273 
PRO CA   C N S 274 
PRO C    C N N 275 
PRO O    O N N 276 
PRO CB   C N N 277 
PRO CG   C N N 278 
PRO CD   C N N 279 
PRO OXT  O N N 280 
PRO H    H N N 281 
PRO HA   H N N 282 
PRO HB2  H N N 283 
PRO HB3  H N N 284 
PRO HG2  H N N 285 
PRO HG3  H N N 286 
PRO HD2  H N N 287 
PRO HD3  H N N 288 
PRO HXT  H N N 289 
SER N    N N N 290 
SER CA   C N S 291 
SER C    C N N 292 
SER O    O N N 293 
SER CB   C N N 294 
SER OG   O N N 295 
SER OXT  O N N 296 
SER H    H N N 297 
SER H2   H N N 298 
SER HA   H N N 299 
SER HB2  H N N 300 
SER HB3  H N N 301 
SER HG   H N N 302 
SER HXT  H N N 303 
THR N    N N N 304 
THR CA   C N S 305 
THR C    C N N 306 
THR O    O N N 307 
THR CB   C N R 308 
THR OG1  O N N 309 
THR CG2  C N N 310 
THR OXT  O N N 311 
THR H    H N N 312 
THR H2   H N N 313 
THR HA   H N N 314 
THR HB   H N N 315 
THR HG1  H N N 316 
THR HG21 H N N 317 
THR HG22 H N N 318 
THR HG23 H N N 319 
THR HXT  H N N 320 
TRS C    C N N 321 
TRS C1   C N N 322 
TRS C2   C N N 323 
TRS C3   C N N 324 
TRS N    N N N 325 
TRS O1   O N N 326 
TRS O2   O N N 327 
TRS O3   O N N 328 
TRS H11  H N N 329 
TRS H12  H N N 330 
TRS H21  H N N 331 
TRS H22  H N N 332 
TRS H31  H N N 333 
TRS H32  H N N 334 
TRS HN1  H N N 335 
TRS HN2  H N N 336 
TRS HN3  H N N 337 
TRS HO1  H N N 338 
TRS HO2  H N N 339 
TRS HO3  H N N 340 
TYR N    N N N 341 
TYR CA   C N S 342 
TYR C    C N N 343 
TYR O    O N N 344 
TYR CB   C N N 345 
TYR CG   C Y N 346 
TYR CD1  C Y N 347 
TYR CD2  C Y N 348 
TYR CE1  C Y N 349 
TYR CE2  C Y N 350 
TYR CZ   C Y N 351 
TYR OH   O N N 352 
TYR OXT  O N N 353 
TYR H    H N N 354 
TYR H2   H N N 355 
TYR HA   H N N 356 
TYR HB2  H N N 357 
TYR HB3  H N N 358 
TYR HD1  H N N 359 
TYR HD2  H N N 360 
TYR HE1  H N N 361 
TYR HE2  H N N 362 
TYR HH   H N N 363 
TYR HXT  H N N 364 
VAL N    N N N 365 
VAL CA   C N S 366 
VAL C    C N N 367 
VAL O    O N N 368 
VAL CB   C N N 369 
VAL CG1  C N N 370 
VAL CG2  C N N 371 
VAL OXT  O N N 372 
VAL H    H N N 373 
VAL H2   H N N 374 
VAL HA   H N N 375 
VAL HB   H N N 376 
VAL HG11 H N N 377 
VAL HG12 H N N 378 
VAL HG13 H N N 379 
VAL HG21 H N N 380 
VAL HG22 H N N 381 
VAL HG23 H N N 382 
VAL HXT  H N N 383 
# 
loop_
_chem_comp_bond.comp_id 
_chem_comp_bond.atom_id_1 
_chem_comp_bond.atom_id_2 
_chem_comp_bond.value_order 
_chem_comp_bond.pdbx_aromatic_flag 
_chem_comp_bond.pdbx_stereo_config 
_chem_comp_bond.pdbx_ordinal 
ALA N   CA   sing N N 1   
ALA N   H    sing N N 2   
ALA N   H2   sing N N 3   
ALA CA  C    sing N N 4   
ALA CA  CB   sing N N 5   
ALA CA  HA   sing N N 6   
ALA C   O    doub N N 7   
ALA C   OXT  sing N N 8   
ALA CB  HB1  sing N N 9   
ALA CB  HB2  sing N N 10  
ALA CB  HB3  sing N N 11  
ALA OXT HXT  sing N N 12  
ARG N   CA   sing N N 13  
ARG N   H    sing N N 14  
ARG N   H2   sing N N 15  
ARG CA  C    sing N N 16  
ARG CA  CB   sing N N 17  
ARG CA  HA   sing N N 18  
ARG C   O    doub N N 19  
ARG C   OXT  sing N N 20  
ARG CB  CG   sing N N 21  
ARG CB  HB2  sing N N 22  
ARG CB  HB3  sing N N 23  
ARG CG  CD   sing N N 24  
ARG CG  HG2  sing N N 25  
ARG CG  HG3  sing N N 26  
ARG CD  NE   sing N N 27  
ARG CD  HD2  sing N N 28  
ARG CD  HD3  sing N N 29  
ARG NE  CZ   sing N N 30  
ARG NE  HE   sing N N 31  
ARG CZ  NH1  sing N N 32  
ARG CZ  NH2  doub N N 33  
ARG NH1 HH11 sing N N 34  
ARG NH1 HH12 sing N N 35  
ARG NH2 HH21 sing N N 36  
ARG NH2 HH22 sing N N 37  
ARG OXT HXT  sing N N 38  
ASN N   CA   sing N N 39  
ASN N   H    sing N N 40  
ASN N   H2   sing N N 41  
ASN CA  C    sing N N 42  
ASN CA  CB   sing N N 43  
ASN CA  HA   sing N N 44  
ASN C   O    doub N N 45  
ASN C   OXT  sing N N 46  
ASN CB  CG   sing N N 47  
ASN CB  HB2  sing N N 48  
ASN CB  HB3  sing N N 49  
ASN CG  OD1  doub N N 50  
ASN CG  ND2  sing N N 51  
ASN ND2 HD21 sing N N 52  
ASN ND2 HD22 sing N N 53  
ASN OXT HXT  sing N N 54  
ASP N   CA   sing N N 55  
ASP N   H    sing N N 56  
ASP N   H2   sing N N 57  
ASP CA  C    sing N N 58  
ASP CA  CB   sing N N 59  
ASP CA  HA   sing N N 60  
ASP C   O    doub N N 61  
ASP C   OXT  sing N N 62  
ASP CB  CG   sing N N 63  
ASP CB  HB2  sing N N 64  
ASP CB  HB3  sing N N 65  
ASP CG  OD1  doub N N 66  
ASP CG  OD2  sing N N 67  
ASP OD2 HD2  sing N N 68  
ASP OXT HXT  sing N N 69  
CYS N   CA   sing N N 70  
CYS N   H    sing N N 71  
CYS N   H2   sing N N 72  
CYS CA  C    sing N N 73  
CYS CA  CB   sing N N 74  
CYS CA  HA   sing N N 75  
CYS C   O    doub N N 76  
CYS C   OXT  sing N N 77  
CYS CB  SG   sing N N 78  
CYS CB  HB2  sing N N 79  
CYS CB  HB3  sing N N 80  
CYS SG  HG   sing N N 81  
CYS OXT HXT  sing N N 82  
GLN N   CA   sing N N 83  
GLN N   H    sing N N 84  
GLN N   H2   sing N N 85  
GLN CA  C    sing N N 86  
GLN CA  CB   sing N N 87  
GLN CA  HA   sing N N 88  
GLN C   O    doub N N 89  
GLN C   OXT  sing N N 90  
GLN CB  CG   sing N N 91  
GLN CB  HB2  sing N N 92  
GLN CB  HB3  sing N N 93  
GLN CG  CD   sing N N 94  
GLN CG  HG2  sing N N 95  
GLN CG  HG3  sing N N 96  
GLN CD  OE1  doub N N 97  
GLN CD  NE2  sing N N 98  
GLN NE2 HE21 sing N N 99  
GLN NE2 HE22 sing N N 100 
GLN OXT HXT  sing N N 101 
GLU N   CA   sing N N 102 
GLU N   H    sing N N 103 
GLU N   H2   sing N N 104 
GLU CA  C    sing N N 105 
GLU CA  CB   sing N N 106 
GLU CA  HA   sing N N 107 
GLU C   O    doub N N 108 
GLU C   OXT  sing N N 109 
GLU CB  CG   sing N N 110 
GLU CB  HB2  sing N N 111 
GLU CB  HB3  sing N N 112 
GLU CG  CD   sing N N 113 
GLU CG  HG2  sing N N 114 
GLU CG  HG3  sing N N 115 
GLU CD  OE1  doub N N 116 
GLU CD  OE2  sing N N 117 
GLU OE2 HE2  sing N N 118 
GLU OXT HXT  sing N N 119 
GLY N   CA   sing N N 120 
GLY N   H    sing N N 121 
GLY N   H2   sing N N 122 
GLY CA  C    sing N N 123 
GLY CA  HA2  sing N N 124 
GLY CA  HA3  sing N N 125 
GLY C   O    doub N N 126 
GLY C   OXT  sing N N 127 
GLY OXT HXT  sing N N 128 
HIS N   CA   sing N N 129 
HIS N   H    sing N N 130 
HIS N   H2   sing N N 131 
HIS CA  C    sing N N 132 
HIS CA  CB   sing N N 133 
HIS CA  HA   sing N N 134 
HIS C   O    doub N N 135 
HIS C   OXT  sing N N 136 
HIS CB  CG   sing N N 137 
HIS CB  HB2  sing N N 138 
HIS CB  HB3  sing N N 139 
HIS CG  ND1  sing Y N 140 
HIS CG  CD2  doub Y N 141 
HIS ND1 CE1  doub Y N 142 
HIS ND1 HD1  sing N N 143 
HIS CD2 NE2  sing Y N 144 
HIS CD2 HD2  sing N N 145 
HIS CE1 NE2  sing Y N 146 
HIS CE1 HE1  sing N N 147 
HIS NE2 HE2  sing N N 148 
HIS OXT HXT  sing N N 149 
HOH O   H1   sing N N 150 
HOH O   H2   sing N N 151 
ILE N   CA   sing N N 152 
ILE N   H    sing N N 153 
ILE N   H2   sing N N 154 
ILE CA  C    sing N N 155 
ILE CA  CB   sing N N 156 
ILE CA  HA   sing N N 157 
ILE C   O    doub N N 158 
ILE C   OXT  sing N N 159 
ILE CB  CG1  sing N N 160 
ILE CB  CG2  sing N N 161 
ILE CB  HB   sing N N 162 
ILE CG1 CD1  sing N N 163 
ILE CG1 HG12 sing N N 164 
ILE CG1 HG13 sing N N 165 
ILE CG2 HG21 sing N N 166 
ILE CG2 HG22 sing N N 167 
ILE CG2 HG23 sing N N 168 
ILE CD1 HD11 sing N N 169 
ILE CD1 HD12 sing N N 170 
ILE CD1 HD13 sing N N 171 
ILE OXT HXT  sing N N 172 
LEU N   CA   sing N N 173 
LEU N   H    sing N N 174 
LEU N   H2   sing N N 175 
LEU CA  C    sing N N 176 
LEU CA  CB   sing N N 177 
LEU CA  HA   sing N N 178 
LEU C   O    doub N N 179 
LEU C   OXT  sing N N 180 
LEU CB  CG   sing N N 181 
LEU CB  HB2  sing N N 182 
LEU CB  HB3  sing N N 183 
LEU CG  CD1  sing N N 184 
LEU CG  CD2  sing N N 185 
LEU CG  HG   sing N N 186 
LEU CD1 HD11 sing N N 187 
LEU CD1 HD12 sing N N 188 
LEU CD1 HD13 sing N N 189 
LEU CD2 HD21 sing N N 190 
LEU CD2 HD22 sing N N 191 
LEU CD2 HD23 sing N N 192 
LEU OXT HXT  sing N N 193 
LYS N   CA   sing N N 194 
LYS N   H    sing N N 195 
LYS N   H2   sing N N 196 
LYS CA  C    sing N N 197 
LYS CA  CB   sing N N 198 
LYS CA  HA   sing N N 199 
LYS C   O    doub N N 200 
LYS C   OXT  sing N N 201 
LYS CB  CG   sing N N 202 
LYS CB  HB2  sing N N 203 
LYS CB  HB3  sing N N 204 
LYS CG  CD   sing N N 205 
LYS CG  HG2  sing N N 206 
LYS CG  HG3  sing N N 207 
LYS CD  CE   sing N N 208 
LYS CD  HD2  sing N N 209 
LYS CD  HD3  sing N N 210 
LYS CE  NZ   sing N N 211 
LYS CE  HE2  sing N N 212 
LYS CE  HE3  sing N N 213 
LYS NZ  HZ1  sing N N 214 
LYS NZ  HZ2  sing N N 215 
LYS NZ  HZ3  sing N N 216 
LYS OXT HXT  sing N N 217 
MET N   CA   sing N N 218 
MET N   H    sing N N 219 
MET N   H2   sing N N 220 
MET CA  C    sing N N 221 
MET CA  CB   sing N N 222 
MET CA  HA   sing N N 223 
MET C   O    doub N N 224 
MET C   OXT  sing N N 225 
MET CB  CG   sing N N 226 
MET CB  HB2  sing N N 227 
MET CB  HB3  sing N N 228 
MET CG  SD   sing N N 229 
MET CG  HG2  sing N N 230 
MET CG  HG3  sing N N 231 
MET SD  CE   sing N N 232 
MET CE  HE1  sing N N 233 
MET CE  HE2  sing N N 234 
MET CE  HE3  sing N N 235 
MET OXT HXT  sing N N 236 
PHE N   CA   sing N N 237 
PHE N   H    sing N N 238 
PHE N   H2   sing N N 239 
PHE CA  C    sing N N 240 
PHE CA  CB   sing N N 241 
PHE CA  HA   sing N N 242 
PHE C   O    doub N N 243 
PHE C   OXT  sing N N 244 
PHE CB  CG   sing N N 245 
PHE CB  HB2  sing N N 246 
PHE CB  HB3  sing N N 247 
PHE CG  CD1  doub Y N 248 
PHE CG  CD2  sing Y N 249 
PHE CD1 CE1  sing Y N 250 
PHE CD1 HD1  sing N N 251 
PHE CD2 CE2  doub Y N 252 
PHE CD2 HD2  sing N N 253 
PHE CE1 CZ   doub Y N 254 
PHE CE1 HE1  sing N N 255 
PHE CE2 CZ   sing Y N 256 
PHE CE2 HE2  sing N N 257 
PHE CZ  HZ   sing N N 258 
PHE OXT HXT  sing N N 259 
PRO N   CA   sing N N 260 
PRO N   CD   sing N N 261 
PRO N   H    sing N N 262 
PRO CA  C    sing N N 263 
PRO CA  CB   sing N N 264 
PRO CA  HA   sing N N 265 
PRO C   O    doub N N 266 
PRO C   OXT  sing N N 267 
PRO CB  CG   sing N N 268 
PRO CB  HB2  sing N N 269 
PRO CB  HB3  sing N N 270 
PRO CG  CD   sing N N 271 
PRO CG  HG2  sing N N 272 
PRO CG  HG3  sing N N 273 
PRO CD  HD2  sing N N 274 
PRO CD  HD3  sing N N 275 
PRO OXT HXT  sing N N 276 
SER N   CA   sing N N 277 
SER N   H    sing N N 278 
SER N   H2   sing N N 279 
SER CA  C    sing N N 280 
SER CA  CB   sing N N 281 
SER CA  HA   sing N N 282 
SER C   O    doub N N 283 
SER C   OXT  sing N N 284 
SER CB  OG   sing N N 285 
SER CB  HB2  sing N N 286 
SER CB  HB3  sing N N 287 
SER OG  HG   sing N N 288 
SER OXT HXT  sing N N 289 
THR N   CA   sing N N 290 
THR N   H    sing N N 291 
THR N   H2   sing N N 292 
THR CA  C    sing N N 293 
THR CA  CB   sing N N 294 
THR CA  HA   sing N N 295 
THR C   O    doub N N 296 
THR C   OXT  sing N N 297 
THR CB  OG1  sing N N 298 
THR CB  CG2  sing N N 299 
THR CB  HB   sing N N 300 
THR OG1 HG1  sing N N 301 
THR CG2 HG21 sing N N 302 
THR CG2 HG22 sing N N 303 
THR CG2 HG23 sing N N 304 
THR OXT HXT  sing N N 305 
TRS C   C1   sing N N 306 
TRS C   C2   sing N N 307 
TRS C   C3   sing N N 308 
TRS C   N    sing N N 309 
TRS C1  O1   sing N N 310 
TRS C1  H11  sing N N 311 
TRS C1  H12  sing N N 312 
TRS C2  O2   sing N N 313 
TRS C2  H21  sing N N 314 
TRS C2  H22  sing N N 315 
TRS C3  O3   sing N N 316 
TRS C3  H31  sing N N 317 
TRS C3  H32  sing N N 318 
TRS N   HN1  sing N N 319 
TRS N   HN2  sing N N 320 
TRS N   HN3  sing N N 321 
TRS O1  HO1  sing N N 322 
TRS O2  HO2  sing N N 323 
TRS O3  HO3  sing N N 324 
TYR N   CA   sing N N 325 
TYR N   H    sing N N 326 
TYR N   H2   sing N N 327 
TYR CA  C    sing N N 328 
TYR CA  CB   sing N N 329 
TYR CA  HA   sing N N 330 
TYR C   O    doub N N 331 
TYR C   OXT  sing N N 332 
TYR CB  CG   sing N N 333 
TYR CB  HB2  sing N N 334 
TYR CB  HB3  sing N N 335 
TYR CG  CD1  doub Y N 336 
TYR CG  CD2  sing Y N 337 
TYR CD1 CE1  sing Y N 338 
TYR CD1 HD1  sing N N 339 
TYR CD2 CE2  doub Y N 340 
TYR CD2 HD2  sing N N 341 
TYR CE1 CZ   doub Y N 342 
TYR CE1 HE1  sing N N 343 
TYR CE2 CZ   sing Y N 344 
TYR CE2 HE2  sing N N 345 
TYR CZ  OH   sing N N 346 
TYR OH  HH   sing N N 347 
TYR OXT HXT  sing N N 348 
VAL N   CA   sing N N 349 
VAL N   H    sing N N 350 
VAL N   H2   sing N N 351 
VAL CA  C    sing N N 352 
VAL CA  CB   sing N N 353 
VAL CA  HA   sing N N 354 
VAL C   O    doub N N 355 
VAL C   OXT  sing N N 356 
VAL CB  CG1  sing N N 357 
VAL CB  CG2  sing N N 358 
VAL CB  HB   sing N N 359 
VAL CG1 HG11 sing N N 360 
VAL CG1 HG12 sing N N 361 
VAL CG1 HG13 sing N N 362 
VAL CG2 HG21 sing N N 363 
VAL CG2 HG22 sing N N 364 
VAL CG2 HG23 sing N N 365 
VAL OXT HXT  sing N N 366 
# 
_atom_sites.entry_id                    1R1M 
_atom_sites.fract_transf_matrix[1][1]   -0.01123746 
_atom_sites.fract_transf_matrix[1][2]   0.01000748 
_atom_sites.fract_transf_matrix[1][3]   0.00464428 
_atom_sites.fract_transf_matrix[2][1]   -0.01071874 
_atom_sites.fract_transf_matrix[2][2]   -0.01147334 
_atom_sites.fract_transf_matrix[2][3]   -0.00121269 
_atom_sites.fract_transf_matrix[3][1]   0.00197866 
_atom_sites.fract_transf_matrix[3][2]   -0.00304898 
_atom_sites.fract_transf_matrix[3][3]   0.01135756 
_atom_sites.fract_transf_vector[1]      0.385513 
_atom_sites.fract_transf_vector[2]      0.335176 
_atom_sites.fract_transf_vector[3]      0.135694 
# 
loop_
_atom_type.symbol 
C 
N 
O 
S 
# 
loop_
_atom_site.group_PDB 
_atom_site.id 
_atom_site.type_symbol 
_atom_site.label_atom_id 
_atom_site.label_alt_id 
_atom_site.label_comp_id 
_atom_site.label_asym_id 
_atom_site.label_entity_id 
_atom_site.label_seq_id 
_atom_site.pdbx_PDB_ins_code 
_atom_site.Cartn_x 
_atom_site.Cartn_y 
_atom_site.Cartn_z 
_atom_site.occupancy 
_atom_site.B_iso_or_equiv 
_atom_site.pdbx_formal_charge 
_atom_site.auth_seq_id 
_atom_site.auth_comp_id 
_atom_site.auth_asym_id 
_atom_site.auth_atom_id 
_atom_site.pdbx_PDB_model_num 
ATOM   1    N N   . PRO A 1 4   ? -8.742  -15.738 -22.520 1.00 44.78 ? 68  PRO A N   1 
ATOM   2    C CA  . PRO A 1 4   ? -9.846  -14.779 -22.747 1.00 43.58 ? 68  PRO A CA  1 
ATOM   3    C C   . PRO A 1 4   ? -9.359  -13.337 -22.626 1.00 41.87 ? 68  PRO A C   1 
ATOM   4    O O   . PRO A 1 4   ? -8.155  -13.081 -22.597 1.00 41.59 ? 68  PRO A O   1 
ATOM   5    C CB  . PRO A 1 4   ? -10.903 -15.075 -21.697 1.00 44.83 ? 68  PRO A CB  1 
ATOM   6    C CG  . PRO A 1 4   ? -10.034 -15.595 -20.556 1.00 44.25 ? 68  PRO A CG  1 
ATOM   7    C CD  . PRO A 1 4   ? -8.966  -16.463 -21.255 1.00 45.27 ? 68  PRO A CD  1 
ATOM   8    N N   . GLN A 1 5   ? -10.302 -12.404 -22.552 1.00 40.70 ? 69  GLN A N   1 
ATOM   9    C CA  . GLN A 1 5   ? -9.981  -10.985 -22.433 1.00 39.31 ? 69  GLN A CA  1 
ATOM   10   C C   . GLN A 1 5   ? -9.901  -10.591 -20.961 1.00 36.20 ? 69  GLN A C   1 
ATOM   11   O O   . GLN A 1 5   ? -10.786 -10.923 -20.178 1.00 35.80 ? 69  GLN A O   1 
ATOM   12   C CB  . GLN A 1 5   ? -11.056 -10.139 -23.122 1.00 41.92 ? 69  GLN A CB  1 
ATOM   13   C CG  . GLN A 1 5   ? -11.232 -10.419 -24.610 1.00 46.28 ? 69  GLN A CG  1 
ATOM   14   C CD  . GLN A 1 5   ? -9.997  -10.079 -25.425 1.00 48.72 ? 69  GLN A CD  1 
ATOM   15   O OE1 . GLN A 1 5   ? -8.943  -10.699 -25.271 1.00 50.96 ? 69  GLN A OE1 1 
ATOM   16   N NE2 . GLN A 1 5   ? -10.122 -9.085  -26.296 1.00 50.59 ? 69  GLN A NE2 1 
ATOM   17   N N   . TYR A 1 6   ? -8.840  -9.881  -20.591 1.00 34.09 ? 70  TYR A N   1 
ATOM   18   C CA  . TYR A 1 6   ? -8.665  -9.447  -19.210 1.00 30.64 ? 70  TYR A CA  1 
ATOM   19   C C   . TYR A 1 6   ? -8.602  -7.938  -19.069 1.00 29.51 ? 70  TYR A C   1 
ATOM   20   O O   . TYR A 1 6   ? -8.278  -7.217  -20.013 1.00 28.60 ? 70  TYR A O   1 
ATOM   21   C CB  . TYR A 1 6   ? -7.373  -10.004 -18.618 1.00 31.15 ? 70  TYR A CB  1 
ATOM   22   C CG  . TYR A 1 6   ? -7.314  -11.501 -18.513 1.00 32.52 ? 70  TYR A CG  1 
ATOM   23   C CD1 . TYR A 1 6   ? -6.257  -12.210 -19.079 1.00 33.72 ? 70  TYR A CD1 1 
ATOM   24   C CD2 . TYR A 1 6   ? -8.296  -12.213 -17.825 1.00 32.79 ? 70  TYR A CD2 1 
ATOM   25   C CE1 . TYR A 1 6   ? -6.173  -13.591 -18.962 1.00 34.76 ? 70  TYR A CE1 1 
ATOM   26   C CE2 . TYR A 1 6   ? -8.224  -13.597 -17.702 1.00 34.50 ? 70  TYR A CE2 1 
ATOM   27   C CZ  . TYR A 1 6   ? -7.157  -14.280 -18.273 1.00 35.17 ? 70  TYR A CZ  1 
ATOM   28   O OH  . TYR A 1 6   ? -7.062  -15.646 -18.150 1.00 36.01 ? 70  TYR A OH  1 
ATOM   29   N N   . VAL A 1 7   ? -8.917  -7.480  -17.866 1.00 24.44 ? 71  VAL A N   1 
ATOM   30   C CA  . VAL A 1 7   ? -8.842  -6.076  -17.511 1.00 23.65 ? 71  VAL A CA  1 
ATOM   31   C C   . VAL A 1 7   ? -8.132  -6.143  -16.172 1.00 21.67 ? 71  VAL A C   1 
ATOM   32   O O   . VAL A 1 7   ? -8.471  -6.977  -15.331 1.00 21.87 ? 71  VAL A O   1 
ATOM   33   C CB  . VAL A 1 7   ? -10.228 -5.433  -17.318 1.00 24.51 ? 71  VAL A CB  1 
ATOM   34   C CG1 . VAL A 1 7   ? -10.075 -4.061  -16.672 1.00 26.16 ? 71  VAL A CG1 1 
ATOM   35   C CG2 . VAL A 1 7   ? -10.924 -5.292  -18.660 1.00 25.88 ? 71  VAL A CG2 1 
ATOM   36   N N   . ASP A 1 8   ? -7.121  -5.307  -15.987 1.00 20.77 ? 72  ASP A N   1 
ATOM   37   C CA  . ASP A 1 8   ? -6.390  -5.311  -14.730 1.00 19.28 ? 72  ASP A CA  1 
ATOM   38   C C   . ASP A 1 8   ? -6.595  -3.980  -14.046 1.00 19.31 ? 72  ASP A C   1 
ATOM   39   O O   . ASP A 1 8   ? -6.476  -2.930  -14.666 1.00 21.09 ? 72  ASP A O   1 
ATOM   40   C CB  . ASP A 1 8   ? -4.901  -5.562  -14.966 1.00 21.01 ? 72  ASP A CB  1 
ATOM   41   C CG  . ASP A 1 8   ? -4.622  -6.963  -15.482 1.00 23.35 ? 72  ASP A CG  1 
ATOM   42   O OD1 . ASP A 1 8   ? -5.010  -7.937  -14.801 1.00 21.33 ? 72  ASP A OD1 1 
ATOM   43   O OD2 . ASP A 1 8   ? -4.020  -7.091  -16.568 1.00 23.77 ? 72  ASP A OD2 1 
ATOM   44   N N   . GLU A 1 9   ? -6.932  -4.033  -12.765 1.00 16.70 ? 73  GLU A N   1 
ATOM   45   C CA  . GLU A 1 9   ? -7.150  -2.822  -11.993 1.00 16.91 ? 73  GLU A CA  1 
ATOM   46   C C   . GLU A 1 9   ? -6.201  -2.825  -10.814 1.00 16.53 ? 73  GLU A C   1 
ATOM   47   O O   . GLU A 1 9   ? -5.896  -3.877  -10.249 1.00 16.29 ? 73  GLU A O   1 
ATOM   48   C CB  . GLU A 1 9   ? -8.572  -2.773  -11.435 1.00 18.13 ? 73  GLU A CB  1 
ATOM   49   C CG  . GLU A 1 9   ? -9.688  -2.874  -12.428 1.00 23.19 ? 73  GLU A CG  1 
ATOM   50   C CD  . GLU A 1 9   ? -11.029 -2.941  -11.726 1.00 26.88 ? 73  GLU A CD  1 
ATOM   51   O OE1 . GLU A 1 9   ? -11.329 -2.025  -10.933 1.00 30.64 ? 73  GLU A OE1 1 
ATOM   52   O OE2 . GLU A 1 9   ? -11.775 -3.912  -11.954 1.00 31.15 ? 73  GLU A OE2 1 
ATOM   53   N N   . THR A 1 10  ? -5.741  -1.638  -10.445 1.00 17.16 ? 74  THR A N   1 
ATOM   54   C CA  . THR A 1 10  ? -4.860  -1.484  -9.305  1.00 15.93 ? 74  THR A CA  1 
ATOM   55   C C   . THR A 1 10  ? -5.475  -0.375  -8.464  1.00 16.64 ? 74  THR A C   1 
ATOM   56   O O   . THR A 1 10  ? -5.615  0.755   -8.929  1.00 16.55 ? 74  THR A O   1 
ATOM   57   C CB  . THR A 1 10  ? -3.437  -1.055  -9.718  1.00 15.92 ? 74  THR A CB  1 
ATOM   58   O OG1 . THR A 1 10  ? -2.842  -2.072  -10.534 1.00 15.80 ? 74  THR A OG1 1 
ATOM   59   C CG2 . THR A 1 10  ? -2.564  -0.840  -8.477  1.00 17.99 ? 74  THR A CG2 1 
ATOM   60   N N   . ILE A 1 11  ? -5.874  -0.711  -7.245  1.00 15.95 ? 75  ILE A N   1 
ATOM   61   C CA  . ILE A 1 11  ? -6.449  0.273   -6.340  1.00 16.08 ? 75  ILE A CA  1 
ATOM   62   C C   . ILE A 1 11  ? -5.341  0.576   -5.334  1.00 16.04 ? 75  ILE A C   1 
ATOM   63   O O   . ILE A 1 11  ? -4.982  -0.288  -4.531  1.00 15.47 ? 75  ILE A O   1 
ATOM   64   C CB  . ILE A 1 11  ? -7.697  -0.280  -5.590  1.00 18.15 ? 75  ILE A CB  1 
ATOM   65   C CG1 . ILE A 1 11  ? -8.809  -0.650  -6.587  1.00 21.33 ? 75  ILE A CG1 1 
ATOM   66   C CG2 . ILE A 1 11  ? -8.248  0.788   -4.650  1.00 17.51 ? 75  ILE A CG2 1 
ATOM   67   C CD1 . ILE A 1 11  ? -8.486  -1.803  -7.493  1.00 25.40 ? 75  ILE A CD1 1 
ATOM   68   N N   . SER A 1 12  ? -4.780  1.782   -5.405  1.00 15.00 ? 76  SER A N   1 
ATOM   69   C CA  . SER A 1 12  ? -3.696  2.179   -4.506  1.00 16.74 ? 76  SER A CA  1 
ATOM   70   C C   . SER A 1 12  ? -4.222  2.953   -3.315  1.00 16.61 ? 76  SER A C   1 
ATOM   71   O O   . SER A 1 12  ? -4.771  4.044   -3.468  1.00 16.67 ? 76  SER A O   1 
ATOM   72   C CB  . SER A 1 12  ? -2.657  3.041   -5.241  1.00 17.35 ? 76  SER A CB  1 
ATOM   73   O OG  . SER A 1 12  ? -2.093  2.344   -6.341  1.00 23.08 ? 76  SER A OG  1 
ATOM   74   N N   . LEU A 1 13  ? -4.054  2.380   -2.129  1.00 15.88 ? 77  LEU A N   1 
ATOM   75   C CA  . LEU A 1 13  ? -4.500  3.012   -0.896  1.00 16.06 ? 77  LEU A CA  1 
ATOM   76   C C   . LEU A 1 13  ? -3.258  3.318   -0.067  1.00 15.91 ? 77  LEU A C   1 
ATOM   77   O O   . LEU A 1 13  ? -2.531  2.405   0.327   1.00 14.05 ? 77  LEU A O   1 
ATOM   78   C CB  . LEU A 1 13  ? -5.420  2.058   -0.134  1.00 20.29 ? 77  LEU A CB  1 
ATOM   79   C CG  . LEU A 1 13  ? -6.585  1.542   -0.987  1.00 22.77 ? 77  LEU A CG  1 
ATOM   80   C CD1 . LEU A 1 13  ? -7.342  0.450   -0.260  1.00 25.47 ? 77  LEU A CD1 1 
ATOM   81   C CD2 . LEU A 1 13  ? -7.495  2.698   -1.305  1.00 25.09 ? 77  LEU A CD2 1 
ATOM   82   N N   . SER A 1 14  ? -3.010  4.598   0.187   1.00 15.39 ? 78  SER A N   1 
ATOM   83   C CA  . SER A 1 14  ? -1.836  4.997   0.955   1.00 15.47 ? 78  SER A CA  1 
ATOM   84   C C   . SER A 1 14  ? -1.912  4.461   2.377   1.00 14.12 ? 78  SER A C   1 
ATOM   85   O O   . SER A 1 14  ? -3.001  4.279   2.927   1.00 13.16 ? 78  SER A O   1 
ATOM   86   C CB  . SER A 1 14  ? -1.719  6.526   1.000   1.00 17.36 ? 78  SER A CB  1 
ATOM   87   O OG  . SER A 1 14  ? -2.759  7.086   1.779   1.00 19.92 ? 78  SER A OG  1 
ATOM   88   N N   . ALA A 1 15  ? -0.751  4.202   2.968   1.00 14.93 ? 79  ALA A N   1 
ATOM   89   C CA  . ALA A 1 15  ? -0.708  3.713   4.340   1.00 15.71 ? 79  ALA A CA  1 
ATOM   90   C C   . ALA A 1 15  ? -1.309  4.787   5.249   1.00 16.06 ? 79  ALA A C   1 
ATOM   91   O O   . ALA A 1 15  ? -1.905  4.479   6.285   1.00 17.64 ? 79  ALA A O   1 
ATOM   92   C CB  . ALA A 1 15  ? 0.738   3.421   4.755   1.00 14.10 ? 79  ALA A CB  1 
ATOM   93   N N   . LYS A 1 16  ? -1.152  6.049   4.859   1.00 17.13 ? 80  LYS A N   1 
ATOM   94   C CA  . LYS A 1 16  ? -1.687  7.154   5.652   1.00 17.95 ? 80  LYS A CA  1 
ATOM   95   C C   . LYS A 1 16  ? -3.197  7.016   5.794   1.00 18.92 ? 80  LYS A C   1 
ATOM   96   O O   . LYS A 1 16  ? -3.732  7.071   6.901   1.00 17.92 ? 80  LYS A O   1 
ATOM   97   C CB  . LYS A 1 16  ? -1.370  8.500   4.995   1.00 20.62 ? 80  LYS A CB  1 
ATOM   98   C CG  . LYS A 1 16  ? -1.881  9.705   5.785   1.00 24.20 ? 80  LYS A CG  1 
ATOM   99   C CD  . LYS A 1 16  ? -1.212  9.784   7.152   1.00 27.45 ? 80  LYS A CD  1 
ATOM   100  C CE  . LYS A 1 16  ? -1.588  11.063  7.891   1.00 32.19 ? 80  LYS A CE  1 
ATOM   101  N NZ  . LYS A 1 16  ? -0.850  11.184  9.178   1.00 31.00 ? 80  LYS A NZ  1 
ATOM   102  N N   . THR A 1 17  ? -3.869  6.827   4.662   1.00 18.05 ? 81  THR A N   1 
ATOM   103  C CA  . THR A 1 17  ? -5.319  6.672   4.630   1.00 19.17 ? 81  THR A CA  1 
ATOM   104  C C   . THR A 1 17  ? -5.762  5.405   5.356   1.00 17.93 ? 81  THR A C   1 
ATOM   105  O O   . THR A 1 17  ? -6.738  5.417   6.111   1.00 17.32 ? 81  THR A O   1 
ATOM   106  C CB  . THR A 1 17  ? -5.831  6.618   3.167   1.00 20.68 ? 81  THR A CB  1 
ATOM   107  O OG1 . THR A 1 17  ? -5.551  7.866   2.520   1.00 22.83 ? 81  THR A OG1 1 
ATOM   108  C CG2 . THR A 1 17  ? -7.328  6.361   3.122   1.00 22.62 ? 81  THR A CG2 1 
ATOM   109  N N   . LEU A 1 18  ? -5.032  4.318   5.129   1.00 16.35 ? 82  LEU A N   1 
ATOM   110  C CA  . LEU A 1 18  ? -5.343  3.029   5.733   1.00 15.63 ? 82  LEU A CA  1 
ATOM   111  C C   . LEU A 1 18  ? -5.103  2.922   7.234   1.00 18.28 ? 82  LEU A C   1 
ATOM   112  O O   . LEU A 1 18  ? -5.992  2.518   7.991   1.00 17.92 ? 82  LEU A O   1 
ATOM   113  C CB  . LEU A 1 18  ? -4.534  1.921   5.044   1.00 15.19 ? 82  LEU A CB  1 
ATOM   114  C CG  . LEU A 1 18  ? -4.836  1.588   3.578   1.00 15.68 ? 82  LEU A CG  1 
ATOM   115  C CD1 . LEU A 1 18  ? -3.784  0.627   3.032   1.00 15.15 ? 82  LEU A CD1 1 
ATOM   116  C CD2 . LEU A 1 18  ? -6.219  0.963   3.482   1.00 18.25 ? 82  LEU A CD2 1 
ATOM   117  N N   . PHE A 1 19  ? -3.906  3.302   7.664   1.00 17.68 ? 83  PHE A N   1 
ATOM   118  C CA  . PHE A 1 19  ? -3.524  3.163   9.058   1.00 20.55 ? 83  PHE A CA  1 
ATOM   119  C C   . PHE A 1 19  ? -3.184  4.434   9.820   1.00 22.52 ? 83  PHE A C   1 
ATOM   120  O O   . PHE A 1 19  ? -2.828  4.359   10.994  1.00 24.29 ? 83  PHE A O   1 
ATOM   121  C CB  . PHE A 1 19  ? -2.329  2.211   9.133   1.00 18.73 ? 83  PHE A CB  1 
ATOM   122  C CG  . PHE A 1 19  ? -2.487  0.979   8.288   1.00 17.73 ? 83  PHE A CG  1 
ATOM   123  C CD1 . PHE A 1 19  ? -3.447  0.024   8.601   1.00 17.05 ? 83  PHE A CD1 1 
ATOM   124  C CD2 . PHE A 1 19  ? -1.696  0.792   7.160   1.00 16.44 ? 83  PHE A CD2 1 
ATOM   125  C CE1 . PHE A 1 19  ? -3.616  -1.102  7.802   1.00 16.26 ? 83  PHE A CE1 1 
ATOM   126  C CE2 . PHE A 1 19  ? -1.855  -0.336  6.351   1.00 14.64 ? 83  PHE A CE2 1 
ATOM   127  C CZ  . PHE A 1 19  ? -2.820  -1.280  6.674   1.00 16.32 ? 83  PHE A CZ  1 
ATOM   128  N N   . GLY A 1 20  ? -3.286  5.589   9.172   1.00 24.32 ? 84  GLY A N   1 
ATOM   129  C CA  . GLY A 1 20  ? -2.947  6.828   9.850   1.00 26.90 ? 84  GLY A CA  1 
ATOM   130  C C   . GLY A 1 20  ? -1.512  6.747   10.341  1.00 28.12 ? 84  GLY A C   1 
ATOM   131  O O   . GLY A 1 20  ? -0.587  6.607   9.539   1.00 27.78 ? 84  GLY A O   1 
ATOM   132  N N   . PHE A 1 21  ? -1.325  6.819   11.656  1.00 28.66 ? 85  PHE A N   1 
ATOM   133  C CA  . PHE A 1 21  ? 0.005   6.744   12.256  1.00 29.73 ? 85  PHE A CA  1 
ATOM   134  C C   . PHE A 1 21  ? 0.247   5.385   12.901  1.00 29.20 ? 85  PHE A C   1 
ATOM   135  O O   . PHE A 1 21  ? 1.344   5.109   13.389  1.00 28.69 ? 85  PHE A O   1 
ATOM   136  C CB  . PHE A 1 21  ? 0.172   7.836   13.321  1.00 32.88 ? 85  PHE A CB  1 
ATOM   137  C CG  . PHE A 1 21  ? 0.332   9.219   12.758  1.00 34.81 ? 85  PHE A CG  1 
ATOM   138  C CD1 . PHE A 1 21  ? 1.491   9.578   12.077  1.00 36.53 ? 85  PHE A CD1 1 
ATOM   139  C CD2 . PHE A 1 21  ? -0.676  10.168  12.911  1.00 36.48 ? 85  PHE A CD2 1 
ATOM   140  C CE1 . PHE A 1 21  ? 1.646   10.863  11.559  1.00 37.30 ? 85  PHE A CE1 1 
ATOM   141  C CE2 . PHE A 1 21  ? -0.532  11.455  12.397  1.00 36.67 ? 85  PHE A CE2 1 
ATOM   142  C CZ  . PHE A 1 21  ? 0.631   11.804  11.720  1.00 37.21 ? 85  PHE A CZ  1 
ATOM   143  N N   . ASP A 1 22  ? -0.777  4.536   12.902  1.00 28.66 ? 86  ASP A N   1 
ATOM   144  C CA  . ASP A 1 22  ? -0.672  3.213   13.506  1.00 28.53 ? 86  ASP A CA  1 
ATOM   145  C C   . ASP A 1 22  ? -0.027  2.186   12.596  1.00 26.58 ? 86  ASP A C   1 
ATOM   146  O O   . ASP A 1 22  ? 0.040   2.369   11.383  1.00 25.81 ? 86  ASP A O   1 
ATOM   147  C CB  . ASP A 1 22  ? -2.052  2.706   13.921  1.00 31.59 ? 86  ASP A CB  1 
ATOM   148  C CG  . ASP A 1 22  ? -2.674  3.549   15.009  1.00 35.13 ? 86  ASP A CG  1 
ATOM   149  O OD1 . ASP A 1 22  ? -1.985  3.797   16.026  1.00 37.22 ? 86  ASP A OD1 1 
ATOM   150  O OD2 . ASP A 1 22  ? -3.846  3.958   14.853  1.00 34.54 ? 86  ASP A OD2 1 
ATOM   151  N N   . LYS A 1 23  ? 0.441   1.096   13.193  1.00 25.27 ? 87  LYS A N   1 
ATOM   152  C CA  . LYS A 1 23  ? 1.076   0.038   12.429  1.00 24.50 ? 87  LYS A CA  1 
ATOM   153  C C   . LYS A 1 23  ? 0.106   -0.709  11.518  1.00 23.04 ? 87  LYS A C   1 
ATOM   154  O O   . LYS A 1 23  ? 0.346   -0.820  10.315  1.00 23.26 ? 87  LYS A O   1 
ATOM   155  C CB  . LYS A 1 23  ? 1.749   -0.979  13.355  1.00 26.44 ? 87  LYS A CB  1 
ATOM   156  C CG  . LYS A 1 23  ? 2.279   -2.193  12.603  1.00 29.09 ? 87  LYS A CG  1 
ATOM   157  C CD  . LYS A 1 23  ? 2.878   -3.246  13.517  1.00 31.67 ? 87  LYS A CD  1 
ATOM   158  C CE  . LYS A 1 23  ? 3.373   -4.429  12.696  1.00 32.54 ? 87  LYS A CE  1 
ATOM   159  N NZ  . LYS A 1 23  ? 4.146   -5.406  13.497  1.00 34.55 ? 87  LYS A NZ  1 
ATOM   160  N N   . ASP A 1 24  ? -0.994  -1.209  12.079  1.00 21.39 ? 88  ASP A N   1 
ATOM   161  C CA  . ASP A 1 24  ? -1.928  -1.991  11.267  1.00 19.99 ? 88  ASP A CA  1 
ATOM   162  C C   . ASP A 1 24  ? -3.418  -1.889  11.588  1.00 20.43 ? 88  ASP A C   1 
ATOM   163  O O   . ASP A 1 24  ? -4.189  -2.765  11.202  1.00 19.89 ? 88  ASP A O   1 
ATOM   164  C CB  . ASP A 1 24  ? -1.512  -3.464  11.309  1.00 19.00 ? 88  ASP A CB  1 
ATOM   165  C CG  . ASP A 1 24  ? -1.445  -4.011  12.724  1.00 20.27 ? 88  ASP A CG  1 
ATOM   166  O OD1 . ASP A 1 24  ? -1.915  -3.323  13.652  1.00 20.48 ? 88  ASP A OD1 1 
ATOM   167  O OD2 . ASP A 1 24  ? -0.926  -5.129  12.911  1.00 22.36 ? 88  ASP A OD2 1 
ATOM   168  N N   . SER A 1 25  ? -3.833  -0.839  12.288  1.00 20.42 ? 89  SER A N   1 
ATOM   169  C CA  . SER A 1 25  ? -5.248  -0.677  12.610  1.00 21.57 ? 89  SER A CA  1 
ATOM   170  C C   . SER A 1 25  ? -5.925  0.116   11.494  1.00 19.95 ? 89  SER A C   1 
ATOM   171  O O   . SER A 1 25  ? -5.591  1.268   11.262  1.00 19.61 ? 89  SER A O   1 
ATOM   172  C CB  . SER A 1 25  ? -5.416  0.055   13.945  1.00 24.01 ? 89  SER A CB  1 
ATOM   173  O OG  . SER A 1 25  ? -4.968  -0.754  15.020  1.00 30.24 ? 89  SER A OG  1 
ATOM   174  N N   . LEU A 1 26  ? -6.870  -0.510  10.802  1.00 19.88 ? 90  LEU A N   1 
ATOM   175  C CA  . LEU A 1 26  ? -7.576  0.150   9.710   1.00 19.89 ? 90  LEU A CA  1 
ATOM   176  C C   . LEU A 1 26  ? -8.489  1.259   10.188  1.00 21.53 ? 90  LEU A C   1 
ATOM   177  O O   . LEU A 1 26  ? -9.343  1.044   11.051  1.00 21.44 ? 90  LEU A O   1 
ATOM   178  C CB  . LEU A 1 26  ? -8.425  -0.853  8.930   1.00 19.99 ? 90  LEU A CB  1 
ATOM   179  C CG  . LEU A 1 26  ? -7.726  -1.778  7.940   1.00 20.94 ? 90  LEU A CG  1 
ATOM   180  C CD1 . LEU A 1 26  ? -8.742  -2.770  7.389   1.00 20.43 ? 90  LEU A CD1 1 
ATOM   181  C CD2 . LEU A 1 26  ? -7.108  -0.955  6.809   1.00 17.64 ? 90  LEU A CD2 1 
ATOM   182  N N   . ARG A 1 27  ? -8.320  2.444   9.619   1.00 20.35 ? 91  ARG A N   1 
ATOM   183  C CA  . ARG A 1 27  ? -9.179  3.555   9.985   1.00 23.69 ? 91  ARG A CA  1 
ATOM   184  C C   . ARG A 1 27  ? -10.599 3.213   9.516   1.00 24.44 ? 91  ARG A C   1 
ATOM   185  O O   . ARG A 1 27  ? -10.784 2.466   8.548   1.00 21.42 ? 91  ARG A O   1 
ATOM   186  C CB  . ARG A 1 27  ? -8.659  4.839   9.341   1.00 25.30 ? 91  ARG A CB  1 
ATOM   187  C CG  . ARG A 1 27  ? -7.275  5.210   9.875   1.00 30.63 ? 91  ARG A CG  1 
ATOM   188  C CD  . ARG A 1 27  ? -6.604  6.315   9.088   1.00 34.95 ? 91  ARG A CD  1 
ATOM   189  N NE  . ARG A 1 27  ? -7.359  7.564   9.129   1.00 39.80 ? 91  ARG A NE  1 
ATOM   190  C CZ  . ARG A 1 27  ? -8.225  7.948   8.198   1.00 41.39 ? 91  ARG A CZ  1 
ATOM   191  N NH1 . ARG A 1 27  ? -8.452  7.181   7.138   1.00 41.29 ? 91  ARG A NH1 1 
ATOM   192  N NH2 . ARG A 1 27  ? -8.863  9.106   8.328   1.00 42.38 ? 91  ARG A NH2 1 
ATOM   193  N N   . ALA A 1 28  ? -11.596 3.736   10.220  1.00 24.81 ? 92  ALA A N   1 
ATOM   194  C CA  . ALA A 1 28  ? -12.989 3.471   9.885   1.00 26.10 ? 92  ALA A CA  1 
ATOM   195  C C   . ALA A 1 28  ? -13.326 3.828   8.440   1.00 25.65 ? 92  ALA A C   1 
ATOM   196  O O   . ALA A 1 28  ? -13.986 3.059   7.745   1.00 24.88 ? 92  ALA A O   1 
ATOM   197  C CB  . ALA A 1 28  ? -13.907 4.231   10.839  1.00 27.69 ? 92  ALA A CB  1 
ATOM   198  N N   . GLU A 1 29  ? -12.866 4.993   7.993   1.00 25.70 ? 93  GLU A N   1 
ATOM   199  C CA  . GLU A 1 29  ? -13.131 5.451   6.634   1.00 27.97 ? 93  GLU A CA  1 
ATOM   200  C C   . GLU A 1 29  ? -12.505 4.498   5.625   1.00 26.25 ? 93  GLU A C   1 
ATOM   201  O O   . GLU A 1 29  ? -13.039 4.296   4.536   1.00 25.41 ? 93  GLU A O   1 
ATOM   202  C CB  . GLU A 1 29  ? -12.560 6.852   6.406   1.00 32.46 ? 93  GLU A CB  1 
ATOM   203  C CG  . GLU A 1 29  ? -12.908 7.874   7.476   1.00 40.10 ? 93  GLU A CG  1 
ATOM   204  C CD  . GLU A 1 29  ? -12.044 7.740   8.716   1.00 43.37 ? 93  GLU A CD  1 
ATOM   205  O OE1 . GLU A 1 29  ? -12.211 6.761   9.473   1.00 45.78 ? 93  GLU A OE1 1 
ATOM   206  O OE2 . GLU A 1 29  ? -11.185 8.620   8.931   1.00 48.30 ? 93  GLU A OE2 1 
ATOM   207  N N   . ALA A 1 30  ? -11.364 3.926   5.990   1.00 23.73 ? 94  ALA A N   1 
ATOM   208  C CA  . ALA A 1 30  ? -10.676 2.990   5.111   1.00 24.48 ? 94  ALA A CA  1 
ATOM   209  C C   . ALA A 1 30  ? -11.546 1.746   4.965   1.00 23.35 ? 94  ALA A C   1 
ATOM   210  O O   . ALA A 1 30  ? -11.725 1.226   3.862   1.00 23.86 ? 94  ALA A O   1 
ATOM   211  C CB  . ALA A 1 30  ? -9.316  2.622   5.694   1.00 23.05 ? 94  ALA A CB  1 
ATOM   212  N N   . GLN A 1 31  ? -12.086 1.277   6.085   1.00 22.98 ? 95  GLN A N   1 
ATOM   213  C CA  . GLN A 1 31  ? -12.954 0.102   6.088   1.00 23.05 ? 95  GLN A CA  1 
ATOM   214  C C   . GLN A 1 31  ? -14.187 0.326   5.216   1.00 23.35 ? 95  GLN A C   1 
ATOM   215  O O   . GLN A 1 31  ? -14.641 -0.586  4.523   1.00 22.24 ? 95  GLN A O   1 
ATOM   216  C CB  . GLN A 1 31  ? -13.379 -0.234  7.519   1.00 22.71 ? 95  GLN A CB  1 
ATOM   217  C CG  . GLN A 1 31  ? -12.317 -0.964  8.312   1.00 24.37 ? 95  GLN A CG  1 
ATOM   218  C CD  . GLN A 1 31  ? -12.604 -0.968  9.799   1.00 25.11 ? 95  GLN A CD  1 
ATOM   219  O OE1 . GLN A 1 31  ? -12.123 -0.103  10.537  1.00 23.28 ? 95  GLN A OE1 1 
ATOM   220  N NE2 . GLN A 1 31  ? -13.402 -1.929  10.247  1.00 23.12 ? 95  GLN A NE2 1 
ATOM   221  N N   . ASP A 1 32  ? -14.731 1.539   5.247   1.00 24.00 ? 96  ASP A N   1 
ATOM   222  C CA  . ASP A 1 32  ? -15.899 1.838   4.429   1.00 24.95 ? 96  ASP A CA  1 
ATOM   223  C C   . ASP A 1 32  ? -15.567 1.716   2.945   1.00 24.62 ? 96  ASP A C   1 
ATOM   224  O O   . ASP A 1 32  ? -16.324 1.116   2.181   1.00 24.39 ? 96  ASP A O   1 
ATOM   225  C CB  . ASP A 1 32  ? -16.424 3.247   4.718   1.00 29.79 ? 96  ASP A CB  1 
ATOM   226  C CG  . ASP A 1 32  ? -16.927 3.403   6.140   1.00 32.58 ? 96  ASP A CG  1 
ATOM   227  O OD1 . ASP A 1 32  ? -17.470 2.420   6.691   1.00 32.56 ? 96  ASP A OD1 1 
ATOM   228  O OD2 . ASP A 1 32  ? -16.788 4.513   6.698   1.00 36.34 ? 96  ASP A OD2 1 
ATOM   229  N N   . ASN A 1 33  ? -14.430 2.276   2.542   1.00 23.10 ? 97  ASN A N   1 
ATOM   230  C CA  . ASN A 1 33  ? -14.010 2.231   1.144   1.00 22.49 ? 97  ASN A CA  1 
ATOM   231  C C   . ASN A 1 33  ? -13.723 0.796   0.689   1.00 20.65 ? 97  ASN A C   1 
ATOM   232  O O   . ASN A 1 33  ? -14.071 0.411   -0.432  1.00 16.71 ? 97  ASN A O   1 
ATOM   233  C CB  . ASN A 1 33  ? -12.772 3.118   0.937   1.00 25.92 ? 97  ASN A CB  1 
ATOM   234  C CG  . ASN A 1 33  ? -12.376 3.251   -0.536  1.00 28.70 ? 97  ASN A CG  1 
ATOM   235  O OD1 . ASN A 1 33  ? -11.682 2.397   -1.085  1.00 28.42 ? 97  ASN A OD1 1 
ATOM   236  N ND2 . ASN A 1 33  ? -12.827 4.329   -1.177  1.00 29.41 ? 97  ASN A ND2 1 
ATOM   237  N N   . LEU A 1 34  ? -13.101 0.006   1.562   1.00 18.39 ? 98  LEU A N   1 
ATOM   238  C CA  . LEU A 1 34  ? -12.786 -1.379  1.229   1.00 17.22 ? 98  LEU A CA  1 
ATOM   239  C C   . LEU A 1 34  ? -14.053 -2.226  1.139   1.00 17.75 ? 98  LEU A C   1 
ATOM   240  O O   . LEU A 1 34  ? -14.127 -3.169  0.342   1.00 15.58 ? 98  LEU A O   1 
ATOM   241  C CB  . LEU A 1 34  ? -11.825 -1.975  2.267   1.00 18.04 ? 98  LEU A CB  1 
ATOM   242  C CG  . LEU A 1 34  ? -10.391 -1.433  2.208   1.00 16.30 ? 98  LEU A CG  1 
ATOM   243  C CD1 . LEU A 1 34  ? -9.565  -2.016  3.353   1.00 17.33 ? 98  LEU A CD1 1 
ATOM   244  C CD2 . LEU A 1 34  ? -9.762  -1.810  0.861   1.00 17.71 ? 98  LEU A CD2 1 
ATOM   245  N N   . LYS A 1 35  ? -15.054 -1.894  1.949   1.00 17.17 ? 99  LYS A N   1 
ATOM   246  C CA  . LYS A 1 35  ? -16.297 -2.652  1.909   1.00 17.69 ? 99  LYS A CA  1 
ATOM   247  C C   . LYS A 1 35  ? -16.953 -2.435  0.550   1.00 16.40 ? 99  LYS A C   1 
ATOM   248  O O   . LYS A 1 35  ? -17.427 -3.378  -0.079  1.00 16.88 ? 99  LYS A O   1 
ATOM   249  C CB  . LYS A 1 35  ? -17.257 -2.207  3.017   1.00 17.62 ? 99  LYS A CB  1 
ATOM   250  C CG  . LYS A 1 35  ? -18.518 -3.066  3.071   1.00 20.55 ? 99  LYS A CG  1 
ATOM   251  C CD  . LYS A 1 35  ? -19.603 -2.461  3.959   1.00 23.95 ? 99  LYS A CD  1 
ATOM   252  C CE  . LYS A 1 35  ? -19.186 -2.392  5.412   1.00 26.12 ? 99  LYS A CE  1 
ATOM   253  N NZ  . LYS A 1 35  ? -20.262 -1.759  6.246   1.00 27.13 ? 99  LYS A NZ  1 
ATOM   254  N N   . VAL A 1 36  ? -16.977 -1.185  0.100   1.00 16.02 ? 100 VAL A N   1 
ATOM   255  C CA  . VAL A 1 36  ? -17.566 -0.863  -1.192  1.00 16.06 ? 100 VAL A CA  1 
ATOM   256  C C   . VAL A 1 36  ? -16.822 -1.612  -2.294  1.00 15.59 ? 100 VAL A C   1 
ATOM   257  O O   . VAL A 1 36  ? -17.441 -2.153  -3.216  1.00 16.86 ? 100 VAL A O   1 
ATOM   258  C CB  . VAL A 1 36  ? -17.519 0.655   -1.453  1.00 16.95 ? 100 VAL A CB  1 
ATOM   259  C CG1 . VAL A 1 36  ? -17.993 0.965   -2.874  1.00 20.06 ? 100 VAL A CG1 1 
ATOM   260  C CG2 . VAL A 1 36  ? -18.417 1.368   -0.434  1.00 20.20 ? 100 VAL A CG2 1 
ATOM   261  N N   . LEU A 1 37  ? -15.497 -1.664  -2.190  1.00 15.22 ? 101 LEU A N   1 
ATOM   262  C CA  . LEU A 1 37  ? -14.695 -2.372  -3.183  1.00 15.42 ? 101 LEU A CA  1 
ATOM   263  C C   . LEU A 1 37  ? -15.053 -3.858  -3.180  1.00 15.19 ? 101 LEU A C   1 
ATOM   264  O O   . LEU A 1 37  ? -15.290 -4.451  -4.232  1.00 14.60 ? 101 LEU A O   1 
ATOM   265  C CB  . LEU A 1 37  ? -13.196 -2.198  -2.892  1.00 13.85 ? 101 LEU A CB  1 
ATOM   266  C CG  . LEU A 1 37  ? -12.242 -2.986  -3.801  1.00 16.85 ? 101 LEU A CG  1 
ATOM   267  C CD1 . LEU A 1 37  ? -12.438 -2.563  -5.259  1.00 15.99 ? 101 LEU A CD1 1 
ATOM   268  C CD2 . LEU A 1 37  ? -10.797 -2.749  -3.356  1.00 15.80 ? 101 LEU A CD2 1 
ATOM   269  N N   . ALA A 1 38  ? -15.088 -4.464  -1.995  1.00 15.79 ? 102 ALA A N   1 
ATOM   270  C CA  . ALA A 1 38  ? -15.424 -5.879  -1.890  1.00 16.54 ? 102 ALA A CA  1 
ATOM   271  C C   . ALA A 1 38  ? -16.792 -6.151  -2.518  1.00 17.94 ? 102 ALA A C   1 
ATOM   272  O O   . ALA A 1 38  ? -16.971 -7.139  -3.235  1.00 18.48 ? 102 ALA A O   1 
ATOM   273  C CB  . ALA A 1 38  ? -15.422 -6.320  -0.415  1.00 16.92 ? 102 ALA A CB  1 
ATOM   274  N N   . GLN A 1 39  ? -17.754 -5.271  -2.260  1.00 18.95 ? 103 GLN A N   1 
ATOM   275  C CA  . GLN A 1 39  ? -19.089 -5.449  -2.815  1.00 22.18 ? 103 GLN A CA  1 
ATOM   276  C C   . GLN A 1 39  ? -19.049 -5.436  -4.342  1.00 21.80 ? 103 GLN A C   1 
ATOM   277  O O   . GLN A 1 39  ? -19.694 -6.257  -4.992  1.00 20.70 ? 103 GLN A O   1 
ATOM   278  C CB  . GLN A 1 39  ? -20.028 -4.366  -2.272  1.00 26.07 ? 103 GLN A CB  1 
ATOM   279  C CG  . GLN A 1 39  ? -20.398 -4.600  -0.807  1.00 31.45 ? 103 GLN A CG  1 
ATOM   280  C CD  . GLN A 1 39  ? -21.075 -3.410  -0.142  1.00 35.46 ? 103 GLN A CD  1 
ATOM   281  O OE1 . GLN A 1 39  ? -21.539 -3.512  0.995   1.00 38.03 ? 103 GLN A OE1 1 
ATOM   282  N NE2 . GLN A 1 39  ? -21.127 -2.278  -0.839  1.00 37.88 ? 103 GLN A NE2 1 
ATOM   283  N N   . ARG A 1 40  ? -18.270 -4.524  -4.911  1.00 21.40 ? 104 ARG A N   1 
ATOM   284  C CA  . ARG A 1 40  ? -18.146 -4.432  -6.360  1.00 21.67 ? 104 ARG A CA  1 
ATOM   285  C C   . ARG A 1 40  ? -17.524 -5.703  -6.921  1.00 21.89 ? 104 ARG A C   1 
ATOM   286  O O   . ARG A 1 40  ? -18.005 -6.261  -7.913  1.00 23.06 ? 104 ARG A O   1 
ATOM   287  C CB  . ARG A 1 40  ? -17.283 -3.224  -6.746  1.00 22.97 ? 104 ARG A CB  1 
ATOM   288  C CG  . ARG A 1 40  ? -17.026 -3.095  -8.245  1.00 24.98 ? 104 ARG A CG  1 
ATOM   289  C CD  . ARG A 1 40  ? -16.538 -1.701  -8.601  1.00 25.61 ? 104 ARG A CD  1 
ATOM   290  N NE  . ARG A 1 40  ? -15.165 -1.419  -8.182  1.00 27.05 ? 104 ARG A NE  1 
ATOM   291  C CZ  . ARG A 1 40  ? -14.081 -1.893  -8.791  1.00 26.11 ? 104 ARG A CZ  1 
ATOM   292  N NH1 . ARG A 1 40  ? -14.206 -2.686  -9.847  1.00 27.41 ? 104 ARG A NH1 1 
ATOM   293  N NH2 . ARG A 1 40  ? -12.870 -1.546  -8.370  1.00 24.80 ? 104 ARG A NH2 1 
ATOM   294  N N   . LEU A 1 41  ? -16.456 -6.167  -6.281  1.00 21.33 ? 105 LEU A N   1 
ATOM   295  C CA  . LEU A 1 41  ? -15.768 -7.371  -6.729  1.00 23.06 ? 105 LEU A CA  1 
ATOM   296  C C   . LEU A 1 41  ? -16.666 -8.611  -6.701  1.00 25.12 ? 105 LEU A C   1 
ATOM   297  O O   . LEU A 1 41  ? -16.467 -9.548  -7.481  1.00 24.84 ? 105 LEU A O   1 
ATOM   298  C CB  . LEU A 1 41  ? -14.515 -7.604  -5.880  1.00 20.83 ? 105 LEU A CB  1 
ATOM   299  C CG  . LEU A 1 41  ? -13.435 -6.520  -5.983  1.00 21.15 ? 105 LEU A CG  1 
ATOM   300  C CD1 . LEU A 1 41  ? -12.258 -6.878  -5.091  1.00 19.80 ? 105 LEU A CD1 1 
ATOM   301  C CD2 . LEU A 1 41  ? -12.983 -6.378  -7.437  1.00 21.36 ? 105 LEU A CD2 1 
ATOM   302  N N   . SER A 1 42  ? -17.659 -8.616  -5.815  1.00 26.62 ? 106 SER A N   1 
ATOM   303  C CA  . SER A 1 42  ? -18.569 -9.756  -5.720  1.00 29.81 ? 106 SER A CA  1 
ATOM   304  C C   . SER A 1 42  ? -19.568 -9.744  -6.878  1.00 30.38 ? 106 SER A C   1 
ATOM   305  O O   . SER A 1 42  ? -20.284 -10.717 -7.100  1.00 32.27 ? 106 SER A O   1 
ATOM   306  C CB  . SER A 1 42  ? -19.316 -9.742  -4.381  1.00 31.00 ? 106 SER A CB  1 
ATOM   307  O OG  . SER A 1 42  ? -20.268 -8.697  -4.336  1.00 33.36 ? 106 SER A OG  1 
ATOM   308  N N   . ARG A 1 43  ? -19.601 -8.634  -7.610  1.00 30.52 ? 107 ARG A N   1 
ATOM   309  C CA  . ARG A 1 43  ? -20.483 -8.474  -8.765  1.00 30.67 ? 107 ARG A CA  1 
ATOM   310  C C   . ARG A 1 43  ? -19.643 -8.388  -10.038 1.00 29.18 ? 107 ARG A C   1 
ATOM   311  O O   . ARG A 1 43  ? -20.125 -7.977  -11.097 1.00 29.56 ? 107 ARG A O   1 
ATOM   312  C CB  . ARG A 1 43  ? -21.315 -7.192  -8.617  1.00 32.50 ? 107 ARG A CB  1 
ATOM   313  C CG  . ARG A 1 43  ? -22.258 -7.190  -7.419  1.00 32.10 ? 107 ARG A CG  1 
ATOM   314  C CD  . ARG A 1 43  ? -23.360 -8.221  -7.592  0.00 30.15 ? 107 ARG A CD  1 
ATOM   315  N NE  . ARG A 1 43  ? -24.270 -8.249  -6.452  0.00 29.36 ? 107 ARG A NE  1 
ATOM   316  C CZ  . ARG A 1 43  ? -25.340 -9.033  -6.371  0.00 28.44 ? 107 ARG A CZ  1 
ATOM   317  N NH1 . ARG A 1 43  ? -25.637 -9.857  -7.367  0.00 28.38 ? 107 ARG A NH1 1 
ATOM   318  N NH2 . ARG A 1 43  ? -26.112 -8.996  -5.294  0.00 28.38 ? 107 ARG A NH2 1 
ATOM   319  N N   . THR A 1 44  ? -18.379 -8.782  -9.922  1.00 27.50 ? 108 THR A N   1 
ATOM   320  C CA  . THR A 1 44  ? -17.438 -8.736  -11.037 1.00 25.09 ? 108 THR A CA  1 
ATOM   321  C C   . THR A 1 44  ? -16.917 -10.127 -11.408 1.00 22.99 ? 108 THR A C   1 
ATOM   322  O O   . THR A 1 44  ? -16.768 -10.995 -10.547 1.00 21.20 ? 108 THR A O   1 
ATOM   323  C CB  . THR A 1 44  ? -16.236 -7.832  -10.679 1.00 25.26 ? 108 THR A CB  1 
ATOM   324  O OG1 . THR A 1 44  ? -16.708 -6.512  -10.387 1.00 27.64 ? 108 THR A OG1 1 
ATOM   325  C CG2 . THR A 1 44  ? -15.235 -7.762  -11.834 1.00 27.06 ? 108 THR A CG2 1 
ATOM   326  N N   . ASN A 1 45  ? -16.640 -10.323 -12.693 1.00 20.67 ? 109 ASN A N   1 
ATOM   327  C CA  . ASN A 1 45  ? -16.132 -11.596 -13.201 1.00 21.07 ? 109 ASN A CA  1 
ATOM   328  C C   . ASN A 1 45  ? -14.633 -11.662 -12.893 1.00 19.46 ? 109 ASN A C   1 
ATOM   329  O O   . ASN A 1 45  ? -13.795 -11.654 -13.798 1.00 20.52 ? 109 ASN A O   1 
ATOM   330  C CB  . ASN A 1 45  ? -16.361 -11.673 -14.716 1.00 20.52 ? 109 ASN A CB  1 
ATOM   331  C CG  . ASN A 1 45  ? -16.312 -13.094 -15.252 1.00 22.05 ? 109 ASN A CG  1 
ATOM   332  O OD1 . ASN A 1 45  ? -16.404 -13.314 -16.462 1.00 21.85 ? 109 ASN A OD1 1 
ATOM   333  N ND2 . ASN A 1 45  ? -16.177 -14.062 -14.357 1.00 15.77 ? 109 ASN A ND2 1 
ATOM   334  N N   . ILE A 1 46  ? -14.306 -11.747 -11.609 1.00 19.00 ? 110 ILE A N   1 
ATOM   335  C CA  . ILE A 1 46  ? -12.914 -11.762 -11.175 1.00 17.32 ? 110 ILE A CA  1 
ATOM   336  C C   . ILE A 1 46  ? -12.160 -13.081 -11.291 1.00 16.37 ? 110 ILE A C   1 
ATOM   337  O O   . ILE A 1 46  ? -12.740 -14.167 -11.258 1.00 15.12 ? 110 ILE A O   1 
ATOM   338  C CB  . ILE A 1 46  ? -12.784 -11.288 -9.703  1.00 18.43 ? 110 ILE A CB  1 
ATOM   339  C CG1 . ILE A 1 46  ? -13.496 -12.270 -8.770  1.00 18.84 ? 110 ILE A CG1 1 
ATOM   340  C CG2 . ILE A 1 46  ? -13.382 -9.889  -9.545  1.00 18.17 ? 110 ILE A CG2 1 
ATOM   341  C CD1 . ILE A 1 46  ? -13.276 -11.984 -7.288  1.00 19.72 ? 110 ILE A CD1 1 
ATOM   342  N N   . GLN A 1 47  ? -10.847 -12.963 -11.433 1.00 14.94 ? 111 GLN A N   1 
ATOM   343  C CA  . GLN A 1 47  ? -9.971  -14.120 -11.499 1.00 16.06 ? 111 GLN A CA  1 
ATOM   344  C C   . GLN A 1 47  ? -9.076  -14.086 -10.265 1.00 15.96 ? 111 GLN A C   1 
ATOM   345  O O   . GLN A 1 47  ? -8.953  -15.071 -9.539  1.00 16.21 ? 111 GLN A O   1 
ATOM   346  C CB  . GLN A 1 47  ? -9.110  -14.080 -12.759 1.00 17.08 ? 111 GLN A CB  1 
ATOM   347  C CG  . GLN A 1 47  ? -8.038  -15.158 -12.777 1.00 23.16 ? 111 GLN A CG  1 
ATOM   348  C CD  . GLN A 1 47  ? -7.613  -15.523 -14.178 1.00 28.27 ? 111 GLN A CD  1 
ATOM   349  O OE1 . GLN A 1 47  ? -8.409  -16.055 -14.961 1.00 31.75 ? 111 GLN A OE1 1 
ATOM   350  N NE2 . GLN A 1 47  ? -6.358  -15.237 -14.510 1.00 29.97 ? 111 GLN A NE2 1 
ATOM   351  N N   . SER A 1 48  ? -8.460  -12.937 -10.016 1.00 16.26 ? 112 SER A N   1 
ATOM   352  C CA  . SER A 1 48  ? -7.581  -12.819 -8.858  1.00 15.10 ? 112 SER A CA  1 
ATOM   353  C C   . SER A 1 48  ? -7.621  -11.452 -8.195  1.00 15.28 ? 112 SER A C   1 
ATOM   354  O O   . SER A 1 48  ? -7.867  -10.431 -8.843  1.00 14.15 ? 112 SER A O   1 
ATOM   355  C CB  . SER A 1 48  ? -6.142  -13.133 -9.274  1.00 16.39 ? 112 SER A CB  1 
ATOM   356  O OG  . SER A 1 48  ? -5.712  -12.238 -10.281 1.00 17.05 ? 112 SER A OG  1 
ATOM   357  N N   . VAL A 1 49  ? -7.384  -11.450 -6.888  1.00 13.28 ? 113 VAL A N   1 
ATOM   358  C CA  . VAL A 1 49  ? -7.335  -10.224 -6.106  1.00 13.21 ? 113 VAL A CA  1 
ATOM   359  C C   . VAL A 1 49  ? -6.048  -10.360 -5.296  1.00 13.79 ? 113 VAL A C   1 
ATOM   360  O O   . VAL A 1 49  ? -6.017  -11.036 -4.270  1.00 14.62 ? 113 VAL A O   1 
ATOM   361  C CB  . VAL A 1 49  ? -8.534  -10.088 -5.138  1.00 12.87 ? 113 VAL A CB  1 
ATOM   362  C CG1 . VAL A 1 49  ? -8.429  -8.769  -4.376  1.00 15.20 ? 113 VAL A CG1 1 
ATOM   363  C CG2 . VAL A 1 49  ? -9.847  -10.134 -5.912  1.00 14.09 ? 113 VAL A CG2 1 
ATOM   364  N N   . ARG A 1 50  ? -4.986  -9.734  -5.788  1.00 13.01 ? 114 ARG A N   1 
ATOM   365  C CA  . ARG A 1 50  ? -3.685  -9.789  -5.143  1.00 13.66 ? 114 ARG A CA  1 
ATOM   366  C C   . ARG A 1 50  ? -3.401  -8.485  -4.411  1.00 12.69 ? 114 ARG A C   1 
ATOM   367  O O   . ARG A 1 50  ? -3.282  -7.424  -5.030  1.00 12.85 ? 114 ARG A O   1 
ATOM   368  C CB  . ARG A 1 50  ? -2.603  -10.048 -6.197  1.00 18.43 ? 114 ARG A CB  1 
ATOM   369  C CG  . ARG A 1 50  ? -1.276  -9.375  -5.900  1.00 27.55 ? 114 ARG A CG  1 
ATOM   370  C CD  . ARG A 1 50  ? -0.540  -10.020 -4.737  1.00 32.56 ? 114 ARG A CD  1 
ATOM   371  N NE  . ARG A 1 50  ? 0.318   -11.100 -5.210  1.00 37.35 ? 114 ARG A NE  1 
ATOM   372  C CZ  . ARG A 1 50  ? 1.273   -10.943 -6.118  1.00 36.21 ? 114 ARG A CZ  1 
ATOM   373  N NH1 . ARG A 1 50  ? 1.500   -9.748  -6.653  1.00 39.11 ? 114 ARG A NH1 1 
ATOM   374  N NH2 . ARG A 1 50  ? 1.984   -11.987 -6.512  1.00 37.46 ? 114 ARG A NH2 1 
ATOM   375  N N   . VAL A 1 51  ? -3.304  -8.565  -3.090  1.00 12.22 ? 115 VAL A N   1 
ATOM   376  C CA  . VAL A 1 51  ? -3.028  -7.384  -2.281  1.00 12.03 ? 115 VAL A CA  1 
ATOM   377  C C   . VAL A 1 51  ? -1.521  -7.326  -2.051  1.00 13.28 ? 115 VAL A C   1 
ATOM   378  O O   . VAL A 1 51  ? -0.936  -8.291  -1.561  1.00 11.87 ? 115 VAL A O   1 
ATOM   379  C CB  . VAL A 1 51  ? -3.743  -7.468  -0.923  1.00 10.97 ? 115 VAL A CB  1 
ATOM   380  C CG1 . VAL A 1 51  ? -3.549  -6.168  -0.144  1.00 9.43  ? 115 VAL A CG1 1 
ATOM   381  C CG2 . VAL A 1 51  ? -5.233  -7.740  -1.141  1.00 12.95 ? 115 VAL A CG2 1 
ATOM   382  N N   . GLU A 1 52  ? -0.903  -6.202  -2.416  1.00 13.14 ? 116 GLU A N   1 
ATOM   383  C CA  . GLU A 1 52  ? 0.543   -6.022  -2.261  1.00 13.82 ? 116 GLU A CA  1 
ATOM   384  C C   . GLU A 1 52  ? 0.849   -4.902  -1.284  1.00 14.17 ? 116 GLU A C   1 
ATOM   385  O O   . GLU A 1 52  ? 0.313   -3.797  -1.412  1.00 13.35 ? 116 GLU A O   1 
ATOM   386  C CB  . GLU A 1 52  ? 1.212   -5.627  -3.585  1.00 14.25 ? 116 GLU A CB  1 
ATOM   387  C CG  . GLU A 1 52  ? 0.847   -6.428  -4.804  1.00 16.66 ? 116 GLU A CG  1 
ATOM   388  C CD  . GLU A 1 52  ? 1.646   -5.985  -6.023  1.00 16.64 ? 116 GLU A CD  1 
ATOM   389  O OE1 . GLU A 1 52  ? 2.024   -4.793  -6.096  1.00 17.45 ? 116 GLU A OE1 1 
ATOM   390  O OE2 . GLU A 1 52  ? 1.887   -6.825  -6.908  1.00 18.71 ? 116 GLU A OE2 1 
ATOM   391  N N   . GLY A 1 53  ? 1.724   -5.184  -0.328  1.00 13.07 ? 117 GLY A N   1 
ATOM   392  C CA  . GLY A 1 53  ? 2.120   -4.167  0.627   1.00 12.63 ? 117 GLY A CA  1 
ATOM   393  C C   . GLY A 1 53  ? 3.456   -3.595  0.185   1.00 13.10 ? 117 GLY A C   1 
ATOM   394  O O   . GLY A 1 53  ? 4.358   -4.346  -0.197  1.00 12.06 ? 117 GLY A O   1 
ATOM   395  N N   . HIS A 1 54  ? 3.581   -2.271  0.234   1.00 11.81 ? 118 HIS A N   1 
ATOM   396  C CA  . HIS A 1 54  ? 4.814   -1.578  -0.156  1.00 13.76 ? 118 HIS A CA  1 
ATOM   397  C C   . HIS A 1 54  ? 5.262   -0.619  0.948   1.00 12.24 ? 118 HIS A C   1 
ATOM   398  O O   . HIS A 1 54  ? 4.431   -0.062  1.652   1.00 12.61 ? 118 HIS A O   1 
ATOM   399  C CB  . HIS A 1 54  ? 4.594   -0.754  -1.431  1.00 13.32 ? 118 HIS A CB  1 
ATOM   400  C CG  . HIS A 1 54  ? 4.306   -1.574  -2.652  1.00 13.74 ? 118 HIS A CG  1 
ATOM   401  N ND1 . HIS A 1 54  ? 3.031   -1.942  -3.022  1.00 17.45 ? 118 HIS A ND1 1 
ATOM   402  C CD2 . HIS A 1 54  ? 5.135   -2.091  -3.588  1.00 9.89  ? 118 HIS A CD2 1 
ATOM   403  C CE1 . HIS A 1 54  ? 3.085   -2.650  -4.139  1.00 11.55 ? 118 HIS A CE1 1 
ATOM   404  N NE2 . HIS A 1 54  ? 4.350   -2.754  -4.502  1.00 16.14 ? 118 HIS A NE2 1 
ATOM   405  N N   . THR A 1 55  ? 6.575   -0.426  1.077   1.00 14.06 ? 119 THR A N   1 
ATOM   406  C CA  . THR A 1 55  ? 7.154   0.491   2.069   1.00 14.27 ? 119 THR A CA  1 
ATOM   407  C C   . THR A 1 55  ? 8.203   1.374   1.379   1.00 14.26 ? 119 THR A C   1 
ATOM   408  O O   . THR A 1 55  ? 8.575   1.116   0.234   1.00 14.36 ? 119 THR A O   1 
ATOM   409  C CB  . THR A 1 55  ? 7.926   -0.258  3.177   1.00 14.33 ? 119 THR A CB  1 
ATOM   410  O OG1 . THR A 1 55  ? 9.104   -0.848  2.606   1.00 13.79 ? 119 THR A OG1 1 
ATOM   411  C CG2 . THR A 1 55  ? 7.070   -1.355  3.811   1.00 13.59 ? 119 THR A CG2 1 
ATOM   412  N N   . ASP A 1 56  ? 8.677   2.406   2.076   1.00 13.28 ? 120 ASP A N   1 
ATOM   413  C CA  . ASP A 1 56  ? 9.736   3.261   1.537   1.00 14.28 ? 120 ASP A CA  1 
ATOM   414  C C   . ASP A 1 56  ? 11.056  2.562   1.917   1.00 14.12 ? 120 ASP A C   1 
ATOM   415  O O   . ASP A 1 56  ? 11.028  1.477   2.501   1.00 13.90 ? 120 ASP A O   1 
ATOM   416  C CB  . ASP A 1 56  ? 9.654   4.675   2.135   1.00 13.79 ? 120 ASP A CB  1 
ATOM   417  C CG  . ASP A 1 56  ? 9.719   4.681   3.657   1.00 15.85 ? 120 ASP A CG  1 
ATOM   418  O OD1 . ASP A 1 56  ? 9.017   5.510   4.276   1.00 16.16 ? 120 ASP A OD1 1 
ATOM   419  O OD2 . ASP A 1 56  ? 10.475  3.866   4.234   1.00 17.57 ? 120 ASP A OD2 1 
ATOM   420  N N   . PHE A 1 57  ? 12.204  3.155   1.594   1.00 15.57 ? 121 PHE A N   1 
ATOM   421  C CA  . PHE A 1 57  ? 13.482  2.509   1.905   1.00 18.10 ? 121 PHE A CA  1 
ATOM   422  C C   . PHE A 1 57  ? 13.954  2.613   3.357   1.00 19.68 ? 121 PHE A C   1 
ATOM   423  O O   . PHE A 1 57  ? 14.985  2.042   3.717   1.00 18.98 ? 121 PHE A O   1 
ATOM   424  C CB  . PHE A 1 57  ? 14.591  3.036   0.980   1.00 16.81 ? 121 PHE A CB  1 
ATOM   425  C CG  . PHE A 1 57  ? 15.061  4.435   1.304   1.00 18.86 ? 121 PHE A CG  1 
ATOM   426  C CD1 . PHE A 1 57  ? 16.426  4.719   1.367   1.00 21.11 ? 121 PHE A CD1 1 
ATOM   427  C CD2 . PHE A 1 57  ? 14.155  5.473   1.498   1.00 18.06 ? 121 PHE A CD2 1 
ATOM   428  C CE1 . PHE A 1 57  ? 16.880  6.015   1.619   1.00 22.27 ? 121 PHE A CE1 1 
ATOM   429  C CE2 . PHE A 1 57  ? 14.592  6.772   1.751   1.00 21.86 ? 121 PHE A CE2 1 
ATOM   430  C CZ  . PHE A 1 57  ? 15.957  7.046   1.811   1.00 22.36 ? 121 PHE A CZ  1 
ATOM   431  N N   . MET A 1 58  ? 13.192  3.322   4.186   1.00 21.24 ? 122 MET A N   1 
ATOM   432  C CA  . MET A 1 58  ? 13.543  3.537   5.589   1.00 26.54 ? 122 MET A CA  1 
ATOM   433  C C   . MET A 1 58  ? 13.412  2.302   6.478   1.00 27.41 ? 122 MET A C   1 
ATOM   434  O O   . MET A 1 58  ? 12.812  2.373   7.551   1.00 31.09 ? 122 MET A O   1 
ATOM   435  C CB  . MET A 1 58  ? 12.668  4.644   6.179   1.00 31.64 ? 122 MET A CB  1 
ATOM   436  C CG  . MET A 1 58  ? 12.573  5.903   5.336   1.00 36.94 ? 122 MET A CG  1 
ATOM   437  S SD  . MET A 1 58  ? 13.888  7.082   5.653   1.00 43.79 ? 122 MET A SD  1 
ATOM   438  C CE  . MET A 1 58  ? 13.438  7.619   7.307   1.00 42.36 ? 122 MET A CE  1 
ATOM   439  N N   . GLY A 1 59  ? 13.967  1.178   6.049   1.00 25.49 ? 123 GLY A N   1 
ATOM   440  C CA  . GLY A 1 59  ? 13.884  -0.022  6.860   1.00 23.15 ? 123 GLY A CA  1 
ATOM   441  C C   . GLY A 1 59  ? 14.683  -1.136  6.230   1.00 22.60 ? 123 GLY A C   1 
ATOM   442  O O   . GLY A 1 59  ? 14.963  -1.094  5.029   1.00 20.84 ? 123 GLY A O   1 
ATOM   443  N N   . SER A 1 60  ? 15.056  -2.135  7.026   1.00 19.65 ? 124 SER A N   1 
ATOM   444  C CA  . SER A 1 60  ? 15.820  -3.263  6.505   1.00 18.99 ? 124 SER A CA  1 
ATOM   445  C C   . SER A 1 60  ? 14.924  -4.105  5.603   1.00 18.77 ? 124 SER A C   1 
ATOM   446  O O   . SER A 1 60  ? 13.696  -3.992  5.658   1.00 18.96 ? 124 SER A O   1 
ATOM   447  C CB  . SER A 1 60  ? 16.321  -4.142  7.652   1.00 20.55 ? 124 SER A CB  1 
ATOM   448  O OG  . SER A 1 60  ? 15.240  -4.853  8.236   1.00 20.75 ? 124 SER A OG  1 
ATOM   449  N N   . ASP A 1 61  ? 15.533  -4.946  4.772   1.00 17.51 ? 125 ASP A N   1 
ATOM   450  C CA  . ASP A 1 61  ? 14.764  -5.819  3.893   1.00 19.32 ? 125 ASP A CA  1 
ATOM   451  C C   . ASP A 1 61  ? 13.765  -6.616  4.737   1.00 20.31 ? 125 ASP A C   1 
ATOM   452  O O   . ASP A 1 61  ? 12.582  -6.702  4.410   1.00 18.68 ? 125 ASP A O   1 
ATOM   453  C CB  . ASP A 1 61  ? 15.679  -6.812  3.167   1.00 21.40 ? 125 ASP A CB  1 
ATOM   454  C CG  . ASP A 1 61  ? 16.437  -6.192  2.000   1.00 22.78 ? 125 ASP A CG  1 
ATOM   455  O OD1 . ASP A 1 61  ? 16.279  -4.987  1.724   1.00 22.28 ? 125 ASP A OD1 1 
ATOM   456  O OD2 . ASP A 1 61  ? 17.198  -6.937  1.351   1.00 26.33 ? 125 ASP A OD2 1 
ATOM   457  N N   . LYS A 1 62  ? 14.264  -7.201  5.824   1.00 21.38 ? 126 LYS A N   1 
ATOM   458  C CA  . LYS A 1 62  ? 13.449  -8.021  6.723   1.00 22.87 ? 126 LYS A CA  1 
ATOM   459  C C   . LYS A 1 62  ? 12.302  -7.240  7.352   1.00 20.87 ? 126 LYS A C   1 
ATOM   460  O O   . LYS A 1 62  ? 11.150  -7.687  7.340   1.00 21.28 ? 126 LYS A O   1 
ATOM   461  C CB  . LYS A 1 62  ? 14.331  -8.612  7.830   1.00 25.00 ? 126 LYS A CB  1 
ATOM   462  C CG  . LYS A 1 62  ? 13.601  -9.539  8.789   1.00 31.49 ? 126 LYS A CG  1 
ATOM   463  C CD  . LYS A 1 62  ? 14.540  -10.030 9.890   1.00 35.43 ? 126 LYS A CD  1 
ATOM   464  C CE  . LYS A 1 62  ? 13.831  -10.990 10.836  1.00 37.95 ? 126 LYS A CE  1 
ATOM   465  N NZ  . LYS A 1 62  ? 13.360  -12.216 10.126  1.00 40.22 ? 126 LYS A NZ  1 
ATOM   466  N N   . TYR A 1 63  ? 12.621  -6.075  7.902   1.00 18.61 ? 127 TYR A N   1 
ATOM   467  C CA  . TYR A 1 63  ? 11.616  -5.240  8.535   1.00 19.70 ? 127 TYR A CA  1 
ATOM   468  C C   . TYR A 1 63  ? 10.537  -4.816  7.540   1.00 18.09 ? 127 TYR A C   1 
ATOM   469  O O   . TYR A 1 63  ? 9.347   -4.909  7.833   1.00 16.37 ? 127 TYR A O   1 
ATOM   470  C CB  . TYR A 1 63  ? 12.259  -3.991  9.134   1.00 20.61 ? 127 TYR A CB  1 
ATOM   471  C CG  . TYR A 1 63  ? 11.251  -3.013  9.686   1.00 23.87 ? 127 TYR A CG  1 
ATOM   472  C CD1 . TYR A 1 63  ? 10.669  -3.204  10.938  1.00 25.91 ? 127 TYR A CD1 1 
ATOM   473  C CD2 . TYR A 1 63  ? 10.842  -1.916  8.931   1.00 25.27 ? 127 TYR A CD2 1 
ATOM   474  C CE1 . TYR A 1 63  ? 9.698   -2.321  11.423  1.00 27.03 ? 127 TYR A CE1 1 
ATOM   475  C CE2 . TYR A 1 63  ? 9.878   -1.034  9.400   1.00 26.46 ? 127 TYR A CE2 1 
ATOM   476  C CZ  . TYR A 1 63  ? 9.308   -1.239  10.645  1.00 27.82 ? 127 TYR A CZ  1 
ATOM   477  O OH  . TYR A 1 63  ? 8.352   -0.357  11.096  1.00 27.84 ? 127 TYR A OH  1 
ATOM   478  N N   . ASN A 1 64  ? 10.959  -4.336  6.373   1.00 16.55 ? 128 ASN A N   1 
ATOM   479  C CA  . ASN A 1 64  ? 10.011  -3.890  5.353   1.00 17.07 ? 128 ASN A CA  1 
ATOM   480  C C   . ASN A 1 64  ? 9.129   -5.014  4.827   1.00 16.13 ? 128 ASN A C   1 
ATOM   481  O O   . ASN A 1 64  ? 7.937   -4.821  4.597   1.00 15.28 ? 128 ASN A O   1 
ATOM   482  C CB  . ASN A 1 64  ? 10.739  -3.253  4.168   1.00 16.80 ? 128 ASN A CB  1 
ATOM   483  C CG  . ASN A 1 64  ? 11.350  -1.914  4.511   1.00 18.85 ? 128 ASN A CG  1 
ATOM   484  O OD1 . ASN A 1 64  ? 10.944  -1.260  5.475   1.00 18.87 ? 128 ASN A OD1 1 
ATOM   485  N ND2 . ASN A 1 64  ? 12.314  -1.484  3.709   1.00 16.28 ? 128 ASN A ND2 1 
ATOM   486  N N   . GLN A 1 65  ? 9.716   -6.184  4.622   1.00 16.46 ? 129 GLN A N   1 
ATOM   487  C CA  . GLN A 1 65  ? 8.946   -7.301  4.105   1.00 17.20 ? 129 GLN A CA  1 
ATOM   488  C C   . GLN A 1 65  ? 7.881   -7.737  5.114   1.00 17.69 ? 129 GLN A C   1 
ATOM   489  O O   . GLN A 1 65  ? 6.743   -8.002  4.739   1.00 16.96 ? 129 GLN A O   1 
ATOM   490  C CB  . GLN A 1 65  ? 9.874   -8.470  3.755   1.00 17.43 ? 129 GLN A CB  1 
ATOM   491  C CG  . GLN A 1 65  ? 9.222   -9.531  2.864   1.00 19.28 ? 129 GLN A CG  1 
ATOM   492  C CD  . GLN A 1 65  ? 8.190   -10.365 3.600   1.00 23.03 ? 129 GLN A CD  1 
ATOM   493  O OE1 . GLN A 1 65  ? 7.218   -10.840 3.006   1.00 26.58 ? 129 GLN A OE1 1 
ATOM   494  N NE2 . GLN A 1 65  ? 8.400   -10.556 4.899   1.00 20.20 ? 129 GLN A NE2 1 
ATOM   495  N N   . ALA A 1 66  ? 8.244   -7.793  6.392   1.00 17.62 ? 130 ALA A N   1 
ATOM   496  C CA  . ALA A 1 66  ? 7.301   -8.204  7.426   1.00 18.93 ? 130 ALA A CA  1 
ATOM   497  C C   . ALA A 1 66  ? 6.171   -7.193  7.622   1.00 17.83 ? 130 ALA A C   1 
ATOM   498  O O   . ALA A 1 66  ? 5.000   -7.568  7.731   1.00 17.46 ? 130 ALA A O   1 
ATOM   499  C CB  . ALA A 1 66  ? 8.033   -8.424  8.745   1.00 21.02 ? 130 ALA A CB  1 
ATOM   500  N N   . LEU A 1 67  ? 6.523   -5.913  7.673   1.00 17.13 ? 131 LEU A N   1 
ATOM   501  C CA  . LEU A 1 67  ? 5.527   -4.867  7.855   1.00 16.49 ? 131 LEU A CA  1 
ATOM   502  C C   . LEU A 1 67  ? 4.579   -4.832  6.671   1.00 14.99 ? 131 LEU A C   1 
ATOM   503  O O   . LEU A 1 67  ? 3.356   -4.779  6.844   1.00 13.97 ? 131 LEU A O   1 
ATOM   504  C CB  . LEU A 1 67  ? 6.193   -3.494  7.994   1.00 16.89 ? 131 LEU A CB  1 
ATOM   505  C CG  . LEU A 1 67  ? 5.223   -2.301  8.053   1.00 18.77 ? 131 LEU A CG  1 
ATOM   506  C CD1 . LEU A 1 67  ? 4.378   -2.378  9.304   1.00 18.36 ? 131 LEU A CD1 1 
ATOM   507  C CD2 . LEU A 1 67  ? 5.999   -0.996  8.028   1.00 19.77 ? 131 LEU A CD2 1 
ATOM   508  N N   . SER A 1 68  ? 5.141   -4.865  5.465   1.00 13.63 ? 132 SER A N   1 
ATOM   509  C CA  . SER A 1 68  ? 4.315   -4.809  4.263   1.00 13.16 ? 132 SER A CA  1 
ATOM   510  C C   . SER A 1 68  ? 3.421   -6.041  4.123   1.00 13.46 ? 132 SER A C   1 
ATOM   511  O O   . SER A 1 68  ? 2.292   -5.932  3.640   1.00 14.06 ? 132 SER A O   1 
ATOM   512  C CB  . SER A 1 68  ? 5.193   -4.634  3.016   1.00 11.82 ? 132 SER A CB  1 
ATOM   513  O OG  . SER A 1 68  ? 6.035   -5.746  2.804   1.00 11.96 ? 132 SER A OG  1 
ATOM   514  N N   . GLU A 1 69  ? 3.904   -7.205  4.553   1.00 13.13 ? 133 GLU A N   1 
ATOM   515  C CA  . GLU A 1 69  ? 3.087   -8.412  4.453   1.00 14.21 ? 133 GLU A CA  1 
ATOM   516  C C   . GLU A 1 69  ? 1.920   -8.337  5.432   1.00 13.30 ? 133 GLU A C   1 
ATOM   517  O O   . GLU A 1 69  ? 0.793   -8.719  5.107   1.00 11.91 ? 133 GLU A O   1 
ATOM   518  C CB  . GLU A 1 69  ? 3.914   -9.680  4.724   1.00 17.08 ? 133 GLU A CB  1 
ATOM   519  C CG  . GLU A 1 69  ? 3.081   -10.960 4.605   1.00 21.50 ? 133 GLU A CG  1 
ATOM   520  C CD  . GLU A 1 69  ? 3.911   -12.235 4.597   1.00 25.32 ? 133 GLU A CD  1 
ATOM   521  O OE1 . GLU A 1 69  ? 3.310   -13.332 4.541   1.00 28.02 ? 133 GLU A OE1 1 
ATOM   522  O OE2 . GLU A 1 69  ? 5.154   -12.149 4.636   1.00 27.45 ? 133 GLU A OE2 1 
ATOM   523  N N   . ARG A 1 70  ? 2.190   -7.837  6.633   1.00 14.56 ? 134 ARG A N   1 
ATOM   524  C CA  . ARG A 1 70  ? 1.151   -7.698  7.651   1.00 14.31 ? 134 ARG A CA  1 
ATOM   525  C C   . ARG A 1 70  ? 0.078   -6.724  7.167   1.00 14.58 ? 134 ARG A C   1 
ATOM   526  O O   . ARG A 1 70  ? -1.123  -6.985  7.286   1.00 14.22 ? 134 ARG A O   1 
ATOM   527  C CB  . ARG A 1 70  ? 1.764   -7.180  8.956   1.00 16.16 ? 134 ARG A CB  1 
ATOM   528  C CG  . ARG A 1 70  ? 0.747   -6.730  9.986   1.00 15.64 ? 134 ARG A CG  1 
ATOM   529  C CD  . ARG A 1 70  ? -0.155  -7.873  10.467  1.00 18.53 ? 134 ARG A CD  1 
ATOM   530  N NE  . ARG A 1 70  ? -1.150  -7.368  11.412  1.00 19.10 ? 134 ARG A NE  1 
ATOM   531  C CZ  . ARG A 1 70  ? -2.100  -8.107  11.979  1.00 19.48 ? 134 ARG A CZ  1 
ATOM   532  N NH1 . ARG A 1 70  ? -2.186  -9.400  11.703  1.00 17.63 ? 134 ARG A NH1 1 
ATOM   533  N NH2 . ARG A 1 70  ? -2.978  -7.542  12.800  1.00 18.29 ? 134 ARG A NH2 1 
ATOM   534  N N   . ARG A 1 71  ? 0.514   -5.594  6.620   1.00 12.58 ? 135 ARG A N   1 
ATOM   535  C CA  . ARG A 1 71  ? -0.423  -4.594  6.122   1.00 12.49 ? 135 ARG A CA  1 
ATOM   536  C C   . ARG A 1 71  ? -1.240  -5.120  4.940   1.00 12.65 ? 135 ARG A C   1 
ATOM   537  O O   . ARG A 1 71  ? -2.428  -4.832  4.828   1.00 12.11 ? 135 ARG A O   1 
ATOM   538  C CB  . ARG A 1 71  ? 0.327   -3.313  5.751   1.00 13.18 ? 135 ARG A CB  1 
ATOM   539  C CG  . ARG A 1 71  ? 0.725   -2.505  6.987   1.00 13.32 ? 135 ARG A CG  1 
ATOM   540  C CD  . ARG A 1 71  ? 1.468   -1.219  6.650   1.00 15.21 ? 135 ARG A CD  1 
ATOM   541  N NE  . ARG A 1 71  ? 1.464   -0.319  7.800   1.00 14.54 ? 135 ARG A NE  1 
ATOM   542  C CZ  . ARG A 1 71  ? 2.022   0.886   7.824   1.00 19.03 ? 135 ARG A CZ  1 
ATOM   543  N NH1 . ARG A 1 71  ? 2.648   1.358   6.753   1.00 16.24 ? 135 ARG A NH1 1 
ATOM   544  N NH2 . ARG A 1 71  ? 1.944   1.627   8.928   1.00 19.63 ? 135 ARG A NH2 1 
ATOM   545  N N   . ALA A 1 72  ? -0.608  -5.896  4.066   1.00 12.75 ? 136 ALA A N   1 
ATOM   546  C CA  . ALA A 1 72  ? -1.321  -6.473  2.928   1.00 12.59 ? 136 ALA A CA  1 
ATOM   547  C C   . ALA A 1 72  ? -2.334  -7.485  3.464   1.00 12.82 ? 136 ALA A C   1 
ATOM   548  O O   . ALA A 1 72  ? -3.475  -7.549  3.005   1.00 13.16 ? 136 ALA A O   1 
ATOM   549  C CB  . ALA A 1 72  ? -0.341  -7.157  1.989   1.00 11.51 ? 136 ALA A CB  1 
ATOM   550  N N   . TYR A 1 73  ? -1.916  -8.276  4.445   1.00 12.58 ? 137 TYR A N   1 
ATOM   551  C CA  . TYR A 1 73  ? -2.809  -9.270  5.033   1.00 13.84 ? 137 TYR A CA  1 
ATOM   552  C C   . TYR A 1 73  ? -4.039  -8.617  5.672   1.00 14.22 ? 137 TYR A C   1 
ATOM   553  O O   . TYR A 1 73  ? -5.165  -9.080  5.492   1.00 13.99 ? 137 TYR A O   1 
ATOM   554  C CB  . TYR A 1 73  ? -2.063  -10.099 6.086   1.00 16.22 ? 137 TYR A CB  1 
ATOM   555  C CG  . TYR A 1 73  ? -2.988  -10.921 6.954   1.00 17.29 ? 137 TYR A CG  1 
ATOM   556  C CD1 . TYR A 1 73  ? -3.687  -12.013 6.434   1.00 18.86 ? 137 TYR A CD1 1 
ATOM   557  C CD2 . TYR A 1 73  ? -3.204  -10.575 8.288   1.00 19.11 ? 137 TYR A CD2 1 
ATOM   558  C CE1 . TYR A 1 73  ? -4.582  -12.742 7.227   1.00 20.25 ? 137 TYR A CE1 1 
ATOM   559  C CE2 . TYR A 1 73  ? -4.093  -11.291 9.086   1.00 19.45 ? 137 TYR A CE2 1 
ATOM   560  C CZ  . TYR A 1 73  ? -4.777  -12.371 8.551   1.00 22.44 ? 137 TYR A CZ  1 
ATOM   561  O OH  . TYR A 1 73  ? -5.636  -13.088 9.352   1.00 22.62 ? 137 TYR A OH  1 
ATOM   562  N N   . VAL A 1 74  ? -3.831  -7.534  6.412   1.00 13.24 ? 138 VAL A N   1 
ATOM   563  C CA  . VAL A 1 74  ? -4.943  -6.858  7.061   1.00 12.85 ? 138 VAL A CA  1 
ATOM   564  C C   . VAL A 1 74  ? -5.958  -6.354  6.039   1.00 13.59 ? 138 VAL A C   1 
ATOM   565  O O   . VAL A 1 74  ? -7.166  -6.462  6.252   1.00 11.98 ? 138 VAL A O   1 
ATOM   566  C CB  . VAL A 1 74  ? -4.436  -5.693  7.944   1.00 14.32 ? 138 VAL A CB  1 
ATOM   567  C CG1 . VAL A 1 74  ? -5.591  -4.816  8.397   1.00 14.71 ? 138 VAL A CG1 1 
ATOM   568  C CG2 . VAL A 1 74  ? -3.721  -6.267  9.158   1.00 14.04 ? 138 VAL A CG2 1 
ATOM   569  N N   . VAL A 1 75  ? -5.470  -5.827  4.920   1.00 11.35 ? 139 VAL A N   1 
ATOM   570  C CA  . VAL A 1 75  ? -6.362  -5.325  3.880   1.00 12.49 ? 139 VAL A CA  1 
ATOM   571  C C   . VAL A 1 75  ? -7.070  -6.496  3.200   1.00 12.15 ? 139 VAL A C   1 
ATOM   572  O O   . VAL A 1 75  ? -8.277  -6.434  2.949   1.00 14.48 ? 139 VAL A O   1 
ATOM   573  C CB  . VAL A 1 75  ? -5.581  -4.479  2.838   1.00 10.99 ? 139 VAL A CB  1 
ATOM   574  C CG1 . VAL A 1 75  ? -6.472  -4.156  1.643   1.00 14.54 ? 139 VAL A CG1 1 
ATOM   575  C CG2 . VAL A 1 75  ? -5.091  -3.167  3.494   1.00 11.25 ? 139 VAL A CG2 1 
ATOM   576  N N   . ALA A 1 76  ? -6.323  -7.560  2.906   1.00 13.27 ? 140 ALA A N   1 
ATOM   577  C CA  . ALA A 1 76  ? -6.899  -8.751  2.278   1.00 12.37 ? 140 ALA A CA  1 
ATOM   578  C C   . ALA A 1 76  ? -7.948  -9.382  3.194   1.00 13.48 ? 140 ALA A C   1 
ATOM   579  O O   . ALA A 1 76  ? -9.014  -9.819  2.738   1.00 11.67 ? 140 ALA A O   1 
ATOM   580  C CB  . ALA A 1 76  ? -5.807  -9.767  1.972   1.00 12.50 ? 140 ALA A CB  1 
ATOM   581  N N   . ASN A 1 77  ? -7.641  -9.438  4.486   1.00 12.76 ? 141 ASN A N   1 
ATOM   582  C CA  . ASN A 1 77  ? -8.576  -10.002 5.449   1.00 13.83 ? 141 ASN A CA  1 
ATOM   583  C C   . ASN A 1 77  ? -9.860  -9.172  5.500   1.00 13.05 ? 141 ASN A C   1 
ATOM   584  O O   . ASN A 1 77  ? -10.952 -9.718  5.684   1.00 12.89 ? 141 ASN A O   1 
ATOM   585  C CB  . ASN A 1 77  ? -7.939  -10.072 6.838   1.00 13.61 ? 141 ASN A CB  1 
ATOM   586  C CG  . ASN A 1 77  ? -8.943  -10.449 7.918   1.00 17.42 ? 141 ASN A CG  1 
ATOM   587  O OD1 . ASN A 1 77  ? -9.334  -9.613  8.731   1.00 17.92 ? 141 ASN A OD1 1 
ATOM   588  N ND2 . ASN A 1 77  ? -9.380  -11.710 7.916   1.00 15.79 ? 141 ASN A ND2 1 
ATOM   589  N N   . ASN A 1 78  ? -9.737  -7.856  5.343   1.00 13.96 ? 142 ASN A N   1 
ATOM   590  C CA  . ASN A 1 78  ? -10.929 -7.010  5.355   1.00 13.01 ? 142 ASN A CA  1 
ATOM   591  C C   . ASN A 1 78  ? -11.809 -7.331  4.150   1.00 12.84 ? 142 ASN A C   1 
ATOM   592  O O   . ASN A 1 78  ? -13.038 -7.430  4.272   1.00 12.86 ? 142 ASN A O   1 
ATOM   593  C CB  . ASN A 1 78  ? -10.558 -5.524  5.334   1.00 13.09 ? 142 ASN A CB  1 
ATOM   594  C CG  . ASN A 1 78  ? -11.781 -4.628  5.213   1.00 14.56 ? 142 ASN A CG  1 
ATOM   595  O OD1 . ASN A 1 78  ? -12.303 -4.423  4.120   1.00 16.95 ? 142 ASN A OD1 1 
ATOM   596  N ND2 . ASN A 1 78  ? -12.260 -4.117  6.340   1.00 13.38 ? 142 ASN A ND2 1 
ATOM   597  N N   . LEU A 1 79  ? -11.181 -7.489  2.985   1.00 12.43 ? 143 LEU A N   1 
ATOM   598  C CA  . LEU A 1 79  ? -11.914 -7.807  1.762   1.00 13.16 ? 143 LEU A CA  1 
ATOM   599  C C   . LEU A 1 79  ? -12.635 -9.148  1.914   1.00 13.07 ? 143 LEU A C   1 
ATOM   600  O O   . LEU A 1 79  ? -13.785 -9.294  1.497   1.00 13.09 ? 143 LEU A O   1 
ATOM   601  C CB  . LEU A 1 79  ? -10.956 -7.842  0.561   1.00 13.51 ? 143 LEU A CB  1 
ATOM   602  C CG  . LEU A 1 79  ? -10.350 -6.481  0.200   1.00 15.10 ? 143 LEU A CG  1 
ATOM   603  C CD1 . LEU A 1 79  ? -9.344  -6.643  -0.940  1.00 14.89 ? 143 LEU A CD1 1 
ATOM   604  C CD2 . LEU A 1 79  ? -11.458 -5.513  -0.189  1.00 14.78 ? 143 LEU A CD2 1 
ATOM   605  N N   . VAL A 1 80  ? -11.959 -10.124 2.514   1.00 12.66 ? 144 VAL A N   1 
ATOM   606  C CA  . VAL A 1 80  ? -12.574 -11.430 2.739   1.00 12.62 ? 144 VAL A CA  1 
ATOM   607  C C   . VAL A 1 80  ? -13.762 -11.270 3.699   1.00 11.73 ? 144 VAL A C   1 
ATOM   608  O O   . VAL A 1 80  ? -14.820 -11.879 3.501   1.00 11.63 ? 144 VAL A O   1 
ATOM   609  C CB  . VAL A 1 80  ? -11.552 -12.436 3.344   1.00 12.43 ? 144 VAL A CB  1 
ATOM   610  C CG1 . VAL A 1 80  ? -12.275 -13.674 3.863   1.00 14.39 ? 144 VAL A CG1 1 
ATOM   611  C CG2 . VAL A 1 80  ? -10.534 -12.852 2.274   1.00 14.14 ? 144 VAL A CG2 1 
ATOM   612  N N   . SER A 1 81  ? -13.593 -10.445 4.731   1.00 12.38 ? 145 SER A N   1 
ATOM   613  C CA  . SER A 1 81  ? -14.669 -10.234 5.703   1.00 13.63 ? 145 SER A CA  1 
ATOM   614  C C   . SER A 1 81  ? -15.862 -9.560  5.024   1.00 14.66 ? 145 SER A C   1 
ATOM   615  O O   . SER A 1 81  ? -16.989 -9.613  5.523   1.00 13.97 ? 145 SER A O   1 
ATOM   616  C CB  . SER A 1 81  ? -14.184 -9.374  6.884   1.00 16.01 ? 145 SER A CB  1 
ATOM   617  O OG  . SER A 1 81  ? -14.196 -7.988  6.572   1.00 16.45 ? 145 SER A OG  1 
ATOM   618  N N   . ASN A 1 82  ? -15.616 -8.926  3.880   1.00 13.93 ? 146 ASN A N   1 
ATOM   619  C CA  . ASN A 1 82  ? -16.693 -8.269  3.157   1.00 15.82 ? 146 ASN A CA  1 
ATOM   620  C C   . ASN A 1 82  ? -17.170 -9.024  1.908   1.00 18.01 ? 146 ASN A C   1 
ATOM   621  O O   . ASN A 1 82  ? -17.831 -8.449  1.045   1.00 18.14 ? 146 ASN A O   1 
ATOM   622  C CB  . ASN A 1 82  ? -16.306 -6.825  2.820   1.00 14.41 ? 146 ASN A CB  1 
ATOM   623  C CG  . ASN A 1 82  ? -16.406 -5.906  4.035   1.00 16.16 ? 146 ASN A CG  1 
ATOM   624  O OD1 . ASN A 1 82  ? -17.413 -5.927  4.757   1.00 13.74 ? 146 ASN A OD1 1 
ATOM   625  N ND2 . ASN A 1 82  ? -15.372 -5.099  4.270   1.00 12.42 ? 146 ASN A ND2 1 
ATOM   626  N N   . GLY A 1 83  ? -16.830 -10.310 1.815   1.00 16.97 ? 147 GLY A N   1 
ATOM   627  C CA  . GLY A 1 83  ? -17.308 -11.106 0.691   1.00 18.74 ? 147 GLY A CA  1 
ATOM   628  C C   . GLY A 1 83  ? -16.364 -11.639 -0.370  1.00 18.51 ? 147 GLY A C   1 
ATOM   629  O O   . GLY A 1 83  ? -16.728 -12.564 -1.105  1.00 19.21 ? 147 GLY A O   1 
ATOM   630  N N   . VAL A 1 84  ? -15.165 -11.079 -0.481  1.00 17.22 ? 148 VAL A N   1 
ATOM   631  C CA  . VAL A 1 84  ? -14.223 -11.558 -1.492  1.00 17.59 ? 148 VAL A CA  1 
ATOM   632  C C   . VAL A 1 84  ? -13.824 -12.995 -1.161  1.00 18.28 ? 148 VAL A C   1 
ATOM   633  O O   . VAL A 1 84  ? -13.363 -13.280 -0.058  1.00 17.29 ? 148 VAL A O   1 
ATOM   634  C CB  . VAL A 1 84  ? -12.970 -10.663 -1.547  1.00 15.59 ? 148 VAL A CB  1 
ATOM   635  C CG1 . VAL A 1 84  ? -12.009 -11.172 -2.614  1.00 14.31 ? 148 VAL A CG1 1 
ATOM   636  C CG2 . VAL A 1 84  ? -13.383 -9.220  -1.828  1.00 17.44 ? 148 VAL A CG2 1 
ATOM   637  N N   . PRO A 1 85  ? -13.998 -13.921 -2.122  1.00 19.85 ? 149 PRO A N   1 
ATOM   638  C CA  . PRO A 1 85  ? -13.670 -15.343 -1.947  1.00 19.78 ? 149 PRO A CA  1 
ATOM   639  C C   . PRO A 1 85  ? -12.213 -15.608 -1.579  1.00 18.14 ? 149 PRO A C   1 
ATOM   640  O O   . PRO A 1 85  ? -11.305 -15.144 -2.265  1.00 14.36 ? 149 PRO A O   1 
ATOM   641  C CB  . PRO A 1 85  ? -14.015 -15.956 -3.312  1.00 20.51 ? 149 PRO A CB  1 
ATOM   642  C CG  . PRO A 1 85  ? -15.009 -14.981 -3.900  1.00 23.75 ? 149 PRO A CG  1 
ATOM   643  C CD  . PRO A 1 85  ? -14.426 -13.659 -3.507  1.00 20.12 ? 149 PRO A CD  1 
ATOM   644  N N   . VAL A 1 86  ? -11.998 -16.370 -0.512  1.00 17.10 ? 150 VAL A N   1 
ATOM   645  C CA  . VAL A 1 86  ? -10.645 -16.705 -0.087  1.00 16.76 ? 150 VAL A CA  1 
ATOM   646  C C   . VAL A 1 86  ? -9.887  -17.422 -1.200  1.00 16.41 ? 150 VAL A C   1 
ATOM   647  O O   . VAL A 1 86  ? -8.674  -17.280 -1.331  1.00 15.81 ? 150 VAL A O   1 
ATOM   648  C CB  . VAL A 1 86  ? -10.668 -17.604 1.168   1.00 19.95 ? 150 VAL A CB  1 
ATOM   649  C CG1 . VAL A 1 86  ? -9.283  -18.175 1.436   1.00 22.56 ? 150 VAL A CG1 1 
ATOM   650  C CG2 . VAL A 1 86  ? -11.131 -16.793 2.360   1.00 20.40 ? 150 VAL A CG2 1 
ATOM   651  N N   . SER A 1 87  ? -10.610 -18.186 -2.011  1.00 14.57 ? 151 SER A N   1 
ATOM   652  C CA  . SER A 1 87  ? -9.999  -18.929 -3.107  1.00 14.38 ? 151 SER A CA  1 
ATOM   653  C C   . SER A 1 87  ? -9.216  -18.074 -4.101  1.00 14.20 ? 151 SER A C   1 
ATOM   654  O O   . SER A 1 87  ? -8.252  -18.552 -4.700  1.00 13.92 ? 151 SER A O   1 
ATOM   655  C CB  . SER A 1 87  ? -11.079 -19.699 -3.875  1.00 16.74 ? 151 SER A CB  1 
ATOM   656  O OG  . SER A 1 87  ? -12.046 -18.799 -4.392  1.00 18.66 ? 151 SER A OG  1 
ATOM   657  N N   . ARG A 1 88  ? -9.626  -16.821 -4.284  1.00 11.41 ? 152 ARG A N   1 
ATOM   658  C CA  . ARG A 1 88  ? -8.963  -15.952 -5.262  1.00 14.58 ? 152 ARG A CA  1 
ATOM   659  C C   . ARG A 1 88  ? -8.090  -14.829 -4.722  1.00 14.58 ? 152 ARG A C   1 
ATOM   660  O O   . ARG A 1 88  ? -7.480  -14.081 -5.495  1.00 14.51 ? 152 ARG A O   1 
ATOM   661  C CB  . ARG A 1 88  ? -10.013 -15.335 -6.182  1.00 15.43 ? 152 ARG A CB  1 
ATOM   662  C CG  . ARG A 1 88  ? -10.811 -16.346 -7.000  1.00 13.33 ? 152 ARG A CG  1 
ATOM   663  C CD  . ARG A 1 88  ? -11.785 -15.613 -7.914  1.00 18.02 ? 152 ARG A CD  1 
ATOM   664  N NE  . ARG A 1 88  ? -12.549 -16.508 -8.784  1.00 16.52 ? 152 ARG A NE  1 
ATOM   665  C CZ  . ARG A 1 88  ? -12.039 -17.202 -9.796  1.00 17.24 ? 152 ARG A CZ  1 
ATOM   666  N NH1 . ARG A 1 88  ? -10.740 -17.122 -10.087 1.00 13.81 ? 152 ARG A NH1 1 
ATOM   667  N NH2 . ARG A 1 88  ? -12.840 -17.963 -10.537 1.00 18.62 ? 152 ARG A NH2 1 
ATOM   668  N N   . ILE A 1 89  ? -8.011  -14.708 -3.405  1.00 13.88 ? 153 ILE A N   1 
ATOM   669  C CA  . ILE A 1 89  ? -7.239  -13.625 -2.823  1.00 13.77 ? 153 ILE A CA  1 
ATOM   670  C C   . ILE A 1 89  ? -5.874  -14.037 -2.268  1.00 13.63 ? 153 ILE A C   1 
ATOM   671  O O   . ILE A 1 89  ? -5.668  -15.184 -1.869  1.00 11.95 ? 153 ILE A O   1 
ATOM   672  C CB  . ILE A 1 89  ? -8.080  -12.935 -1.722  1.00 15.86 ? 153 ILE A CB  1 
ATOM   673  C CG1 . ILE A 1 89  ? -7.553  -11.524 -1.460  1.00 17.31 ? 153 ILE A CG1 1 
ATOM   674  C CG2 . ILE A 1 89  ? -8.050  -13.764 -0.449  1.00 17.97 ? 153 ILE A CG2 1 
ATOM   675  C CD1 . ILE A 1 89  ? -8.505  -10.686 -0.656  1.00 15.68 ? 153 ILE A CD1 1 
ATOM   676  N N   . SER A 1 90  ? -4.942  -13.087 -2.279  1.00 12.92 ? 154 SER A N   1 
ATOM   677  C CA  . SER A 1 90  ? -3.604  -13.302 -1.756  1.00 13.71 ? 154 SER A CA  1 
ATOM   678  C C   . SER A 1 90  ? -3.104  -11.988 -1.160  1.00 15.58 ? 154 SER A C   1 
ATOM   679  O O   . SER A 1 90  ? -3.612  -10.911 -1.487  1.00 13.80 ? 154 SER A O   1 
ATOM   680  C CB  . SER A 1 90  ? -2.649  -13.773 -2.861  1.00 15.79 ? 154 SER A CB  1 
ATOM   681  O OG  . SER A 1 90  ? -2.556  -12.825 -3.913  1.00 13.11 ? 154 SER A OG  1 
ATOM   682  N N   . ALA A 1 91  ? -2.127  -12.091 -0.267  1.00 13.42 ? 155 ALA A N   1 
ATOM   683  C CA  . ALA A 1 91  ? -1.531  -10.927 0.375   1.00 14.77 ? 155 ALA A CA  1 
ATOM   684  C C   . ALA A 1 91  ? -0.028  -11.152 0.420   1.00 14.65 ? 155 ALA A C   1 
ATOM   685  O O   . ALA A 1 91  ? 0.448   -12.118 1.020   1.00 13.03 ? 155 ALA A O   1 
ATOM   686  C CB  . ALA A 1 91  ? -2.080  -10.763 1.796   1.00 14.04 ? 155 ALA A CB  1 
ATOM   687  N N   . VAL A 1 92  ? 0.724   -10.273 -0.229  1.00 14.88 ? 156 VAL A N   1 
ATOM   688  C CA  . VAL A 1 92  ? 2.172   -10.404 -0.239  1.00 16.01 ? 156 VAL A CA  1 
ATOM   689  C C   . VAL A 1 92  ? 2.841   -9.114  0.206   1.00 15.43 ? 156 VAL A C   1 
ATOM   690  O O   . VAL A 1 92  ? 2.306   -8.019  0.001   1.00 14.73 ? 156 VAL A O   1 
ATOM   691  C CB  . VAL A 1 92  ? 2.694   -10.775 -1.642  1.00 16.76 ? 156 VAL A CB  1 
ATOM   692  C CG1 . VAL A 1 92  ? 2.166   -12.139 -2.047  1.00 17.41 ? 156 VAL A CG1 1 
ATOM   693  C CG2 . VAL A 1 92  ? 2.275   -9.717  -2.653  1.00 17.55 ? 156 VAL A CG2 1 
ATOM   694  N N   . GLY A 1 93  ? 4.002   -9.249  0.839   1.00 13.31 ? 157 GLY A N   1 
ATOM   695  C CA  . GLY A 1 93  ? 4.737   -8.081  1.283   1.00 14.00 ? 157 GLY A CA  1 
ATOM   696  C C   . GLY A 1 93  ? 5.912   -7.873  0.344   1.00 14.48 ? 157 GLY A C   1 
ATOM   697  O O   . GLY A 1 93  ? 6.811   -8.707  0.288   1.00 14.88 ? 157 GLY A O   1 
ATOM   698  N N   . LEU A 1 94  ? 5.905   -6.774  -0.406  1.00 15.82 ? 158 LEU A N   1 
ATOM   699  C CA  . LEU A 1 94  ? 6.992   -6.489  -1.340  1.00 14.63 ? 158 LEU A CA  1 
ATOM   700  C C   . LEU A 1 94  ? 8.029   -5.528  -0.750  1.00 15.28 ? 158 LEU A C   1 
ATOM   701  O O   . LEU A 1 94  ? 9.000   -5.162  -1.416  1.00 15.53 ? 158 LEU A O   1 
ATOM   702  C CB  . LEU A 1 94  ? 6.425   -5.909  -2.639  1.00 16.36 ? 158 LEU A CB  1 
ATOM   703  C CG  . LEU A 1 94  ? 5.405   -6.815  -3.341  1.00 18.38 ? 158 LEU A CG  1 
ATOM   704  C CD1 . LEU A 1 94  ? 4.986   -6.203  -4.670  1.00 16.08 ? 158 LEU A CD1 1 
ATOM   705  C CD2 . LEU A 1 94  ? 6.022   -8.191  -3.561  1.00 19.89 ? 158 LEU A CD2 1 
ATOM   706  N N   . GLY A 1 95  ? 7.822   -5.129  0.500   1.00 13.58 ? 159 GLY A N   1 
ATOM   707  C CA  . GLY A 1 95  ? 8.749   -4.215  1.148   1.00 13.69 ? 159 GLY A CA  1 
ATOM   708  C C   . GLY A 1 95  ? 9.084   -3.007  0.295   1.00 14.29 ? 159 GLY A C   1 
ATOM   709  O O   . GLY A 1 95  ? 8.195   -2.375  -0.288  1.00 11.67 ? 159 GLY A O   1 
ATOM   710  N N   . GLU A 1 96  ? 10.373  -2.691  0.211   1.00 14.76 ? 160 GLU A N   1 
ATOM   711  C CA  . GLU A 1 96  ? 10.838  -1.550  -0.570  1.00 14.51 ? 160 GLU A CA  1 
ATOM   712  C C   . GLU A 1 96  ? 11.322  -1.957  -1.968  1.00 15.20 ? 160 GLU A C   1 
ATOM   713  O O   . GLU A 1 96  ? 11.877  -1.130  -2.702  1.00 15.44 ? 160 GLU A O   1 
ATOM   714  C CB  . GLU A 1 96  ? 11.985  -0.851  0.174   1.00 13.73 ? 160 GLU A CB  1 
ATOM   715  C CG  . GLU A 1 96  ? 13.351  -1.561  0.082   1.00 16.13 ? 160 GLU A CG  1 
ATOM   716  C CD  . GLU A 1 96  ? 13.301  -3.045  0.451   1.00 19.15 ? 160 GLU A CD  1 
ATOM   717  O OE1 . GLU A 1 96  ? 12.744  -3.394  1.514   1.00 17.89 ? 160 GLU A OE1 1 
ATOM   718  O OE2 . GLU A 1 96  ? 13.829  -3.863  -0.326  1.00 19.23 ? 160 GLU A OE2 1 
ATOM   719  N N   . SER A 1 97  ? 11.092  -3.215  -2.340  1.00 14.28 ? 161 SER A N   1 
ATOM   720  C CA  . SER A 1 97  ? 11.556  -3.745  -3.627  1.00 16.35 ? 161 SER A CA  1 
ATOM   721  C C   . SER A 1 97  ? 11.170  -2.933  -4.864  1.00 17.08 ? 161 SER A C   1 
ATOM   722  O O   . SER A 1 97  ? 11.878  -2.957  -5.880  1.00 17.43 ? 161 SER A O   1 
ATOM   723  C CB  . SER A 1 97  ? 11.091  -5.205  -3.807  1.00 17.57 ? 161 SER A CB  1 
ATOM   724  O OG  . SER A 1 97  ? 9.690   -5.296  -4.029  1.00 18.89 ? 161 SER A OG  1 
ATOM   725  N N   . GLN A 1 98  ? 10.056  -2.218  -4.795  1.00 15.97 ? 162 GLN A N   1 
ATOM   726  C CA  . GLN A 1 98  ? 9.626   -1.425  -5.937  1.00 17.36 ? 162 GLN A CA  1 
ATOM   727  C C   . GLN A 1 98  ? 9.496   0.060   -5.604  1.00 16.89 ? 162 GLN A C   1 
ATOM   728  O O   . GLN A 1 98  ? 8.770   0.799   -6.280  1.00 17.30 ? 162 GLN A O   1 
ATOM   729  C CB  . GLN A 1 98  ? 8.302   -1.983  -6.472  1.00 18.16 ? 162 GLN A CB  1 
ATOM   730  C CG  . GLN A 1 98  ? 8.459   -3.373  -7.083  1.00 22.44 ? 162 GLN A CG  1 
ATOM   731  C CD  . GLN A 1 98  ? 7.132   -4.034  -7.408  1.00 25.48 ? 162 GLN A CD  1 
ATOM   732  O OE1 . GLN A 1 98  ? 6.107   -3.364  -7.545  1.00 25.21 ? 162 GLN A OE1 1 
ATOM   733  N NE2 . GLN A 1 98  ? 7.147   -5.360  -7.545  1.00 29.72 ? 162 GLN A NE2 1 
ATOM   734  N N   . ALA A 1 99  ? 10.218  0.494   -4.570  1.00 14.98 ? 163 ALA A N   1 
ATOM   735  C CA  . ALA A 1 99  ? 10.195  1.891   -4.134  1.00 13.84 ? 163 ALA A CA  1 
ATOM   736  C C   . ALA A 1 99  ? 10.612  2.814   -5.279  1.00 15.12 ? 163 ALA A C   1 
ATOM   737  O O   . ALA A 1 99  ? 11.589  2.548   -5.983  1.00 14.27 ? 163 ALA A O   1 
ATOM   738  C CB  . ALA A 1 99  ? 11.125  2.085   -2.938  1.00 12.97 ? 163 ALA A CB  1 
ATOM   739  N N   . GLN A 1 100 ? 9.879   3.910   -5.439  1.00 15.24 ? 164 GLN A N   1 
ATOM   740  C CA  . GLN A 1 100 ? 10.126  4.862   -6.521  1.00 17.69 ? 164 GLN A CA  1 
ATOM   741  C C   . GLN A 1 100 ? 10.549  6.258   -6.072  1.00 18.48 ? 164 GLN A C   1 
ATOM   742  O O   . GLN A 1 100 ? 10.969  7.070   -6.895  1.00 18.29 ? 164 GLN A O   1 
ATOM   743  C CB  . GLN A 1 100 ? 8.848   5.016   -7.354  1.00 19.52 ? 164 GLN A CB  1 
ATOM   744  C CG  . GLN A 1 100 ? 8.259   3.716   -7.860  1.00 23.20 ? 164 GLN A CG  1 
ATOM   745  C CD  . GLN A 1 100 ? 9.075   3.121   -8.982  1.00 24.33 ? 164 GLN A CD  1 
ATOM   746  O OE1 . GLN A 1 100 ? 9.372   1.927   -8.985  1.00 28.26 ? 164 GLN A OE1 1 
ATOM   747  N NE2 . GLN A 1 100 ? 9.438   3.952   -9.951  1.00 25.53 ? 164 GLN A NE2 1 
ATOM   748  N N   . MET A 1 101 ? 10.455  6.536   -4.778  1.00 16.84 ? 165 MET A N   1 
ATOM   749  C CA  . MET A 1 101 ? 10.742  7.879   -4.288  1.00 16.42 ? 165 MET A CA  1 
ATOM   750  C C   . MET A 1 101 ? 12.117  8.216   -3.719  1.00 16.20 ? 165 MET A C   1 
ATOM   751  O O   . MET A 1 101 ? 12.398  9.386   -3.454  1.00 16.32 ? 165 MET A O   1 
ATOM   752  C CB  . MET A 1 101 ? 9.690   8.249   -3.240  1.00 18.20 ? 165 MET A CB  1 
ATOM   753  C CG  . MET A 1 101 ? 8.256   8.025   -3.704  1.00 17.41 ? 165 MET A CG  1 
ATOM   754  S SD  . MET A 1 101 ? 7.883   8.962   -5.205  1.00 19.14 ? 165 MET A SD  1 
ATOM   755  C CE  . MET A 1 101 ? 7.918   10.618  -4.564  1.00 19.20 ? 165 MET A CE  1 
ATOM   756  N N   . THR A 1 102 ? 12.967  7.215   -3.539  1.00 15.22 ? 166 THR A N   1 
ATOM   757  C CA  . THR A 1 102 ? 14.277  7.433   -2.940  1.00 14.63 ? 166 THR A CA  1 
ATOM   758  C C   . THR A 1 102 ? 15.151  8.508   -3.601  1.00 15.32 ? 166 THR A C   1 
ATOM   759  O O   . THR A 1 102 ? 15.580  9.449   -2.934  1.00 14.25 ? 166 THR A O   1 
ATOM   760  C CB  . THR A 1 102 ? 15.042  6.111   -2.877  1.00 16.45 ? 166 THR A CB  1 
ATOM   761  O OG1 . THR A 1 102 ? 14.202  5.128   -2.254  1.00 14.60 ? 166 THR A OG1 1 
ATOM   762  C CG2 . THR A 1 102 ? 16.339  6.267   -2.068  1.00 14.57 ? 166 THR A CG2 1 
ATOM   763  N N   . GLN A 1 103 ? 15.407  8.379   -4.899  1.00 14.59 ? 167 GLN A N   1 
ATOM   764  C CA  . GLN A 1 103 ? 16.244  9.359   -5.592  1.00 17.27 ? 167 GLN A CA  1 
ATOM   765  C C   . GLN A 1 103 ? 15.612  10.746  -5.675  1.00 18.33 ? 167 GLN A C   1 
ATOM   766  O O   . GLN A 1 103 ? 16.223  11.739  -5.267  1.00 18.00 ? 167 GLN A O   1 
ATOM   767  C CB  . GLN A 1 103 ? 16.582  8.877   -7.007  1.00 16.07 ? 167 GLN A CB  1 
ATOM   768  C CG  . GLN A 1 103 ? 17.163  9.976   -7.900  1.00 19.07 ? 167 GLN A CG  1 
ATOM   769  C CD  . GLN A 1 103 ? 18.476  10.550  -7.380  1.00 19.70 ? 167 GLN A CD  1 
ATOM   770  O OE1 . GLN A 1 103 ? 18.759  11.743  -7.547  1.00 22.34 ? 167 GLN A OE1 1 
ATOM   771  N NE2 . GLN A 1 103 ? 19.289  9.705   -6.775  1.00 17.17 ? 167 GLN A NE2 1 
ATOM   772  N N   . VAL A 1 104 ? 14.395  10.821  -6.206  1.00 19.61 ? 168 VAL A N   1 
ATOM   773  C CA  . VAL A 1 104 ? 13.729  12.111  -6.343  1.00 21.93 ? 168 VAL A CA  1 
ATOM   774  C C   . VAL A 1 104 ? 13.701  12.851  -5.016  1.00 21.42 ? 168 VAL A C   1 
ATOM   775  O O   . VAL A 1 104 ? 13.968  14.052  -4.952  1.00 20.89 ? 168 VAL A O   1 
ATOM   776  C CB  . VAL A 1 104 ? 12.274  11.958  -6.869  1.00 24.73 ? 168 VAL A CB  1 
ATOM   777  C CG1 . VAL A 1 104 ? 12.278  11.187  -8.181  1.00 27.24 ? 168 VAL A CG1 1 
ATOM   778  C CG2 . VAL A 1 104 ? 11.406  11.272  -5.838  1.00 26.07 ? 168 VAL A CG2 1 
ATOM   779  N N   . CYS A 1 105 ? 13.407  12.128  -3.942  1.00 21.26 ? 169 CYS A N   1 
ATOM   780  C CA  . CYS A 1 105 ? 13.336  12.760  -2.637  1.00 18.67 ? 169 CYS A CA  1 
ATOM   781  C C   . CYS A 1 105 ? 14.685  13.165  -2.059  1.00 21.05 ? 169 CYS A C   1 
ATOM   782  O O   . CYS A 1 105 ? 14.818  14.272  -1.524  1.00 18.20 ? 169 CYS A O   1 
ATOM   783  C CB  . CYS A 1 105 ? 12.576  11.864  -1.671  1.00 19.31 ? 169 CYS A CB  1 
ATOM   784  S SG  . CYS A 1 105 ? 10.811  11.760  -2.108  1.00 17.71 ? 169 CYS A SG  1 
ATOM   785  N N   . GLU A 1 106 ? 15.682  12.287  -2.149  1.00 19.66 ? 170 GLU A N   1 
ATOM   786  C CA  . GLU A 1 106 ? 17.004  12.647  -1.634  1.00 22.47 ? 170 GLU A CA  1 
ATOM   787  C C   . GLU A 1 106 ? 17.490  13.897  -2.376  1.00 21.82 ? 170 GLU A C   1 
ATOM   788  O O   . GLU A 1 106 ? 18.089  14.790  -1.779  1.00 23.77 ? 170 GLU A O   1 
ATOM   789  C CB  . GLU A 1 106 ? 18.006  11.494  -1.823  1.00 22.08 ? 170 GLU A CB  1 
ATOM   790  C CG  . GLU A 1 106 ? 17.797  10.282  -0.897  1.00 24.54 ? 170 GLU A CG  1 
ATOM   791  C CD  . GLU A 1 106 ? 18.231  10.523  0.550   1.00 29.04 ? 170 GLU A CD  1 
ATOM   792  O OE1 . GLU A 1 106 ? 18.354  9.536   1.308   1.00 33.67 ? 170 GLU A OE1 1 
ATOM   793  O OE2 . GLU A 1 106 ? 18.442  11.686  0.940   1.00 30.09 ? 170 GLU A OE2 1 
ATOM   794  N N   . ALA A 1 107 ? 17.219  13.969  -3.675  1.00 23.13 ? 171 ALA A N   1 
ATOM   795  C CA  . ALA A 1 107 ? 17.629  15.122  -4.469  1.00 25.17 ? 171 ALA A CA  1 
ATOM   796  C C   . ALA A 1 107 ? 16.852  16.363  -4.032  1.00 28.74 ? 171 ALA A C   1 
ATOM   797  O O   . ALA A 1 107 ? 17.430  17.419  -3.761  1.00 27.76 ? 171 ALA A O   1 
ATOM   798  C CB  . ALA A 1 107 ? 17.392  14.850  -5.949  1.00 25.77 ? 171 ALA A CB  1 
ATOM   799  N N   . GLU A 1 108 ? 15.533  16.222  -3.957  1.00 30.33 ? 172 GLU A N   1 
ATOM   800  C CA  . GLU A 1 108 ? 14.657  17.316  -3.558  1.00 33.43 ? 172 GLU A CA  1 
ATOM   801  C C   . GLU A 1 108 ? 15.059  17.938  -2.219  1.00 34.23 ? 172 GLU A C   1 
ATOM   802  O O   . GLU A 1 108 ? 15.111  19.163  -2.087  1.00 34.17 ? 172 GLU A O   1 
ATOM   803  C CB  . GLU A 1 108 ? 13.212  16.813  -3.484  1.00 34.51 ? 172 GLU A CB  1 
ATOM   804  C CG  . GLU A 1 108 ? 12.186  17.881  -3.142  1.00 37.52 ? 172 GLU A CG  1 
ATOM   805  C CD  . GLU A 1 108 ? 10.789  17.307  -2.975  1.00 39.99 ? 172 GLU A CD  1 
ATOM   806  O OE1 . GLU A 1 108 ? 10.263  16.723  -3.951  1.00 40.71 ? 172 GLU A OE1 1 
ATOM   807  O OE2 . GLU A 1 108 ? 10.221  17.438  -1.867  1.00 38.97 ? 172 GLU A OE2 1 
ATOM   808  N N   . VAL A 1 109 ? 15.351  17.095  -1.233  1.00 34.48 ? 173 VAL A N   1 
ATOM   809  C CA  . VAL A 1 109 ? 15.730  17.568  0.094   1.00 37.39 ? 173 VAL A CA  1 
ATOM   810  C C   . VAL A 1 109 ? 17.099  18.235  0.146   1.00 40.28 ? 173 VAL A C   1 
ATOM   811  O O   . VAL A 1 109 ? 17.239  19.318  0.711   1.00 38.90 ? 173 VAL A O   1 
ATOM   812  C CB  . VAL A 1 109 ? 15.708  16.419  1.128   1.00 36.83 ? 173 VAL A CB  1 
ATOM   813  C CG1 . VAL A 1 109 ? 16.525  15.257  0.629   1.00 38.73 ? 173 VAL A CG1 1 
ATOM   814  C CG2 . VAL A 1 109 ? 16.253  16.901  2.460   1.00 37.10 ? 173 VAL A CG2 1 
ATOM   815  N N   . ALA A 1 110 ? 18.106  17.582  -0.427  1.00 42.38 ? 174 ALA A N   1 
ATOM   816  C CA  . ALA A 1 110 ? 19.459  18.128  -0.436  1.00 46.87 ? 174 ALA A CA  1 
ATOM   817  C C   . ALA A 1 110 ? 19.454  19.502  -1.089  1.00 49.50 ? 174 ALA A C   1 
ATOM   818  O O   . ALA A 1 110 ? 20.336  20.325  -0.842  1.00 51.08 ? 174 ALA A O   1 
ATOM   819  C CB  . ALA A 1 110 ? 20.398  17.191  -1.189  1.00 45.81 ? 174 ALA A CB  1 
ATOM   820  N N   . LYS A 1 111 ? 18.443  19.742  -1.919  1.00 52.98 ? 175 LYS A N   1 
ATOM   821  C CA  . LYS A 1 111 ? 18.289  21.008  -2.624  1.00 56.77 ? 175 LYS A CA  1 
ATOM   822  C C   . LYS A 1 111 ? 17.872  22.103  -1.649  1.00 59.34 ? 175 LYS A C   1 
ATOM   823  O O   . LYS A 1 111 ? 17.354  23.145  -2.051  1.00 59.63 ? 175 LYS A O   1 
ATOM   824  C CB  . LYS A 1 111 ? 17.239  20.854  -3.723  1.00 56.79 ? 175 LYS A CB  1 
ATOM   825  C CG  . LYS A 1 111 ? 17.230  21.963  -4.751  1.00 58.25 ? 175 LYS A CG  1 
ATOM   826  C CD  . LYS A 1 111 ? 16.329  21.591  -5.918  1.00 59.83 ? 175 LYS A CD  1 
ATOM   827  C CE  . LYS A 1 111 ? 16.456  22.581  -7.061  1.00 61.12 ? 175 LYS A CE  1 
ATOM   828  N NZ  . LYS A 1 111 ? 15.652  22.153  -8.241  1.00 62.32 ? 175 LYS A NZ  1 
ATOM   829  N N   . LEU A 1 112 ? 18.108  21.852  -0.364  1.00 62.68 ? 176 LEU A N   1 
ATOM   830  C CA  . LEU A 1 112 ? 17.774  22.788  0.707   1.00 65.47 ? 176 LEU A CA  1 
ATOM   831  C C   . LEU A 1 112 ? 18.671  22.503  1.913   1.00 67.30 ? 176 LEU A C   1 
ATOM   832  O O   . LEU A 1 112 ? 18.263  21.812  2.848   1.00 67.71 ? 176 LEU A O   1 
ATOM   833  C CB  . LEU A 1 112 ? 16.308  22.619  1.116   1.00 65.72 ? 176 LEU A CB  1 
ATOM   834  C CG  . LEU A 1 112 ? 15.240  22.841  0.043   1.00 66.43 ? 176 LEU A CG  1 
ATOM   835  C CD1 . LEU A 1 112 ? 13.882  22.420  0.583   1.00 66.13 ? 176 LEU A CD1 1 
ATOM   836  C CD2 . LEU A 1 112 ? 15.230  24.304  -0.380  1.00 66.74 ? 176 LEU A CD2 1 
ATOM   837  N N   . GLY A 1 113 ? 19.890  23.033  1.889   1.00 68.98 ? 177 GLY A N   1 
ATOM   838  C CA  . GLY A 1 113 ? 20.810  22.796  2.987   1.00 71.45 ? 177 GLY A CA  1 
ATOM   839  C C   . GLY A 1 113 ? 21.244  24.038  3.746   1.00 72.95 ? 177 GLY A C   1 
ATOM   840  O O   . GLY A 1 113 ? 22.177  23.978  4.549   1.00 73.29 ? 177 GLY A O   1 
ATOM   841  N N   . ALA A 1 114 ? 20.572  25.158  3.499   1.00 73.99 ? 178 ALA A N   1 
ATOM   842  C CA  . ALA A 1 114 ? 20.897  26.415  4.169   1.00 74.93 ? 178 ALA A CA  1 
ATOM   843  C C   . ALA A 1 114 ? 20.513  26.359  5.646   1.00 75.53 ? 178 ALA A C   1 
ATOM   844  O O   . ALA A 1 114 ? 19.524  26.970  6.057   1.00 75.81 ? 178 ALA A O   1 
ATOM   845  C CB  . ALA A 1 114 ? 20.172  27.570  3.484   1.00 75.04 ? 178 ALA A CB  1 
ATOM   846  N N   . LYS A 1 115 ? 21.301  25.632  6.437   1.00 75.99 ? 179 LYS A N   1 
ATOM   847  C CA  . LYS A 1 115 ? 21.036  25.479  7.867   1.00 76.28 ? 179 LYS A CA  1 
ATOM   848  C C   . LYS A 1 115 ? 19.599  25.012  8.086   1.00 76.61 ? 179 LYS A C   1 
ATOM   849  O O   . LYS A 1 115 ? 19.053  25.163  9.179   1.00 77.13 ? 179 LYS A O   1 
ATOM   850  C CB  . LYS A 1 115 ? 21.245  26.807  8.610   1.00 76.20 ? 179 LYS A CB  1 
ATOM   851  C CG  . LYS A 1 115 ? 22.693  27.198  8.877   1.00 75.51 ? 179 LYS A CG  1 
ATOM   852  C CD  . LYS A 1 115 ? 22.748  28.420  9.793   1.00 74.97 ? 179 LYS A CD  1 
ATOM   853  C CE  . LYS A 1 115 ? 24.169  28.754  10.223  1.00 74.26 ? 179 LYS A CE  1 
ATOM   854  N NZ  . LYS A 1 115 ? 24.204  29.893  11.183  1.00 73.03 ? 179 LYS A NZ  1 
ATOM   855  N N   . VAL A 1 116 ? 18.997  24.447  7.043   1.00 76.31 ? 180 VAL A N   1 
ATOM   856  C CA  . VAL A 1 116 ? 17.617  23.980  7.098   1.00 75.28 ? 180 VAL A CA  1 
ATOM   857  C C   . VAL A 1 116 ? 17.388  22.870  8.123   1.00 74.84 ? 180 VAL A C   1 
ATOM   858  O O   . VAL A 1 116 ? 17.135  21.718  7.765   1.00 75.42 ? 180 VAL A O   1 
ATOM   859  C CB  . VAL A 1 116 ? 17.144  23.493  5.708   1.00 75.23 ? 180 VAL A CB  1 
ATOM   860  C CG1 . VAL A 1 116 ? 15.657  23.176  5.743   1.00 74.88 ? 180 VAL A CG1 1 
ATOM   861  C CG2 . VAL A 1 116 ? 17.435  24.558  4.660   1.00 75.22 ? 180 VAL A CG2 1 
ATOM   862  N N   . SER A 1 117 ? 17.480  23.240  9.398   1.00 73.97 ? 181 SER A N   1 
ATOM   863  C CA  . SER A 1 117 ? 17.289  22.344  10.529  1.00 72.56 ? 181 SER A CA  1 
ATOM   864  C C   . SER A 1 117 ? 18.129  21.071  10.536  1.00 71.31 ? 181 SER A C   1 
ATOM   865  O O   . SER A 1 117 ? 18.310  20.454  11.588  1.00 71.13 ? 181 SER A O   1 
ATOM   866  C CB  . SER A 1 117 ? 15.800  21.920  10.601  1.00 73.30 ? 181 SER A CB  1 
ATOM   867  O OG  . SER A 1 117 ? 14.955  23.047  10.775  1.00 74.24 ? 181 SER A OG  1 
ATOM   868  N N   . LYS A 1 118 ? 18.654  20.689  9.371   1.00 69.58 ? 182 LYS A N   1 
ATOM   869  C CA  . LYS A 1 118 ? 19.305  19.377  9.279   1.00 68.06 ? 182 LYS A CA  1 
ATOM   870  C C   . LYS A 1 118 ? 18.426  18.169  9.742   1.00 66.32 ? 182 LYS A C   1 
ATOM   871  O O   . LYS A 1 118 ? 18.653  17.022  9.346   1.00 66.47 ? 182 LYS A O   1 
ATOM   872  C CB  . LYS A 1 118 ? 20.544  19.475  10.090  1.00 68.85 ? 182 LYS A CB  1 
ATOM   873  C CG  . LYS A 1 118 ? 21.331  20.750  9.782   1.00 69.92 ? 182 LYS A CG  1 
ATOM   874  C CD  . LYS A 1 118 ? 22.444  20.987  10.788  1.00 70.71 ? 182 LYS A CD  1 
ATOM   875  C CE  . LYS A 1 118 ? 23.177  22.288  10.496  1.00 70.93 ? 182 LYS A CE  1 
ATOM   876  N NZ  . LYS A 1 118 ? 24.251  22.559  11.492  1.00 71.64 ? 182 LYS A NZ  1 
ATOM   877  N N   . ALA A 1 119 ? 17.469  18.462  10.612  1.00 64.49 ? 183 ALA A N   1 
ATOM   878  C CA  . ALA A 1 119 ? 16.567  17.456  11.158  1.00 62.24 ? 183 ALA A CA  1 
ATOM   879  C C   . ALA A 1 119 ? 15.270  17.540  10.367  1.00 60.65 ? 183 ALA A C   1 
ATOM   880  O O   . ALA A 1 119 ? 14.584  16.538  10.166  1.00 60.01 ? 183 ALA A O   1 
ATOM   881  C CB  . ALA A 1 119 ? 16.299  17.727  12.631  1.00 62.72 ? 183 ALA A CB  1 
ATOM   882  N N   . LYS A 1 120 ? 14.940  18.749  9.923   1.00 58.74 ? 184 LYS A N   1 
ATOM   883  C CA  . LYS A 1 120 ? 13.737  18.960  9.133   1.00 57.97 ? 184 LYS A CA  1 
ATOM   884  C C   . LYS A 1 120 ? 13.979  18.357  7.757   1.00 55.96 ? 184 LYS A C   1 
ATOM   885  O O   . LYS A 1 120 ? 13.037  18.024  7.040   1.00 55.56 ? 184 LYS A O   1 
ATOM   886  C CB  . LYS A 1 120 ? 13.420  20.453  9.000   1.00 59.03 ? 184 LYS A CB  1 
ATOM   887  C CG  . LYS A 1 120 ? 12.116  20.739  8.268   1.00 60.99 ? 184 LYS A CG  1 
ATOM   888  C CD  . LYS A 1 120 ? 11.771  22.220  8.275   1.00 62.03 ? 184 LYS A CD  1 
ATOM   889  C CE  . LYS A 1 120 ? 10.449  22.475  7.564   1.00 63.15 ? 184 LYS A CE  1 
ATOM   890  N NZ  . LYS A 1 120 ? 10.054  23.914  7.595   1.00 63.83 ? 184 LYS A NZ  1 
ATOM   891  N N   . LYS A 1 121 ? 15.251  18.222  7.394   1.00 54.03 ? 185 LYS A N   1 
ATOM   892  C CA  . LYS A 1 121 ? 15.616  17.634  6.111   1.00 51.95 ? 185 LYS A CA  1 
ATOM   893  C C   . LYS A 1 121 ? 15.186  16.170  6.114   1.00 49.57 ? 185 LYS A C   1 
ATOM   894  O O   . LYS A 1 121 ? 14.735  15.643  5.098   1.00 48.93 ? 185 LYS A O   1 
ATOM   895  C CB  . LYS A 1 121 ? 17.126  17.730  5.879   1.00 53.16 ? 185 LYS A CB  1 
ATOM   896  C CG  . LYS A 1 121 ? 17.645  19.148  5.707   1.00 55.11 ? 185 LYS A CG  1 
ATOM   897  C CD  . LYS A 1 121 ? 19.154  19.160  5.494   1.00 56.29 ? 185 LYS A CD  1 
ATOM   898  C CE  . LYS A 1 121 ? 19.682  20.581  5.365   1.00 57.88 ? 185 LYS A CE  1 
ATOM   899  N NZ  . LYS A 1 121 ? 21.168  20.624  5.242   1.00 57.70 ? 185 LYS A NZ  1 
ATOM   900  N N   . ARG A 1 122 ? 15.330  15.515  7.263   1.00 46.97 ? 186 ARG A N   1 
ATOM   901  C CA  . ARG A 1 122 ? 14.938  14.118  7.382   1.00 45.00 ? 186 ARG A CA  1 
ATOM   902  C C   . ARG A 1 122 ? 13.418  14.022  7.436   1.00 43.84 ? 186 ARG A C   1 
ATOM   903  O O   . ARG A 1 122 ? 12.825  13.104  6.866   1.00 42.82 ? 186 ARG A O   1 
ATOM   904  C CB  . ARG A 1 122 ? 15.540  13.490  8.639   1.00 45.84 ? 186 ARG A CB  1 
ATOM   905  C CG  . ARG A 1 122 ? 15.114  12.046  8.848   1.00 47.61 ? 186 ARG A CG  1 
ATOM   906  C CD  . ARG A 1 122 ? 15.920  11.376  9.946   1.00 49.79 ? 186 ARG A CD  1 
ATOM   907  N NE  . ARG A 1 122 ? 15.518  9.987   10.155  1.00 50.57 ? 186 ARG A NE  1 
ATOM   908  C CZ  . ARG A 1 122 ? 14.335  9.613   10.631  1.00 52.43 ? 186 ARG A CZ  1 
ATOM   909  N NH1 . ARG A 1 122 ? 13.426  10.526  10.955  1.00 52.57 ? 186 ARG A NH1 1 
ATOM   910  N NH2 . ARG A 1 122 ? 14.059  8.324   10.784  1.00 53.18 ? 186 ARG A NH2 1 
ATOM   911  N N   . GLU A 1 123 ? 12.792  14.972  8.127   1.00 41.77 ? 187 GLU A N   1 
ATOM   912  C CA  . GLU A 1 123 ? 11.340  14.998  8.226   1.00 40.12 ? 187 GLU A CA  1 
ATOM   913  C C   . GLU A 1 123 ? 10.806  15.136  6.811   1.00 36.89 ? 187 GLU A C   1 
ATOM   914  O O   . GLU A 1 123 ? 9.882   14.430  6.410   1.00 34.76 ? 187 GLU A O   1 
ATOM   915  C CB  . GLU A 1 123 ? 10.859  16.196  9.049   1.00 42.31 ? 187 GLU A CB  1 
ATOM   916  C CG  . GLU A 1 123 ? 11.163  16.129  10.532  1.00 46.70 ? 187 GLU A CG  1 
ATOM   917  C CD  . GLU A 1 123 ? 10.439  17.217  11.310  1.00 48.67 ? 187 GLU A CD  1 
ATOM   918  O OE1 . GLU A 1 123 ? 10.644  18.411  11.001  1.00 49.39 ? 187 GLU A OE1 1 
ATOM   919  O OE2 . GLU A 1 123 ? 9.660   16.876  12.228  1.00 49.99 ? 187 GLU A OE2 1 
ATOM   920  N N   . ALA A 1 124 ? 11.405  16.059  6.065   1.00 32.61 ? 188 ALA A N   1 
ATOM   921  C CA  . ALA A 1 124 ? 11.009  16.307  4.690   1.00 31.70 ? 188 ALA A CA  1 
ATOM   922  C C   . ALA A 1 124 ? 11.192  15.040  3.863   1.00 29.73 ? 188 ALA A C   1 
ATOM   923  O O   . ALA A 1 124 ? 10.379  14.743  2.990   1.00 30.09 ? 188 ALA A O   1 
ATOM   924  C CB  . ALA A 1 124 ? 11.835  17.442  4.099   1.00 30.05 ? 188 ALA A CB  1 
ATOM   925  N N   . LEU A 1 125 ? 12.261  14.296  4.143   1.00 27.87 ? 189 LEU A N   1 
ATOM   926  C CA  . LEU A 1 125 ? 12.529  13.059  3.410   1.00 27.04 ? 189 LEU A CA  1 
ATOM   927  C C   . LEU A 1 125 ? 11.402  12.055  3.626   1.00 25.52 ? 189 LEU A C   1 
ATOM   928  O O   . LEU A 1 125 ? 10.861  11.506  2.669   1.00 26.60 ? 189 LEU A O   1 
ATOM   929  C CB  . LEU A 1 125 ? 13.853  12.432  3.856   1.00 25.88 ? 189 LEU A CB  1 
ATOM   930  C CG  . LEU A 1 125 ? 14.191  11.089  3.189   1.00 26.03 ? 189 LEU A CG  1 
ATOM   931  C CD1 . LEU A 1 125 ? 14.437  11.305  1.698   1.00 26.12 ? 189 LEU A CD1 1 
ATOM   932  C CD2 . LEU A 1 125 ? 15.420  10.473  3.843   1.00 27.52 ? 189 LEU A CD2 1 
ATOM   933  N N   . ILE A 1 126 ? 11.049  11.823  4.887   1.00 25.87 ? 190 ILE A N   1 
ATOM   934  C CA  . ILE A 1 126 ? 9.990   10.878  5.220   1.00 25.80 ? 190 ILE A CA  1 
ATOM   935  C C   . ILE A 1 126 ? 8.654   11.291  4.604   1.00 25.03 ? 190 ILE A C   1 
ATOM   936  O O   . ILE A 1 126 ? 7.882   10.444  4.139   1.00 22.70 ? 190 ILE A O   1 
ATOM   937  C CB  . ILE A 1 126 ? 9.849   10.733  6.752   1.00 26.12 ? 190 ILE A CB  1 
ATOM   938  C CG1 . ILE A 1 126 ? 11.140  10.141  7.322   1.00 27.23 ? 190 ILE A CG1 1 
ATOM   939  C CG2 . ILE A 1 126 ? 8.676   9.822   7.098   1.00 28.69 ? 190 ILE A CG2 1 
ATOM   940  C CD1 . ILE A 1 126 ? 11.114  9.925   8.825   1.00 29.66 ? 190 ILE A CD1 1 
ATOM   941  N N   . ALA A 1 127 ? 8.383   12.591  4.581   1.00 22.72 ? 191 ALA A N   1 
ATOM   942  C CA  . ALA A 1 127 ? 7.137   13.076  3.998   1.00 22.26 ? 191 ALA A CA  1 
ATOM   943  C C   . ALA A 1 127 ? 7.174   12.915  2.479   1.00 22.00 ? 191 ALA A C   1 
ATOM   944  O O   . ALA A 1 127 ? 6.188   12.537  1.858   1.00 21.68 ? 191 ALA A O   1 
ATOM   945  C CB  . ALA A 1 127 ? 6.916   14.548  4.368   1.00 23.20 ? 191 ALA A CB  1 
ATOM   946  N N   . CYS A 1 128 ? 8.327   13.196  1.881   1.00 19.95 ? 192 CYS A N   1 
ATOM   947  C CA  . CYS A 1 128 ? 8.473   13.093  0.437   1.00 19.84 ? 192 CYS A CA  1 
ATOM   948  C C   . CYS A 1 128 ? 8.327   11.662  -0.100  1.00 17.92 ? 192 CYS A C   1 
ATOM   949  O O   . CYS A 1 128 ? 7.770   11.451  -1.176  1.00 19.74 ? 192 CYS A O   1 
ATOM   950  C CB  . CYS A 1 128 ? 9.833   13.660  0.021   1.00 19.60 ? 192 CYS A CB  1 
ATOM   951  S SG  . CYS A 1 128 ? 10.170  13.660  -1.763  1.00 22.65 ? 192 CYS A SG  1 
ATOM   952  N N   . ILE A 1 129 ? 8.814   10.682  0.652   1.00 17.26 ? 193 ILE A N   1 
ATOM   953  C CA  . ILE A 1 129 ? 8.749   9.288   0.205   1.00 15.34 ? 193 ILE A CA  1 
ATOM   954  C C   . ILE A 1 129 ? 7.439   8.583   0.561   1.00 16.12 ? 193 ILE A C   1 
ATOM   955  O O   . ILE A 1 129 ? 7.305   7.369   0.379   1.00 14.52 ? 193 ILE A O   1 
ATOM   956  C CB  . ILE A 1 129 ? 9.936   8.480   0.773   1.00 15.03 ? 193 ILE A CB  1 
ATOM   957  C CG1 . ILE A 1 129 ? 9.835   8.395   2.302   1.00 14.54 ? 193 ILE A CG1 1 
ATOM   958  C CG2 . ILE A 1 129 ? 11.248  9.148   0.356   1.00 14.36 ? 193 ILE A CG2 1 
ATOM   959  C CD1 . ILE A 1 129 ? 11.079  7.843   2.985   1.00 16.70 ? 193 ILE A CD1 1 
ATOM   960  N N   . GLU A 1 130 ? 6.470   9.360   1.044   1.00 15.68 ? 194 GLU A N   1 
ATOM   961  C CA  . GLU A 1 130 ? 5.160   8.834   1.423   1.00 16.77 ? 194 GLU A CA  1 
ATOM   962  C C   . GLU A 1 130 ? 4.492   7.965   0.346   1.00 16.03 ? 194 GLU A C   1 
ATOM   963  O O   . GLU A 1 130 ? 3.815   6.991   0.666   1.00 16.68 ? 194 GLU A O   1 
ATOM   964  C CB  . GLU A 1 130 ? 4.242   10.002  1.818   1.00 16.80 ? 194 GLU A CB  1 
ATOM   965  C CG  . GLU A 1 130 ? 2.818   9.629   2.235   1.00 17.90 ? 194 GLU A CG  1 
ATOM   966  C CD  . GLU A 1 130 ? 1.932   9.272   1.057   1.00 20.13 ? 194 GLU A CD  1 
ATOM   967  O OE1 . GLU A 1 130 ? 2.150   9.828   -0.046  1.00 19.94 ? 194 GLU A OE1 1 
ATOM   968  O OE2 . GLU A 1 130 ? 1.008   8.447   1.235   1.00 20.34 ? 194 GLU A OE2 1 
ATOM   969  N N   . PRO A 1 131 ? 4.666   8.301   -0.945  1.00 16.02 ? 195 PRO A N   1 
ATOM   970  C CA  . PRO A 1 131 ? 4.027   7.467   -1.969  1.00 15.68 ? 195 PRO A CA  1 
ATOM   971  C C   . PRO A 1 131 ? 4.436   5.989   -1.951  1.00 15.64 ? 195 PRO A C   1 
ATOM   972  O O   . PRO A 1 131 ? 3.680   5.138   -2.421  1.00 16.21 ? 195 PRO A O   1 
ATOM   973  C CB  . PRO A 1 131 ? 4.415   8.162   -3.272  1.00 15.83 ? 195 PRO A CB  1 
ATOM   974  C CG  . PRO A 1 131 ? 4.478   9.613   -2.857  1.00 16.17 ? 195 PRO A CG  1 
ATOM   975  C CD  . PRO A 1 131 ? 5.226   9.528   -1.545  1.00 16.94 ? 195 PRO A CD  1 
ATOM   976  N N   . ASP A 1 132 ? 5.621   5.684   -1.415  1.00 13.52 ? 196 ASP A N   1 
ATOM   977  C CA  . ASP A 1 132 ? 6.096   4.302   -1.349  1.00 14.00 ? 196 ASP A CA  1 
ATOM   978  C C   . ASP A 1 132 ? 5.499   3.527   -0.177  1.00 14.45 ? 196 ASP A C   1 
ATOM   979  O O   . ASP A 1 132 ? 5.719   2.318   -0.051  1.00 14.25 ? 196 ASP A O   1 
ATOM   980  C CB  . ASP A 1 132 ? 7.629   4.238   -1.249  1.00 13.58 ? 196 ASP A CB  1 
ATOM   981  C CG  . ASP A 1 132 ? 8.323   4.637   -2.541  1.00 15.81 ? 196 ASP A CG  1 
ATOM   982  O OD1 . ASP A 1 132 ? 7.748   4.427   -3.636  1.00 15.31 ? 196 ASP A OD1 1 
ATOM   983  O OD2 . ASP A 1 132 ? 9.464   5.142   -2.460  1.00 14.21 ? 196 ASP A OD2 1 
ATOM   984  N N   . ARG A 1 133 ? 4.744   4.220   0.673   1.00 12.46 ? 197 ARG A N   1 
ATOM   985  C CA  . ARG A 1 133 ? 4.106   3.588   1.824   1.00 12.93 ? 197 ARG A CA  1 
ATOM   986  C C   . ARG A 1 133 ? 2.638   3.413   1.473   1.00 12.66 ? 197 ARG A C   1 
ATOM   987  O O   . ARG A 1 133 ? 1.844   4.348   1.604   1.00 12.73 ? 197 ARG A O   1 
ATOM   988  C CB  . ARG A 1 133 ? 4.246   4.473   3.069   1.00 12.71 ? 197 ARG A CB  1 
ATOM   989  C CG  . ARG A 1 133 ? 5.698   4.749   3.474   1.00 14.23 ? 197 ARG A CG  1 
ATOM   990  C CD  . ARG A 1 133 ? 5.757   5.296   4.897   1.00 14.76 ? 197 ARG A CD  1 
ATOM   991  N NE  . ARG A 1 133 ? 5.222   6.653   5.002   1.00 16.29 ? 197 ARG A NE  1 
ATOM   992  C CZ  . ARG A 1 133 ? 5.923   7.763   4.773   1.00 16.91 ? 197 ARG A CZ  1 
ATOM   993  N NH1 . ARG A 1 133 ? 7.198   7.687   4.419   1.00 14.79 ? 197 ARG A NH1 1 
ATOM   994  N NH2 . ARG A 1 133 ? 5.352   8.956   4.924   1.00 16.97 ? 197 ARG A NH2 1 
ATOM   995  N N   . ARG A 1 134 ? 2.277   2.217   1.021   1.00 13.81 ? 198 ARG A N   1 
ATOM   996  C CA  . ARG A 1 134 ? 0.898   1.977   0.621   1.00 14.17 ? 198 ARG A CA  1 
ATOM   997  C C   . ARG A 1 134 ? 0.610   0.500   0.402   1.00 14.07 ? 198 ARG A C   1 
ATOM   998  O O   . ARG A 1 134 ? 1.494   -0.351  0.505   1.00 15.32 ? 198 ARG A O   1 
ATOM   999  C CB  . ARG A 1 134 ? 0.615   2.726   -0.684  1.00 17.42 ? 198 ARG A CB  1 
ATOM   1000 C CG  . ARG A 1 134 ? 1.427   2.186   -1.840  1.00 16.48 ? 198 ARG A CG  1 
ATOM   1001 C CD  . ARG A 1 134 ? 1.055   2.797   -3.193  1.00 15.93 ? 198 ARG A CD  1 
ATOM   1002 N NE  . ARG A 1 134 ? 1.551   1.911   -4.237  1.00 15.70 ? 198 ARG A NE  1 
ATOM   1003 C CZ  . ARG A 1 134 ? 2.833   1.755   -4.554  1.00 17.03 ? 198 ARG A CZ  1 
ATOM   1004 N NH1 . ARG A 1 134 ? 3.778   2.449   -3.929  1.00 15.60 ? 198 ARG A NH1 1 
ATOM   1005 N NH2 . ARG A 1 134 ? 3.176   0.841   -5.450  1.00 16.24 ? 198 ARG A NH2 1 
ATOM   1006 N N   . VAL A 1 135 ? -0.647  0.211   0.097   1.00 13.34 ? 199 VAL A N   1 
ATOM   1007 C CA  . VAL A 1 135 ? -1.082  -1.144  -0.189  1.00 12.93 ? 199 VAL A CA  1 
ATOM   1008 C C   . VAL A 1 135 ? -1.828  -1.058  -1.513  1.00 13.02 ? 199 VAL A C   1 
ATOM   1009 O O   . VAL A 1 135 ? -2.725  -0.228  -1.674  1.00 14.17 ? 199 VAL A O   1 
ATOM   1010 C CB  . VAL A 1 135 ? -2.048  -1.688  0.890   1.00 12.79 ? 199 VAL A CB  1 
ATOM   1011 C CG1 . VAL A 1 135 ? -2.580  -3.050  0.469   1.00 11.73 ? 199 VAL A CG1 1 
ATOM   1012 C CG2 . VAL A 1 135 ? -1.325  -1.804  2.232   1.00 12.09 ? 199 VAL A CG2 1 
ATOM   1013 N N   . ASP A 1 136 ? -1.429  -1.890  -2.467  1.00 13.00 ? 200 ASP A N   1 
ATOM   1014 C CA  . ASP A 1 136 ? -2.073  -1.925  -3.775  1.00 13.34 ? 200 ASP A CA  1 
ATOM   1015 C C   . ASP A 1 136 ? -2.943  -3.175  -3.858  1.00 14.37 ? 200 ASP A C   1 
ATOM   1016 O O   . ASP A 1 136 ? -2.504  -4.264  -3.493  1.00 15.64 ? 200 ASP A O   1 
ATOM   1017 C CB  . ASP A 1 136 ? -1.041  -2.000  -4.912  1.00 13.58 ? 200 ASP A CB  1 
ATOM   1018 C CG  . ASP A 1 136 ? -0.357  -0.667  -5.205  1.00 17.64 ? 200 ASP A CG  1 
ATOM   1019 O OD1 . ASP A 1 136 ? -0.855  0.382   -4.753  1.00 15.86 ? 200 ASP A OD1 1 
ATOM   1020 O OD2 . ASP A 1 136 ? 0.684   -0.678  -5.914  1.00 15.38 ? 200 ASP A OD2 1 
ATOM   1021 N N   . VAL A 1 137 ? -4.176  -3.020  -4.324  1.00 12.68 ? 201 VAL A N   1 
ATOM   1022 C CA  . VAL A 1 137 ? -5.054  -4.170  -4.505  1.00 12.54 ? 201 VAL A CA  1 
ATOM   1023 C C   . VAL A 1 137 ? -5.129  -4.339  -6.023  1.00 13.64 ? 201 VAL A C   1 
ATOM   1024 O O   . VAL A 1 137 ? -5.667  -3.479  -6.720  1.00 14.69 ? 201 VAL A O   1 
ATOM   1025 C CB  . VAL A 1 137 ? -6.466  -3.921  -3.930  1.00 12.71 ? 201 VAL A CB  1 
ATOM   1026 C CG1 . VAL A 1 137 ? -7.351  -5.151  -4.156  1.00 12.04 ? 201 VAL A CG1 1 
ATOM   1027 C CG2 . VAL A 1 137 ? -6.364  -3.622  -2.427  1.00 11.90 ? 201 VAL A CG2 1 
ATOM   1028 N N   . LYS A 1 138 ? -4.547  -5.429  -6.523  1.00 14.54 ? 202 LYS A N   1 
ATOM   1029 C CA  . LYS A 1 138 ? -4.511  -5.717  -7.956  1.00 16.49 ? 202 LYS A CA  1 
ATOM   1030 C C   . LYS A 1 138 ? -5.559  -6.760  -8.311  1.00 16.83 ? 202 LYS A C   1 
ATOM   1031 O O   . LYS A 1 138 ? -5.501  -7.909  -7.857  1.00 16.44 ? 202 LYS A O   1 
ATOM   1032 C CB  . LYS A 1 138 ? -3.127  -6.229  -8.369  1.00 19.04 ? 202 LYS A CB  1 
ATOM   1033 C CG  . LYS A 1 138 ? -1.995  -5.209  -8.259  1.00 24.89 ? 202 LYS A CG  1 
ATOM   1034 C CD  . LYS A 1 138 ? -0.758  -5.735  -8.989  1.00 27.33 ? 202 LYS A CD  1 
ATOM   1035 C CE  . LYS A 1 138 ? 0.278   -4.654  -9.205  1.00 31.58 ? 202 LYS A CE  1 
ATOM   1036 N NZ  . LYS A 1 138 ? -0.260  -3.500  -9.992  1.00 31.46 ? 202 LYS A NZ  1 
ATOM   1037 N N   . ILE A 1 139 ? -6.508  -6.351  -9.142  1.00 16.18 ? 203 ILE A N   1 
ATOM   1038 C CA  . ILE A 1 139 ? -7.592  -7.218  -9.555  1.00 15.88 ? 203 ILE A CA  1 
ATOM   1039 C C   . ILE A 1 139 ? -7.525  -7.531  -11.041 1.00 17.15 ? 203 ILE A C   1 
ATOM   1040 O O   . ILE A 1 139 ? -7.398  -6.634  -11.867 1.00 18.20 ? 203 ILE A O   1 
ATOM   1041 C CB  . ILE A 1 139 ? -8.947  -6.553  -9.263  1.00 17.85 ? 203 ILE A CB  1 
ATOM   1042 C CG1 . ILE A 1 139 ? -9.054  -6.253  -7.763  1.00 17.85 ? 203 ILE A CG1 1 
ATOM   1043 C CG2 . ILE A 1 139 ? -10.099 -7.455  -9.727  1.00 17.38 ? 203 ILE A CG2 1 
ATOM   1044 C CD1 . ILE A 1 139 ? -9.571  -4.870  -7.457  1.00 19.17 ? 203 ILE A CD1 1 
ATOM   1045 N N   . ARG A 1 140 ? -7.576  -8.813  -11.373 1.00 16.50 ? 204 ARG A N   1 
ATOM   1046 C CA  . ARG A 1 140 ? -7.594  -9.215  -12.774 1.00 18.07 ? 204 ARG A CA  1 
ATOM   1047 C C   . ARG A 1 140 ? -8.965  -9.826  -12.992 1.00 18.37 ? 204 ARG A C   1 
ATOM   1048 O O   . ARG A 1 140 ? -9.363  -10.743 -12.272 1.00 17.97 ? 204 ARG A O   1 
ATOM   1049 C CB  . ARG A 1 140 ? -6.512  -10.254 -13.091 1.00 18.31 ? 204 ARG A CB  1 
ATOM   1050 C CG  . ARG A 1 140 ? -6.829  -11.078 -14.341 1.00 21.18 ? 204 ARG A CG  1 
ATOM   1051 C CD  . ARG A 1 140 ? -5.577  -11.618 -15.011 1.00 24.66 ? 204 ARG A CD  1 
ATOM   1052 N NE  . ARG A 1 140 ? -4.824  -10.541 -15.652 1.00 27.92 ? 204 ARG A NE  1 
ATOM   1053 C CZ  . ARG A 1 140 ? -3.851  -10.728 -16.540 1.00 30.60 ? 204 ARG A CZ  1 
ATOM   1054 N NH1 . ARG A 1 140 ? -3.504  -11.958 -16.900 1.00 31.22 ? 204 ARG A NH1 1 
ATOM   1055 N NH2 . ARG A 1 140 ? -3.232  -9.684  -17.077 1.00 30.21 ? 204 ARG A NH2 1 
ATOM   1056 N N   . SER A 1 141 ? -9.694  -9.310  -13.972 1.00 18.18 ? 205 SER A N   1 
ATOM   1057 C CA  . SER A 1 141 ? -11.020 -9.829  -14.260 1.00 20.53 ? 205 SER A CA  1 
ATOM   1058 C C   . SER A 1 141 ? -11.158 -10.117 -15.751 1.00 22.22 ? 205 SER A C   1 
ATOM   1059 O O   . SER A 1 141 ? -10.377 -9.611  -16.568 1.00 19.06 ? 205 SER A O   1 
ATOM   1060 C CB  . SER A 1 141 ? -12.085 -8.827  -13.809 1.00 21.23 ? 205 SER A CB  1 
ATOM   1061 O OG  . SER A 1 141 ? -11.920 -7.579  -14.456 1.00 26.35 ? 205 SER A OG  1 
ATOM   1062 N N   . ILE A 1 142 ? -12.149 -10.937 -16.089 1.00 23.57 ? 206 ILE A N   1 
ATOM   1063 C CA  . ILE A 1 142 ? -12.413 -11.307 -17.473 1.00 26.43 ? 206 ILE A CA  1 
ATOM   1064 C C   . ILE A 1 142 ? -13.406 -10.351 -18.116 1.00 28.20 ? 206 ILE A C   1 
ATOM   1065 O O   . ILE A 1 142 ? -14.413 -9.982  -17.511 1.00 26.08 ? 206 ILE A O   1 
ATOM   1066 C CB  . ILE A 1 142 ? -12.988 -12.745 -17.579 1.00 26.66 ? 206 ILE A CB  1 
ATOM   1067 C CG1 . ILE A 1 142 ? -11.896 -13.772 -17.268 1.00 28.10 ? 206 ILE A CG1 1 
ATOM   1068 C CG2 . ILE A 1 142 ? -13.558 -12.983 -18.978 1.00 27.62 ? 206 ILE A CG2 1 
ATOM   1069 C CD1 . ILE A 1 142 ? -11.534 -13.869 -15.802 1.00 26.65 ? 206 ILE A CD1 1 
ATOM   1070 N N   . VAL A 1 143 ? -13.112 -9.952  -19.349 1.00 30.78 ? 207 VAL A N   1 
ATOM   1071 C CA  . VAL A 1 143 ? -13.986 -9.053  -20.085 1.00 34.69 ? 207 VAL A CA  1 
ATOM   1072 C C   . VAL A 1 143 ? -15.079 -9.874  -20.763 1.00 36.45 ? 207 VAL A C   1 
ATOM   1073 O O   . VAL A 1 143 ? -16.271 -9.537  -20.583 1.00 38.13 ? 207 VAL A O   1 
ATOM   1074 C CB  . VAL A 1 143 ? -13.216 -8.286  -21.172 1.00 34.70 ? 207 VAL A CB  1 
ATOM   1075 C CG1 . VAL A 1 143 ? -14.109 -7.223  -21.784 1.00 35.94 ? 207 VAL A CG1 1 
ATOM   1076 C CG2 . VAL A 1 143 ? -11.963 -7.669  -20.583 1.00 35.24 ? 207 VAL A CG2 1 
HETATM 1077 C C   . TRS B 2 .   ? -8.033  -15.407 5.507   1.00 39.79 ? 229 TRS A C   1 
HETATM 1078 C C1  . TRS B 2 .   ? -6.995  -16.037 6.475   1.00 39.14 ? 229 TRS A C1  1 
HETATM 1079 C C2  . TRS B 2 .   ? -7.712  -13.895 5.379   1.00 38.95 ? 229 TRS A C2  1 
HETATM 1080 C C3  . TRS B 2 .   ? -9.522  -15.524 5.988   1.00 39.76 ? 229 TRS A C3  1 
HETATM 1081 N N   . TRS B 2 .   ? -7.897  -16.253 4.333   1.00 40.58 ? 229 TRS A N   1 
HETATM 1082 O O1  . TRS B 2 .   ? -7.088  -15.423 7.744   1.00 38.58 ? 229 TRS A O1  1 
HETATM 1083 O O2  . TRS B 2 .   ? -6.852  -13.706 4.253   1.00 40.03 ? 229 TRS A O2  1 
HETATM 1084 O O3  . TRS B 2 .   ? -9.668  -14.833 7.259   1.00 41.94 ? 229 TRS A O3  1 
HETATM 1085 O O   . HOH C 3 .   ? 11.688  5.029   -0.673  1.00 12.86 ? 230 HOH A O   1 
HETATM 1086 O O   . HOH C 3 .   ? 11.890  -5.918  1.791   1.00 16.47 ? 231 HOH A O   1 
HETATM 1087 O O   . HOH C 3 .   ? -4.439  -13.575 -5.675  1.00 12.20 ? 232 HOH A O   1 
HETATM 1088 O O   . HOH C 3 .   ? -8.420  -6.996  8.530   1.00 14.91 ? 233 HOH A O   1 
HETATM 1089 O O   . HOH C 3 .   ? 2.372   7.126   5.250   1.00 19.80 ? 234 HOH A O   1 
HETATM 1090 O O   . HOH C 3 .   ? 5.605   5.354   -5.326  1.00 20.34 ? 235 HOH A O   1 
HETATM 1091 O O   . HOH C 3 .   ? -4.595  -9.650  -9.848  1.00 17.19 ? 236 HOH A O   1 
HETATM 1092 O O   . HOH C 3 .   ? -15.336 -14.116 1.841   1.00 15.84 ? 237 HOH A O   1 
HETATM 1093 O O   . HOH C 3 .   ? -20.002 -6.716  4.074   1.00 21.80 ? 238 HOH A O   1 
HETATM 1094 O O   . HOH C 3 .   ? -14.356 -18.835 -5.584  1.00 19.09 ? 239 HOH A O   1 
HETATM 1095 O O   . HOH C 3 .   ? 1.146   6.645   3.115   1.00 12.68 ? 240 HOH A O   1 
HETATM 1096 O O   . HOH C 3 .   ? -1.824  -0.419  14.835  1.00 22.83 ? 241 HOH A O   1 
HETATM 1097 O O   . HOH C 3 .   ? 7.829   0.621   -2.369  1.00 17.73 ? 242 HOH A O   1 
HETATM 1098 O O   . HOH C 3 .   ? 10.039  1.302   5.683   1.00 23.43 ? 243 HOH A O   1 
HETATM 1099 O O   . HOH C 3 .   ? -17.556 -16.461 -14.714 1.00 20.46 ? 244 HOH A O   1 
HETATM 1100 O O   . HOH C 3 .   ? 6.490   2.015   -4.259  1.00 19.41 ? 245 HOH A O   1 
HETATM 1101 O O   . HOH C 3 .   ? -6.286  -17.040 -0.055  1.00 16.64 ? 246 HOH A O   1 
HETATM 1102 O O   . HOH C 3 .   ? 7.905   -1.971  -3.048  1.00 20.00 ? 247 HOH A O   1 
HETATM 1103 O O   . HOH C 3 .   ? 13.147  8.493   -7.219  1.00 21.61 ? 248 HOH A O   1 
HETATM 1104 O O   . HOH C 3 .   ? -14.054 -6.517  9.067   1.00 22.83 ? 249 HOH A O   1 
HETATM 1105 O O   . HOH C 3 .   ? -3.467  -5.200  -11.466 1.00 22.56 ? 250 HOH A O   1 
HETATM 1106 O O   . HOH C 3 .   ? -15.153 -15.112 -12.110 1.00 19.19 ? 251 HOH A O   1 
HETATM 1107 O O   . HOH C 3 .   ? 0.705   1.506   -7.716  1.00 23.86 ? 252 HOH A O   1 
HETATM 1108 O O   . HOH C 3 .   ? 0.435   9.443   -2.218  1.00 28.96 ? 253 HOH A O   1 
HETATM 1109 O O   . HOH C 3 .   ? 4.744   -11.873 1.311   1.00 15.53 ? 254 HOH A O   1 
HETATM 1110 O O   . HOH C 3 .   ? 14.681  -1.629  9.881   1.00 23.67 ? 255 HOH A O   1 
HETATM 1111 O O   . HOH C 3 .   ? -15.246 -3.271  6.650   1.00 19.10 ? 256 HOH A O   1 
HETATM 1112 O O   . HOH C 3 .   ? 16.881  -6.798  9.824   1.00 27.63 ? 257 HOH A O   1 
HETATM 1113 O O   . HOH C 3 .   ? 3.951   0.598   4.387   1.00 22.81 ? 258 HOH A O   1 
HETATM 1114 O O   . HOH C 3 .   ? -14.381 1.482   -3.128  1.00 22.86 ? 259 HOH A O   1 
HETATM 1115 O O   . HOH C 3 .   ? 3.173   4.109   7.255   1.00 19.90 ? 260 HOH A O   1 
HETATM 1116 O O   . HOH C 3 .   ? 9.305   5.588   7.072   1.00 22.01 ? 261 HOH A O   1 
HETATM 1117 O O   . HOH C 3 .   ? 8.160   2.148   9.662   1.00 29.20 ? 262 HOH A O   1 
HETATM 1118 O O   . HOH C 3 .   ? 20.421  11.985  -10.393 1.00 38.58 ? 263 HOH A O   1 
HETATM 1119 O O   . HOH C 3 .   ? -10.334 -6.167  -12.896 1.00 26.51 ? 264 HOH A O   1 
HETATM 1120 O O   . HOH C 3 .   ? 16.782  13.398  -9.185  1.00 26.58 ? 265 HOH A O   1 
HETATM 1121 O O   . HOH C 3 .   ? 5.855   1.009   -6.677  1.00 19.43 ? 266 HOH A O   1 
HETATM 1122 O O   . HOH C 3 .   ? 14.626  6.085   -6.663  1.00 27.05 ? 267 HOH A O   1 
HETATM 1123 O O   . HOH C 3 .   ? 4.910   3.506   -7.177  1.00 25.13 ? 268 HOH A O   1 
HETATM 1124 O O   . HOH C 3 .   ? 17.660  -4.284  -0.551  1.00 22.05 ? 269 HOH A O   1 
HETATM 1125 O O   . HOH C 3 .   ? -13.121 -19.530 -1.480  1.00 29.46 ? 270 HOH A O   1 
HETATM 1126 O O   . HOH C 3 .   ? 13.232  4.570   -5.102  1.00 25.32 ? 271 HOH A O   1 
HETATM 1127 O O   . HOH C 3 .   ? 0.933   6.294   -0.558  1.00 19.75 ? 272 HOH A O   1 
HETATM 1128 O O   . HOH C 3 .   ? -17.504 -8.489  -14.466 1.00 25.73 ? 273 HOH A O   1 
HETATM 1129 O O   . HOH C 3 .   ? -11.064 -5.340  8.584   1.00 24.79 ? 274 HOH A O   1 
HETATM 1130 O O   . HOH C 3 .   ? -4.586  -3.323  15.174  1.00 30.18 ? 275 HOH A O   1 
HETATM 1131 O O   . HOH C 3 .   ? 5.900   1.857   5.656   1.00 27.34 ? 276 HOH A O   1 
HETATM 1132 O O   . HOH C 3 .   ? -19.864 -1.427  -4.653  1.00 26.66 ? 277 HOH A O   1 
HETATM 1133 O O   . HOH C 3 .   ? -0.142  -11.518 10.583  1.00 27.16 ? 278 HOH A O   1 
HETATM 1134 O O   . HOH C 3 .   ? -4.494  -5.137  12.340  1.00 27.43 ? 279 HOH A O   1 
HETATM 1135 O O   . HOH C 3 .   ? 9.645   -7.224  -5.967  1.00 26.70 ? 280 HOH A O   1 
HETATM 1136 O O   . HOH C 3 .   ? -3.601  -1.618  -13.292 1.00 30.18 ? 281 HOH A O   1 
HETATM 1137 O O   . HOH C 3 .   ? 20.358  16.529  1.868   1.00 34.89 ? 282 HOH A O   1 
HETATM 1138 O O   . HOH C 3 .   ? -5.307  9.132   8.120   1.00 31.74 ? 283 HOH A O   1 
HETATM 1139 O O   . HOH C 3 .   ? -5.077  -13.791 -12.381 1.00 41.48 ? 284 HOH A O   1 
HETATM 1140 O O   . HOH C 3 .   ? 1.292   4.463   10.185  1.00 31.39 ? 285 HOH A O   1 
HETATM 1141 O O   . HOH C 3 .   ? 19.635  18.201  -5.103  1.00 29.74 ? 286 HOH A O   1 
HETATM 1142 O O   . HOH C 3 .   ? 2.685   12.353  -0.556  1.00 27.40 ? 287 HOH A O   1 
HETATM 1143 O O   . HOH C 3 .   ? 13.940  -6.503  -0.909  1.00 30.39 ? 288 HOH A O   1 
HETATM 1144 O O   . HOH C 3 .   ? 3.781   13.437  2.147   1.00 25.98 ? 289 HOH A O   1 
HETATM 1145 O O   . HOH C 3 .   ? 2.383   5.744   -4.897  1.00 30.55 ? 290 HOH A O   1 
HETATM 1146 O O   . HOH C 3 .   ? -3.210  7.072   13.732  1.00 34.38 ? 291 HOH A O   1 
HETATM 1147 O O   . HOH C 3 .   ? -4.166  -7.608  -12.114 1.00 26.50 ? 292 HOH A O   1 
HETATM 1148 O O   . HOH C 3 .   ? -17.148 -12.166 -8.177  1.00 31.41 ? 293 HOH A O   1 
HETATM 1149 O O   . HOH C 3 .   ? -15.341 -0.059  -5.868  1.00 31.07 ? 294 HOH A O   1 
HETATM 1150 O O   . HOH C 3 .   ? 1.477   -2.489  -7.833  1.00 24.19 ? 295 HOH A O   1 
HETATM 1151 O O   . HOH C 3 .   ? 3.891   -5.111  -7.995  1.00 33.70 ? 296 HOH A O   1 
HETATM 1152 O O   . HOH C 3 .   ? 19.797  -6.068  2.359   1.00 33.08 ? 297 HOH A O   1 
HETATM 1153 O O   . HOH C 3 .   ? -15.968 -3.940  -11.287 1.00 32.60 ? 298 HOH A O   1 
HETATM 1154 O O   . HOH C 3 .   ? 9.856   3.085   7.886   1.00 39.77 ? 299 HOH A O   1 
HETATM 1155 O O   . HOH C 3 .   ? 1.970   3.807   -7.141  1.00 29.10 ? 300 HOH A O   1 
HETATM 1156 O O   . HOH C 3 .   ? 1.181   6.636   7.588   1.00 42.56 ? 301 HOH A O   1 
HETATM 1157 O O   . HOH C 3 .   ? 5.268   7.653   -6.824  1.00 29.49 ? 302 HOH A O   1 
HETATM 1158 O O   . HOH C 3 .   ? 5.260   4.720   8.704   1.00 33.10 ? 303 HOH A O   1 
HETATM 1159 O O   . HOH C 3 .   ? 9.657   8.543   -8.806  1.00 34.72 ? 304 HOH A O   1 
HETATM 1160 O O   . HOH C 3 .   ? 14.089  9.072   -9.883  1.00 46.21 ? 305 HOH A O   1 
HETATM 1161 O O   . HOH C 3 .   ? 19.198  14.732  0.287   1.00 41.49 ? 306 HOH A O   1 
HETATM 1162 O O   . HOH C 3 .   ? -10.971 4.884   13.282  0.50 26.83 ? 307 HOH A O   1 
HETATM 1163 O O   . HOH C 3 .   ? -3.665  -13.845 2.846   1.00 29.69 ? 308 HOH A O   1 
HETATM 1164 O O   . HOH C 3 .   ? 4.072   -10.631 8.224   1.00 47.66 ? 309 HOH A O   1 
HETATM 1165 O O   . HOH C 3 .   ? -4.405  -5.582  -19.040 1.00 39.38 ? 310 HOH A O   1 
HETATM 1166 O O   . HOH C 3 .   ? 8.230   -5.362  10.621  1.00 30.43 ? 311 HOH A O   1 
HETATM 1167 O O   . HOH C 3 .   ? -5.330  3.681   12.835  1.00 25.13 ? 312 HOH A O   1 
HETATM 1168 O O   . HOH C 3 .   ? -19.193 1.444   3.098   1.00 33.93 ? 313 HOH A O   1 
HETATM 1169 O O   . HOH C 3 .   ? -21.604 -3.610  -6.008  1.00 46.49 ? 314 HOH A O   1 
HETATM 1170 O O   . HOH C 3 .   ? -13.454 -0.984  -12.938 1.00 32.39 ? 315 HOH A O   1 
HETATM 1171 O O   . HOH C 3 .   ? -17.625 -10.997 -18.344 1.00 46.86 ? 316 HOH A O   1 
HETATM 1172 O O   . HOH C 3 .   ? 7.106   6.633   8.156   1.00 31.43 ? 317 HOH A O   1 
HETATM 1173 O O   . HOH C 3 .   ? 15.309  -4.118  11.482  1.00 39.88 ? 318 HOH A O   1 
HETATM 1174 O O   . HOH C 3 .   ? 8.058   2.812   5.043   1.00 30.73 ? 319 HOH A O   1 
HETATM 1175 O O   . HOH C 3 .   ? 20.813  20.846  -4.567  1.00 29.57 ? 320 HOH A O   1 
HETATM 1176 O O   . HOH C 3 .   ? 13.901  15.569  -7.030  1.00 32.36 ? 321 HOH A O   1 
HETATM 1177 O O   . HOH C 3 .   ? 8.920   16.909  1.838   1.00 25.81 ? 322 HOH A O   1 
HETATM 1178 O O   . HOH C 3 .   ? 6.519   13.212  -2.807  1.00 32.01 ? 323 HOH A O   1 
HETATM 1179 O O   . HOH C 3 .   ? -2.208  -14.685 12.208  1.00 37.43 ? 324 HOH A O   1 
HETATM 1180 O O   . HOH C 3 .   ? 7.820   13.529  7.836   1.00 29.13 ? 325 HOH A O   1 
HETATM 1181 O O   . HOH C 3 .   ? 5.661   11.870  7.054   1.00 41.68 ? 326 HOH A O   1 
HETATM 1182 O O   . HOH C 3 .   ? 4.466   1.311   11.167  1.00 44.00 ? 327 HOH A O   1 
HETATM 1183 O O   . HOH C 3 .   ? 5.860   2.293   8.484   1.00 42.47 ? 328 HOH A O   1 
HETATM 1184 O O   . HOH C 3 .   ? 2.428   -1.687  3.358   1.00 36.43 ? 329 HOH A O   1 
HETATM 1185 O O   . HOH C 3 .   ? -6.468  -5.761  -20.825 1.00 49.51 ? 330 HOH A O   1 
HETATM 1186 O O   . HOH C 3 .   ? -19.334 0.955   5.718   1.00 39.26 ? 331 HOH A O   1 
HETATM 1187 O O   . HOH C 3 .   ? 18.436  7.995   4.165   1.00 32.07 ? 332 HOH A O   1 
HETATM 1188 O O   . HOH C 3 .   ? 2.679   -13.563 1.823   1.00 42.22 ? 333 HOH A O   1 
HETATM 1189 O O   . HOH C 3 .   ? 0.478   0.919   16.073  1.00 37.62 ? 334 HOH A O   1 
HETATM 1190 O O   . HOH C 3 .   ? 19.159  11.521  3.821   1.00 39.13 ? 335 HOH A O   1 
HETATM 1191 O O   . HOH C 3 .   ? 11.532  -7.857  0.348   1.00 42.40 ? 336 HOH A O   1 
HETATM 1192 O O   . HOH C 3 .   ? 10.604  -10.443 6.623   1.00 38.36 ? 337 HOH A O   1 
HETATM 1193 O O   . HOH C 3 .   ? 11.951  -0.006  13.425  1.00 44.67 ? 338 HOH A O   1 
HETATM 1194 O O   . HOH C 3 .   ? 3.551   -14.283 11.025  1.00 49.59 ? 339 HOH A O   1 
HETATM 1195 O O   . HOH C 3 .   ? -4.144  -16.785 6.807   1.00 34.62 ? 340 HOH A O   1 
HETATM 1196 O O   . HOH C 3 .   ? -6.284  -17.938 9.190   1.00 42.94 ? 341 HOH A O   1 
HETATM 1197 O O   . HOH C 3 .   ? -15.316 -7.793  -16.106 1.00 44.41 ? 342 HOH A O   1 
HETATM 1198 O O   . HOH C 3 .   ? -18.563 -5.752  -14.679 1.00 39.99 ? 343 HOH A O   1 
# 
